data_8OE3
# 
_entry.id   8OE3 
# 
_audit_conform.dict_name       mmcif_pdbx.dic 
_audit_conform.dict_version    5.388 
_audit_conform.dict_location   http://mmcif.pdb.org/dictionaries/ascii/mmcif_pdbx.dic 
# 
loop_
_database_2.database_id 
_database_2.database_code 
_database_2.pdbx_database_accession 
_database_2.pdbx_DOI 
PDB   8OE3         pdb_00008oe3 10.2210/pdb8oe3/pdb 
WWPDB D_1292129088 ?            ?                   
# 
_pdbx_audit_revision_history.ordinal             1 
_pdbx_audit_revision_history.data_content_type   'Structure model' 
_pdbx_audit_revision_history.major_revision      1 
_pdbx_audit_revision_history.minor_revision      0 
_pdbx_audit_revision_history.revision_date       2024-03-27 
# 
_pdbx_audit_revision_details.ordinal             1 
_pdbx_audit_revision_details.revision_ordinal    1 
_pdbx_audit_revision_details.data_content_type   'Structure model' 
_pdbx_audit_revision_details.provider            repository 
_pdbx_audit_revision_details.type                'Initial release' 
_pdbx_audit_revision_details.description         ? 
_pdbx_audit_revision_details.details             ? 
# 
_pdbx_database_status.status_code                     REL 
_pdbx_database_status.status_code_sf                  REL 
_pdbx_database_status.status_code_mr                  ? 
_pdbx_database_status.entry_id                        8OE3 
_pdbx_database_status.recvd_initial_deposition_date   2023-03-10 
_pdbx_database_status.SG_entry                        N 
_pdbx_database_status.deposit_site                    PDBE 
_pdbx_database_status.process_site                    PDBE 
_pdbx_database_status.status_code_cs                  ? 
_pdbx_database_status.status_code_nmr_data            ? 
_pdbx_database_status.methods_development_category    ? 
_pdbx_database_status.pdb_format_compatible           Y 
# 
loop_
_pdbx_database_related.db_name 
_pdbx_database_related.details 
_pdbx_database_related.db_id 
_pdbx_database_related.content_type 
PDB . 8BAE unspecified 
PDB . 8BAF unspecified 
PDB . 8BAG unspecified 
# 
_pdbx_contact_author.id                 2 
_pdbx_contact_author.email              james.hall@reading.ac.uk 
_pdbx_contact_author.name_first         James 
_pdbx_contact_author.name_last          Hall 
_pdbx_contact_author.name_mi            P. 
_pdbx_contact_author.role               'principal investigator/group leader' 
_pdbx_contact_author.identifier_ORCID   0000-0003-3716-4378 
# 
loop_
_audit_author.name 
_audit_author.pdbx_ordinal 
_audit_author.identifier_ORCID 
'Lambert, M.C.' 1 0000-0002-2860-8689 
'Hall, J.P.'    2 0000-0003-3716-4378 
# 
_citation.abstract                  ? 
_citation.abstract_id_CAS           ? 
_citation.book_id_ISBN              ? 
_citation.book_publisher            ? 
_citation.book_publisher_city       ? 
_citation.book_title                ? 
_citation.coordinate_linkage        ? 
_citation.country                   ? 
_citation.database_id_Medline       ? 
_citation.details                   ? 
_citation.id                        primary 
_citation.journal_abbrev            'To Be Published' 
_citation.journal_id_ASTM           ? 
_citation.journal_id_CSD            0353 
_citation.journal_id_ISSN           ? 
_citation.journal_full              ? 
_citation.journal_issue             ? 
_citation.journal_volume            ? 
_citation.language                  ? 
_citation.page_first                ? 
_citation.page_last                 ? 
_citation.title                     'Oxidative damage induce copper(II)-DNA binding' 
_citation.year                      ? 
_citation.database_id_CSD           ? 
_citation.pdbx_database_id_DOI      ? 
_citation.pdbx_database_id_PubMed   ? 
_citation.pdbx_database_id_patent   ? 
_citation.unpublished_flag          ? 
# 
loop_
_citation_author.citation_id 
_citation_author.name 
_citation_author.ordinal 
_citation_author.identifier_ORCID 
primary 'Lambert, M.C.' 1 0000-0002-2860-8689 
primary 'Brazier, J.A.' 2 0000-0003-3716-4378 
primary 'Cardin, C.J.'  3 0000-0002-2556-9995 
primary 'Hall, J.P.'    4 0000-0003-3716-4378 
# 
loop_
_entity.id 
_entity.type 
_entity.src_method 
_entity.pdbx_description 
_entity.formula_weight 
_entity.pdbx_number_of_molecules 
_entity.pdbx_ec 
_entity.pdbx_mutation 
_entity.pdbx_fragment 
_entity.details 
1 polymer     syn 
;DNA (5'-D(*GP*CP*AP*TP*GP*CP*T)-3')
;
2113.410 2  ? ? ? ? 
2 non-polymer syn 'COBALT HEXAMMINE(III)'               161.116  6  ? ? ? ? 
3 water       nat water                                 18.015   50 ? ? ? ? 
# 
_entity_poly.entity_id                      1 
_entity_poly.type                           polydeoxyribonucleotide 
_entity_poly.nstd_linkage                   no 
_entity_poly.nstd_monomer                   no 
_entity_poly.pdbx_seq_one_letter_code       '(DG)(DC)(DA)(DT)(DG)(DC)(DT)' 
_entity_poly.pdbx_seq_one_letter_code_can   GCATGCT 
_entity_poly.pdbx_strand_id                 A,B 
_entity_poly.pdbx_target_identifier         ? 
# 
loop_
_pdbx_entity_nonpoly.entity_id 
_pdbx_entity_nonpoly.name 
_pdbx_entity_nonpoly.comp_id 
2 'COBALT HEXAMMINE(III)' NCO 
3 water                   HOH 
# 
loop_
_entity_poly_seq.entity_id 
_entity_poly_seq.num 
_entity_poly_seq.mon_id 
_entity_poly_seq.hetero 
1 1 DG n 
1 2 DC n 
1 3 DA n 
1 4 DT n 
1 5 DG n 
1 6 DC n 
1 7 DT n 
# 
_pdbx_entity_src_syn.entity_id              1 
_pdbx_entity_src_syn.pdbx_src_id            1 
_pdbx_entity_src_syn.pdbx_alt_source_flag   sample 
_pdbx_entity_src_syn.pdbx_beg_seq_num       1 
_pdbx_entity_src_syn.pdbx_end_seq_num       7 
_pdbx_entity_src_syn.organism_scientific    'synthetic construct' 
_pdbx_entity_src_syn.organism_common_name   ? 
_pdbx_entity_src_syn.ncbi_taxonomy_id       32630 
_pdbx_entity_src_syn.details                ? 
# 
loop_
_chem_comp.id 
_chem_comp.type 
_chem_comp.mon_nstd_flag 
_chem_comp.name 
_chem_comp.pdbx_synonyms 
_chem_comp.formula 
_chem_comp.formula_weight 
DA  'DNA linking' y "2'-DEOXYADENOSINE-5'-MONOPHOSPHATE" ? 'C10 H14 N5 O6 P' 331.222 
DC  'DNA linking' y "2'-DEOXYCYTIDINE-5'-MONOPHOSPHATE"  ? 'C9 H14 N3 O7 P'  307.197 
DG  'DNA linking' y "2'-DEOXYGUANOSINE-5'-MONOPHOSPHATE" ? 'C10 H14 N5 O7 P' 347.221 
DT  'DNA linking' y "THYMIDINE-5'-MONOPHOSPHATE"         ? 'C10 H15 N2 O8 P' 322.208 
HOH non-polymer   . WATER                                ? 'H2 O'            18.015  
NCO non-polymer   . 'COBALT HEXAMMINE(III)'              ? 'Co H18 N6 3'     161.116 
# 
loop_
_pdbx_poly_seq_scheme.asym_id 
_pdbx_poly_seq_scheme.entity_id 
_pdbx_poly_seq_scheme.seq_id 
_pdbx_poly_seq_scheme.mon_id 
_pdbx_poly_seq_scheme.ndb_seq_num 
_pdbx_poly_seq_scheme.pdb_seq_num 
_pdbx_poly_seq_scheme.auth_seq_num 
_pdbx_poly_seq_scheme.pdb_mon_id 
_pdbx_poly_seq_scheme.auth_mon_id 
_pdbx_poly_seq_scheme.pdb_strand_id 
_pdbx_poly_seq_scheme.pdb_ins_code 
_pdbx_poly_seq_scheme.hetero 
A 1 1 DG 1 1 1 DG DG A . n 
A 1 2 DC 2 2 2 DC DC A . n 
A 1 3 DA 3 3 3 DA DA A . n 
A 1 4 DT 4 4 4 DT DT A . n 
A 1 5 DG 5 5 5 DG DG A . n 
A 1 6 DC 6 6 6 DC DC A . n 
A 1 7 DT 7 7 7 DT DT A . n 
B 1 1 DG 1 1 1 DG DG B . n 
B 1 2 DC 2 2 2 DC DC B . n 
B 1 3 DA 3 3 3 DA DA B . n 
B 1 4 DT 4 4 4 DT DT B . n 
B 1 5 DG 5 5 5 DG DG B . n 
B 1 6 DC 6 6 6 DC DC B . n 
B 1 7 DT 7 7 7 DT DT B . n 
# 
loop_
_pdbx_nonpoly_scheme.asym_id 
_pdbx_nonpoly_scheme.entity_id 
_pdbx_nonpoly_scheme.mon_id 
_pdbx_nonpoly_scheme.ndb_seq_num 
_pdbx_nonpoly_scheme.pdb_seq_num 
_pdbx_nonpoly_scheme.auth_seq_num 
_pdbx_nonpoly_scheme.pdb_mon_id 
_pdbx_nonpoly_scheme.auth_mon_id 
_pdbx_nonpoly_scheme.pdb_strand_id 
_pdbx_nonpoly_scheme.pdb_ins_code 
C 2 NCO 1  101 101 NCO NCO A . 
D 2 NCO 1  102 103 NCO NCO A . 
E 2 NCO 1  103 104 NCO NCO A . 
F 2 NCO 1  104 105 NCO NCO A . 
G 2 NCO 1  105 107 NCO NCO A . 
H 2 NCO 1  101 108 NCO NCO B . 
I 3 HOH 1  201 65  HOH HOH A . 
I 3 HOH 2  202 52  HOH HOH A . 
I 3 HOH 3  203 56  HOH HOH A . 
I 3 HOH 4  204 62  HOH HOH A . 
I 3 HOH 5  205 25  HOH HOH A . 
I 3 HOH 6  206 30  HOH HOH A . 
I 3 HOH 7  207 1   HOH HOH A . 
I 3 HOH 8  208 3   HOH HOH A . 
I 3 HOH 9  209 59  HOH HOH A . 
I 3 HOH 10 210 60  HOH HOH A . 
I 3 HOH 11 211 2   HOH HOH A . 
I 3 HOH 12 212 20  HOH HOH A . 
I 3 HOH 13 213 51  HOH HOH A . 
I 3 HOH 14 214 5   HOH HOH A . 
I 3 HOH 15 215 13  HOH HOH A . 
I 3 HOH 16 216 17  HOH HOH A . 
I 3 HOH 17 217 14  HOH HOH A . 
I 3 HOH 18 218 39  HOH HOH A . 
I 3 HOH 19 219 12  HOH HOH A . 
I 3 HOH 20 220 32  HOH HOH A . 
I 3 HOH 21 221 50  HOH HOH A . 
I 3 HOH 22 222 64  HOH HOH A . 
J 3 HOH 1  201 40  HOH HOH B . 
J 3 HOH 2  202 55  HOH HOH B . 
J 3 HOH 3  203 22  HOH HOH B . 
J 3 HOH 4  204 26  HOH HOH B . 
J 3 HOH 5  205 16  HOH HOH B . 
J 3 HOH 6  206 31  HOH HOH B . 
J 3 HOH 7  207 10  HOH HOH B . 
J 3 HOH 8  208 34  HOH HOH B . 
J 3 HOH 9  209 21  HOH HOH B . 
J 3 HOH 10 210 4   HOH HOH B . 
J 3 HOH 11 211 38  HOH HOH B . 
J 3 HOH 12 212 9   HOH HOH B . 
J 3 HOH 13 213 28  HOH HOH B . 
J 3 HOH 14 214 18  HOH HOH B . 
J 3 HOH 15 215 24  HOH HOH B . 
J 3 HOH 16 216 15  HOH HOH B . 
J 3 HOH 17 217 8   HOH HOH B . 
J 3 HOH 18 218 11  HOH HOH B . 
J 3 HOH 19 219 7   HOH HOH B . 
J 3 HOH 20 220 6   HOH HOH B . 
J 3 HOH 21 221 37  HOH HOH B . 
J 3 HOH 22 222 29  HOH HOH B . 
J 3 HOH 23 223 48  HOH HOH B . 
J 3 HOH 24 224 19  HOH HOH B . 
J 3 HOH 25 225 46  HOH HOH B . 
J 3 HOH 26 226 35  HOH HOH B . 
J 3 HOH 27 227 23  HOH HOH B . 
J 3 HOH 28 228 57  HOH HOH B . 
# 
loop_
_software.citation_id 
_software.classification 
_software.compiler_name 
_software.compiler_version 
_software.contact_author 
_software.contact_author_email 
_software.date 
_software.description 
_software.dependencies 
_software.hardware 
_software.language 
_software.location 
_software.mods 
_software.name 
_software.os 
_software.os_version 
_software.type 
_software.version 
_software.pdbx_ordinal 
? 'data collection' ? ? ? ? ? ? ? ? ? ? ? GDA    ? ? ? .           1 
? 'data reduction'  ? ? ? ? ? ? ? ? ? ? ? xia2   ? ? ? .           2 
? 'data scaling'    ? ? ? ? ? ? ? ? ? ? ? DIALS  ? ? ? .           3 
? phasing           ? ? ? ? ? ? ? ? ? ? ? PHENIX ? ? ? .           4 
? refinement        ? ? ? ? ? ? ? ? ? ? ? PHENIX ? ? ? 1.20.1_4487 5 
? 'model building'  ? ? ? ? ? ? ? ? ? ? ? Coot   ? ? ? .           6 
# 
_cell.angle_alpha                  90.000 
_cell.angle_alpha_esd              ? 
_cell.angle_beta                   90.000 
_cell.angle_beta_esd               ? 
_cell.angle_gamma                  90.000 
_cell.angle_gamma_esd              ? 
_cell.entry_id                     8OE3 
_cell.details                      ? 
_cell.formula_units_Z              ? 
_cell.length_a                     22.157 
_cell.length_a_esd                 ? 
_cell.length_b                     59.156 
_cell.length_b_esd                 ? 
_cell.length_c                     45.666 
_cell.length_c_esd                 ? 
_cell.volume                       59855.316 
_cell.volume_esd                   ? 
_cell.Z_PDB                        16 
_cell.reciprocal_angle_alpha       ? 
_cell.reciprocal_angle_beta        ? 
_cell.reciprocal_angle_gamma       ? 
_cell.reciprocal_angle_alpha_esd   ? 
_cell.reciprocal_angle_beta_esd    ? 
_cell.reciprocal_angle_gamma_esd   ? 
_cell.reciprocal_length_a          ? 
_cell.reciprocal_length_b          ? 
_cell.reciprocal_length_c          ? 
_cell.reciprocal_length_a_esd      ? 
_cell.reciprocal_length_b_esd      ? 
_cell.reciprocal_length_c_esd      ? 
_cell.pdbx_unique_axis             ? 
_cell.pdbx_esd_method              ? 
# 
_symmetry.entry_id                         8OE3 
_symmetry.cell_setting                     ? 
_symmetry.Int_Tables_number                20 
_symmetry.space_group_name_Hall            'C 2c 2' 
_symmetry.space_group_name_H-M             'C 2 2 21' 
_symmetry.pdbx_full_space_group_name_H-M   ? 
# 
_exptl.absorpt_coefficient_mu     ? 
_exptl.absorpt_correction_T_max   ? 
_exptl.absorpt_correction_T_min   ? 
_exptl.absorpt_correction_type    ? 
_exptl.absorpt_process_details    ? 
_exptl.entry_id                   8OE3 
_exptl.crystals_number            1 
_exptl.details                    ? 
_exptl.method                     'X-RAY DIFFRACTION' 
_exptl.method_details             ? 
# 
_exptl_crystal.colour                       ? 
_exptl_crystal.density_diffrn               ? 
_exptl_crystal.density_Matthews             1.77 
_exptl_crystal.density_method               ? 
_exptl_crystal.density_percent_sol          30.51 
_exptl_crystal.description                  ? 
_exptl_crystal.F_000                        ? 
_exptl_crystal.id                           1 
_exptl_crystal.preparation                  ? 
_exptl_crystal.size_max                     ? 
_exptl_crystal.size_mid                     ? 
_exptl_crystal.size_min                     ? 
_exptl_crystal.size_rad                     ? 
_exptl_crystal.colour_lustre                ? 
_exptl_crystal.colour_modifier              ? 
_exptl_crystal.colour_primary               ? 
_exptl_crystal.density_meas                 ? 
_exptl_crystal.density_meas_esd             ? 
_exptl_crystal.density_meas_gt              ? 
_exptl_crystal.density_meas_lt              ? 
_exptl_crystal.density_meas_temp            ? 
_exptl_crystal.density_meas_temp_esd        ? 
_exptl_crystal.density_meas_temp_gt         ? 
_exptl_crystal.density_meas_temp_lt         ? 
_exptl_crystal.pdbx_crystal_image_url       ? 
_exptl_crystal.pdbx_crystal_image_format    ? 
_exptl_crystal.pdbx_mosaicity               ? 
_exptl_crystal.pdbx_mosaicity_esd           ? 
_exptl_crystal.pdbx_mosaic_method           ? 
_exptl_crystal.pdbx_mosaic_block_size       ? 
_exptl_crystal.pdbx_mosaic_block_size_esd   ? 
# 
_exptl_crystal_grow.apparatus       ? 
_exptl_crystal_grow.atmosphere      ? 
_exptl_crystal_grow.crystal_id      1 
_exptl_crystal_grow.details         ? 
_exptl_crystal_grow.method          'VAPOR DIFFUSION, SITTING DROP' 
_exptl_crystal_grow.method_ref      ? 
_exptl_crystal_grow.pH              5.7 
_exptl_crystal_grow.pressure        ? 
_exptl_crystal_grow.pressure_esd    ? 
_exptl_crystal_grow.seeding         ? 
_exptl_crystal_grow.seeding_ref     ? 
_exptl_crystal_grow.temp_details    ? 
_exptl_crystal_grow.temp_esd        ? 
_exptl_crystal_grow.time            ? 
_exptl_crystal_grow.pdbx_details    
;2 ul 40 mM sodium cacodylate, 1 ul 80 mM hexammine (III) cobalt, 1 ul 10% MPD, 2 ul 800 mM potassium chloride, ul 30 mM sodium chloride, 2 ul 1 mM DNA
;
_exptl_crystal_grow.pdbx_pH_range   ? 
_exptl_crystal_grow.temp            291 
# 
_diffrn.ambient_environment              ? 
_diffrn.ambient_temp                     100 
_diffrn.ambient_temp_details             ? 
_diffrn.ambient_temp_esd                 ? 
_diffrn.crystal_id                       1 
_diffrn.crystal_support                  ? 
_diffrn.crystal_treatment                ? 
_diffrn.details                          ? 
_diffrn.id                               1 
_diffrn.ambient_pressure                 ? 
_diffrn.ambient_pressure_esd             ? 
_diffrn.ambient_pressure_gt              ? 
_diffrn.ambient_pressure_lt              ? 
_diffrn.ambient_temp_gt                  ? 
_diffrn.ambient_temp_lt                  ? 
_diffrn.pdbx_serial_crystal_experiment   N 
# 
_diffrn_detector.details                      ? 
_diffrn_detector.detector                     PIXEL 
_diffrn_detector.diffrn_id                    1 
_diffrn_detector.type                         'DECTRIS EIGER2 XE 16M' 
_diffrn_detector.area_resol_mean              ? 
_diffrn_detector.dtime                        ? 
_diffrn_detector.pdbx_frames_total            ? 
_diffrn_detector.pdbx_collection_time_total   ? 
_diffrn_detector.pdbx_collection_date         2019-05-22 
_diffrn_detector.pdbx_frequency               ? 
_diffrn_detector.id                           ? 
_diffrn_detector.number_of_axes               ? 
# 
_diffrn_radiation.collimation                      ? 
_diffrn_radiation.diffrn_id                        1 
_diffrn_radiation.filter_edge                      ? 
_diffrn_radiation.inhomogeneity                    ? 
_diffrn_radiation.monochromator                    ? 
_diffrn_radiation.polarisn_norm                    ? 
_diffrn_radiation.polarisn_ratio                   ? 
_diffrn_radiation.probe                            ? 
_diffrn_radiation.type                             ? 
_diffrn_radiation.xray_symbol                      ? 
_diffrn_radiation.wavelength_id                    1 
_diffrn_radiation.pdbx_monochromatic_or_laue_m_l   M 
_diffrn_radiation.pdbx_wavelength_list             ? 
_diffrn_radiation.pdbx_wavelength                  ? 
_diffrn_radiation.pdbx_diffrn_protocol             'SINGLE WAVELENGTH' 
_diffrn_radiation.pdbx_analyzer                    ? 
_diffrn_radiation.pdbx_scattering_type             x-ray 
# 
_diffrn_radiation_wavelength.id           1 
_diffrn_radiation_wavelength.wavelength   0.8266 
_diffrn_radiation_wavelength.wt           1.0 
# 
_diffrn_source.current                     ? 
_diffrn_source.details                     ? 
_diffrn_source.diffrn_id                   1 
_diffrn_source.power                       ? 
_diffrn_source.size                        ? 
_diffrn_source.source                      SYNCHROTRON 
_diffrn_source.target                      ? 
_diffrn_source.type                        'DIAMOND BEAMLINE I03' 
_diffrn_source.voltage                     ? 
_diffrn_source.take-off_angle              ? 
_diffrn_source.pdbx_wavelength_list        0.8266 
_diffrn_source.pdbx_wavelength             ? 
_diffrn_source.pdbx_synchrotron_beamline   I03 
_diffrn_source.pdbx_synchrotron_site       Diamond 
# 
_reflns.B_iso_Wilson_estimate                          9.25 
_reflns.entry_id                                       8OE3 
_reflns.data_reduction_details                         ? 
_reflns.data_reduction_method                          ? 
_reflns.d_resolution_high                              1.08 
_reflns.d_resolution_low                               24.83 
_reflns.details                                        ? 
_reflns.limit_h_max                                    ? 
_reflns.limit_h_min                                    ? 
_reflns.limit_k_max                                    ? 
_reflns.limit_k_min                                    ? 
_reflns.limit_l_max                                    ? 
_reflns.limit_l_min                                    ? 
_reflns.number_all                                     ? 
_reflns.number_obs                                     13221 
_reflns.observed_criterion                             ? 
_reflns.observed_criterion_F_max                       ? 
_reflns.observed_criterion_F_min                       ? 
_reflns.observed_criterion_I_max                       ? 
_reflns.observed_criterion_I_min                       ? 
_reflns.observed_criterion_sigma_F                     ? 
_reflns.observed_criterion_sigma_I                     ? 
_reflns.percent_possible_obs                           99.6 
_reflns.R_free_details                                 ? 
_reflns.Rmerge_F_all                                   ? 
_reflns.Rmerge_F_obs                                   ? 
_reflns.Friedel_coverage                               ? 
_reflns.number_gt                                      ? 
_reflns.threshold_expression                           ? 
_reflns.pdbx_redundancy                                6.0 
_reflns.pdbx_netI_over_av_sigmaI                       ? 
_reflns.pdbx_netI_over_sigmaI                          14.0 
_reflns.pdbx_res_netI_over_av_sigmaI_2                 ? 
_reflns.pdbx_res_netI_over_sigmaI_2                    ? 
_reflns.pdbx_chi_squared                               ? 
_reflns.pdbx_scaling_rejects                           ? 
_reflns.pdbx_d_res_high_opt                            ? 
_reflns.pdbx_d_res_low_opt                             ? 
_reflns.pdbx_d_res_opt_method                          ? 
_reflns.phase_calculation_details                      ? 
_reflns.pdbx_Rrim_I_all                                ? 
_reflns.pdbx_Rpim_I_all                                ? 
_reflns.pdbx_d_opt                                     ? 
_reflns.pdbx_number_measured_all                       ? 
_reflns.pdbx_diffrn_id                                 1 
_reflns.pdbx_ordinal                                   1 
_reflns.pdbx_CC_half                                   0.998 
_reflns.pdbx_CC_star                                   ? 
_reflns.pdbx_R_split                                   ? 
_reflns.pdbx_Rmerge_I_obs                              ? 
_reflns.pdbx_Rmerge_I_all                              ? 
_reflns.pdbx_Rsym_value                                ? 
_reflns.pdbx_CC_split_method                           ? 
_reflns.pdbx_aniso_diffraction_limit_axis_1_ortho[1]   ? 
_reflns.pdbx_aniso_diffraction_limit_axis_1_ortho[2]   ? 
_reflns.pdbx_aniso_diffraction_limit_axis_1_ortho[3]   ? 
_reflns.pdbx_aniso_diffraction_limit_axis_2_ortho[1]   ? 
_reflns.pdbx_aniso_diffraction_limit_axis_2_ortho[2]   ? 
_reflns.pdbx_aniso_diffraction_limit_axis_2_ortho[3]   ? 
_reflns.pdbx_aniso_diffraction_limit_axis_3_ortho[1]   ? 
_reflns.pdbx_aniso_diffraction_limit_axis_3_ortho[2]   ? 
_reflns.pdbx_aniso_diffraction_limit_axis_3_ortho[3]   ? 
_reflns.pdbx_aniso_diffraction_limit_1                 ? 
_reflns.pdbx_aniso_diffraction_limit_2                 ? 
_reflns.pdbx_aniso_diffraction_limit_3                 ? 
_reflns.pdbx_aniso_B_tensor_eigenvector_1_ortho[1]     ? 
_reflns.pdbx_aniso_B_tensor_eigenvector_1_ortho[2]     ? 
_reflns.pdbx_aniso_B_tensor_eigenvector_1_ortho[3]     ? 
_reflns.pdbx_aniso_B_tensor_eigenvector_2_ortho[1]     ? 
_reflns.pdbx_aniso_B_tensor_eigenvector_2_ortho[2]     ? 
_reflns.pdbx_aniso_B_tensor_eigenvector_2_ortho[3]     ? 
_reflns.pdbx_aniso_B_tensor_eigenvector_3_ortho[1]     ? 
_reflns.pdbx_aniso_B_tensor_eigenvector_3_ortho[2]     ? 
_reflns.pdbx_aniso_B_tensor_eigenvector_3_ortho[3]     ? 
_reflns.pdbx_aniso_B_tensor_eigenvalue_1               ? 
_reflns.pdbx_aniso_B_tensor_eigenvalue_2               ? 
_reflns.pdbx_aniso_B_tensor_eigenvalue_3               ? 
_reflns.pdbx_orthogonalization_convention              ? 
_reflns.pdbx_percent_possible_ellipsoidal              ? 
_reflns.pdbx_percent_possible_spherical                ? 
_reflns.pdbx_percent_possible_ellipsoidal_anomalous    ? 
_reflns.pdbx_percent_possible_spherical_anomalous      ? 
_reflns.pdbx_redundancy_anomalous                      ? 
_reflns.pdbx_CC_half_anomalous                         ? 
_reflns.pdbx_absDiff_over_sigma_anomalous              ? 
_reflns.pdbx_percent_possible_anomalous                ? 
_reflns.pdbx_observed_signal_threshold                 ? 
_reflns.pdbx_signal_type                               ? 
_reflns.pdbx_signal_details                            ? 
_reflns.pdbx_signal_software_id                        ? 
# 
_reflns_shell.d_res_high                                    1.08 
_reflns_shell.d_res_low                                     1.10 
_reflns_shell.meanI_over_sigI_all                           ? 
_reflns_shell.meanI_over_sigI_obs                           ? 
_reflns_shell.number_measured_all                           ? 
_reflns_shell.number_measured_obs                           ? 
_reflns_shell.number_possible                               ? 
_reflns_shell.number_unique_all                             ? 
_reflns_shell.number_unique_obs                             608 
_reflns_shell.percent_possible_obs                          ? 
_reflns_shell.Rmerge_F_all                                  ? 
_reflns_shell.Rmerge_F_obs                                  ? 
_reflns_shell.meanI_over_sigI_gt                            ? 
_reflns_shell.meanI_over_uI_all                             ? 
_reflns_shell.meanI_over_uI_gt                              ? 
_reflns_shell.number_measured_gt                            ? 
_reflns_shell.number_unique_gt                              ? 
_reflns_shell.percent_possible_gt                           ? 
_reflns_shell.Rmerge_F_gt                                   ? 
_reflns_shell.Rmerge_I_gt                                   ? 
_reflns_shell.pdbx_redundancy                               ? 
_reflns_shell.pdbx_chi_squared                              ? 
_reflns_shell.pdbx_netI_over_sigmaI_all                     ? 
_reflns_shell.pdbx_netI_over_sigmaI_obs                     ? 
_reflns_shell.pdbx_Rrim_I_all                               ? 
_reflns_shell.pdbx_Rpim_I_all                               ? 
_reflns_shell.pdbx_rejects                                  ? 
_reflns_shell.pdbx_ordinal                                  1 
_reflns_shell.pdbx_diffrn_id                                1 
_reflns_shell.pdbx_CC_half                                  0.893 
_reflns_shell.pdbx_CC_star                                  ? 
_reflns_shell.pdbx_R_split                                  ? 
_reflns_shell.percent_possible_all                          ? 
_reflns_shell.Rmerge_I_all                                  ? 
_reflns_shell.Rmerge_I_obs                                  ? 
_reflns_shell.pdbx_Rsym_value                               ? 
_reflns_shell.pdbx_percent_possible_ellipsoidal             ? 
_reflns_shell.pdbx_percent_possible_spherical               ? 
_reflns_shell.pdbx_percent_possible_ellipsoidal_anomalous   ? 
_reflns_shell.pdbx_percent_possible_spherical_anomalous     ? 
_reflns_shell.pdbx_redundancy_anomalous                     ? 
_reflns_shell.pdbx_CC_half_anomalous                        ? 
_reflns_shell.pdbx_absDiff_over_sigma_anomalous             ? 
_reflns_shell.pdbx_percent_possible_anomalous               ? 
# 
_refine.aniso_B[1][1]                            ? 
_refine.aniso_B[1][2]                            ? 
_refine.aniso_B[1][3]                            ? 
_refine.aniso_B[2][2]                            ? 
_refine.aniso_B[2][3]                            ? 
_refine.aniso_B[3][3]                            ? 
_refine.B_iso_max                                ? 
_refine.B_iso_mean                               19.46 
_refine.B_iso_min                                ? 
_refine.correlation_coeff_Fo_to_Fc               ? 
_refine.correlation_coeff_Fo_to_Fc_free          ? 
_refine.details                                  ? 
_refine.diff_density_max                         ? 
_refine.diff_density_max_esd                     ? 
_refine.diff_density_min                         ? 
_refine.diff_density_min_esd                     ? 
_refine.diff_density_rms                         ? 
_refine.diff_density_rms_esd                     ? 
_refine.entry_id                                 8OE3 
_refine.pdbx_refine_id                           'X-RAY DIFFRACTION' 
_refine.ls_abs_structure_details                 ? 
_refine.ls_abs_structure_Flack                   ? 
_refine.ls_abs_structure_Flack_esd               ? 
_refine.ls_abs_structure_Rogers                  ? 
_refine.ls_abs_structure_Rogers_esd              ? 
_refine.ls_d_res_high                            1.08 
_refine.ls_d_res_low                             24.83 
_refine.ls_extinction_coef                       ? 
_refine.ls_extinction_coef_esd                   ? 
_refine.ls_extinction_expression                 ? 
_refine.ls_extinction_method                     ? 
_refine.ls_goodness_of_fit_all                   ? 
_refine.ls_goodness_of_fit_all_esd               ? 
_refine.ls_goodness_of_fit_obs                   ? 
_refine.ls_goodness_of_fit_obs_esd               ? 
_refine.ls_hydrogen_treatment                    ? 
_refine.ls_matrix_type                           ? 
_refine.ls_number_constraints                    ? 
_refine.ls_number_parameters                     ? 
_refine.ls_number_reflns_all                     ? 
_refine.ls_number_reflns_obs                     13176 
_refine.ls_number_reflns_R_free                  1169 
_refine.ls_number_reflns_R_work                  23455 
_refine.ls_number_restraints                     ? 
_refine.ls_percent_reflns_obs                    98.96 
_refine.ls_percent_reflns_R_free                 4.75 
_refine.ls_R_factor_all                          ? 
_refine.ls_R_factor_obs                          0.1649 
_refine.ls_R_factor_R_free                       0.1850 
_refine.ls_R_factor_R_free_error                 ? 
_refine.ls_R_factor_R_free_error_details         ? 
_refine.ls_R_factor_R_work                       0.1638 
_refine.ls_R_Fsqd_factor_obs                     ? 
_refine.ls_R_I_factor_obs                        ? 
_refine.ls_redundancy_reflns_all                 ? 
_refine.ls_redundancy_reflns_obs                 ? 
_refine.ls_restrained_S_all                      ? 
_refine.ls_restrained_S_obs                      ? 
_refine.ls_shift_over_esd_max                    ? 
_refine.ls_shift_over_esd_mean                   ? 
_refine.ls_structure_factor_coef                 ? 
_refine.ls_weighting_details                     ? 
_refine.ls_weighting_scheme                      ? 
_refine.ls_wR_factor_all                         ? 
_refine.ls_wR_factor_obs                         ? 
_refine.ls_wR_factor_R_free                      ? 
_refine.ls_wR_factor_R_work                      ? 
_refine.occupancy_max                            ? 
_refine.occupancy_min                            ? 
_refine.solvent_model_details                    'FLAT BULK SOLVENT MODEL' 
_refine.solvent_model_param_bsol                 ? 
_refine.solvent_model_param_ksol                 ? 
_refine.pdbx_R_complete                          ? 
_refine.ls_R_factor_gt                           ? 
_refine.ls_goodness_of_fit_gt                    ? 
_refine.ls_goodness_of_fit_ref                   ? 
_refine.ls_shift_over_su_max                     ? 
_refine.ls_shift_over_su_max_lt                  ? 
_refine.ls_shift_over_su_mean                    ? 
_refine.ls_shift_over_su_mean_lt                 ? 
_refine.pdbx_ls_sigma_I                          ? 
_refine.pdbx_ls_sigma_F                          1.41 
_refine.pdbx_ls_sigma_Fsqd                       ? 
_refine.pdbx_data_cutoff_high_absF               ? 
_refine.pdbx_data_cutoff_high_rms_absF           ? 
_refine.pdbx_data_cutoff_low_absF                ? 
_refine.pdbx_isotropic_thermal_model             ? 
_refine.pdbx_ls_cross_valid_method               'FREE R-VALUE' 
_refine.pdbx_method_to_determine_struct          'MOLECULAR REPLACEMENT' 
_refine.pdbx_starting_model                      ? 
_refine.pdbx_stereochemistry_target_values       'GeoStd + Monomer Library + CDL v1.2' 
_refine.pdbx_R_Free_selection_details            ? 
_refine.pdbx_stereochem_target_val_spec_case     ? 
_refine.pdbx_overall_ESU_R                       ? 
_refine.pdbx_overall_ESU_R_Free                  ? 
_refine.pdbx_solvent_vdw_probe_radii             1.1000 
_refine.pdbx_solvent_ion_probe_radii             ? 
_refine.pdbx_solvent_shrinkage_radii             0.9000 
_refine.pdbx_real_space_R                        ? 
_refine.pdbx_density_correlation                 ? 
_refine.pdbx_pd_number_of_powder_patterns        ? 
_refine.pdbx_pd_number_of_points                 ? 
_refine.pdbx_pd_meas_number_of_points            ? 
_refine.pdbx_pd_proc_ls_prof_R_factor            ? 
_refine.pdbx_pd_proc_ls_prof_wR_factor           ? 
_refine.pdbx_pd_Marquardt_correlation_coeff      ? 
_refine.pdbx_pd_Fsqrd_R_factor                   ? 
_refine.pdbx_pd_ls_matrix_band_width             ? 
_refine.pdbx_overall_phase_error                 25.1739 
_refine.pdbx_overall_SU_R_free_Cruickshank_DPI   ? 
_refine.pdbx_overall_SU_R_free_Blow_DPI          ? 
_refine.pdbx_overall_SU_R_Blow_DPI               ? 
_refine.pdbx_TLS_residual_ADP_flag               ? 
_refine.pdbx_diffrn_id                           1 
_refine.overall_SU_B                             ? 
_refine.overall_SU_ML                            0.1127 
_refine.overall_SU_R_Cruickshank_DPI             ? 
_refine.overall_SU_R_free                        ? 
_refine.overall_FOM_free_R_set                   ? 
_refine.overall_FOM_work_R_set                   ? 
_refine.pdbx_average_fsc_overall                 ? 
_refine.pdbx_average_fsc_work                    ? 
_refine.pdbx_average_fsc_free                    ? 
# 
_refine_hist.pdbx_refine_id                   'X-RAY DIFFRACTION' 
_refine_hist.cycle_id                         LAST 
_refine_hist.details                          ? 
_refine_hist.d_res_high                       1.08 
_refine_hist.d_res_low                        24.83 
_refine_hist.number_atoms_solvent             50 
_refine_hist.number_atoms_total               372 
_refine_hist.number_reflns_all                ? 
_refine_hist.number_reflns_obs                ? 
_refine_hist.number_reflns_R_free             ? 
_refine_hist.number_reflns_R_work             ? 
_refine_hist.R_factor_all                     ? 
_refine_hist.R_factor_obs                     ? 
_refine_hist.R_factor_R_free                  ? 
_refine_hist.R_factor_R_work                  ? 
_refine_hist.pdbx_number_residues_total       ? 
_refine_hist.pdbx_B_iso_mean_ligand           ? 
_refine_hist.pdbx_B_iso_mean_solvent          ? 
_refine_hist.pdbx_number_atoms_protein        0 
_refine_hist.pdbx_number_atoms_nucleic_acid   280 
_refine_hist.pdbx_number_atoms_ligand         42 
_refine_hist.pdbx_number_atoms_lipid          ? 
_refine_hist.pdbx_number_atoms_carb           ? 
_refine_hist.pdbx_pseudo_atom_details         ? 
# 
loop_
_refine_ls_restr.pdbx_refine_id 
_refine_ls_restr.criterion 
_refine_ls_restr.dev_ideal 
_refine_ls_restr.dev_ideal_target 
_refine_ls_restr.number 
_refine_ls_restr.rejects 
_refine_ls_restr.type 
_refine_ls_restr.weight 
_refine_ls_restr.pdbx_restraint_function 
'X-RAY DIFFRACTION' ? 0.0130  ? 413 ? f_bond_d           ? ? 
'X-RAY DIFFRACTION' ? 1.7074  ? 669 ? f_angle_d          ? ? 
'X-RAY DIFFRACTION' ? 0.1317  ? 65  ? f_chiral_restr     ? ? 
'X-RAY DIFFRACTION' ? 0.0175  ? 17  ? f_plane_restr      ? ? 
'X-RAY DIFFRACTION' ? 31.9165 ? 161 ? f_dihedral_angle_d ? ? 
# 
_refine_ls_restr_ncs.pdbx_refine_id      'X-RAY DIFFRACTION' 
_refine_ls_restr_ncs.dom_id              d_2 
_refine_ls_restr_ncs.ncs_model_details   ? 
_refine_ls_restr_ncs.rms_dev_B_iso       ? 
_refine_ls_restr_ncs.rms_dev_position    0.506814801215 
_refine_ls_restr_ncs.weight_B_iso        ? 
_refine_ls_restr_ncs.weight_position     ? 
_refine_ls_restr_ncs.pdbx_ordinal        1 
_refine_ls_restr_ncs.pdbx_type           'Torsion NCS' 
_refine_ls_restr_ncs.pdbx_asym_id        ? 
_refine_ls_restr_ncs.pdbx_auth_asym_id   A 
_refine_ls_restr_ncs.pdbx_number         ? 
_refine_ls_restr_ncs.pdbx_rms            ? 
_refine_ls_restr_ncs.pdbx_weight         ? 
_refine_ls_restr_ncs.pdbx_ens_id         ens_1 
# 
loop_
_refine_ls_shell.pdbx_refine_id 
_refine_ls_shell.d_res_high 
_refine_ls_shell.d_res_low 
_refine_ls_shell.number_reflns_all 
_refine_ls_shell.number_reflns_obs 
_refine_ls_shell.number_reflns_R_free 
_refine_ls_shell.number_reflns_R_work 
_refine_ls_shell.percent_reflns_obs 
_refine_ls_shell.percent_reflns_R_free 
_refine_ls_shell.R_factor_all 
_refine_ls_shell.R_factor_obs 
_refine_ls_shell.R_factor_R_free_error 
_refine_ls_shell.R_factor_R_work 
_refine_ls_shell.redundancy_reflns_all 
_refine_ls_shell.redundancy_reflns_obs 
_refine_ls_shell.wR_factor_all 
_refine_ls_shell.wR_factor_obs 
_refine_ls_shell.wR_factor_R_free 
_refine_ls_shell.wR_factor_R_work 
_refine_ls_shell.pdbx_R_complete 
_refine_ls_shell.pdbx_total_number_of_bins_used 
_refine_ls_shell.pdbx_phase_error 
_refine_ls_shell.pdbx_fsc_work 
_refine_ls_shell.pdbx_fsc_free 
_refine_ls_shell.R_factor_R_free 
'X-RAY DIFFRACTION' 1.08 1.13  . . 147 2810 94.50 . . . . 0.2262 . . . . . . . . . . . 0.2378 
'X-RAY DIFFRACTION' 1.13 1.19  . . 153 2908 99.51 . . . . 0.1727 . . . . . . . . . . . 0.2085 
'X-RAY DIFFRACTION' 1.19 1.26  . . 127 2994 99.81 . . . . 0.1761 . . . . . . . . . . . 0.1873 
'X-RAY DIFFRACTION' 1.26 1.36  . . 178 2925 99.77 . . . . 0.1567 . . . . . . . . . . . 0.2200 
'X-RAY DIFFRACTION' 1.36 1.50  . . 140 2972 99.65 . . . . 0.1753 . . . . . . . . . . . 0.1667 
'X-RAY DIFFRACTION' 1.50 1.71  . . 121 2962 99.64 . . . . 0.1629 . . . . . . . . . . . 0.1670 
'X-RAY DIFFRACTION' 1.72 2.16  . . 151 2933 99.52 . . . . 0.1633 . . . . . . . . . . . 0.1703 
'X-RAY DIFFRACTION' 2.16 24.83 . . 152 2951 99.33 . . . . 0.1533 . . . . . . . . . . . 0.1858 
# 
_struct_ncs_oper.id             1 
_struct_ncs_oper.code           given 
_struct_ncs_oper.matrix[1][1]   -0.934364611332 
_struct_ncs_oper.matrix[1][2]   -0.078969782973 
_struct_ncs_oper.matrix[1][3]   0.347457258476 
_struct_ncs_oper.matrix[2][1]   -0.086592585395 
_struct_ncs_oper.matrix[2][2]   -0.895573492527 
_struct_ncs_oper.matrix[2][3]   -0.436405595333 
_struct_ncs_oper.matrix[3][1]   0.345636365629 
_struct_ncs_oper.matrix[3][2]   -0.437849166793 
_struct_ncs_oper.matrix[3][3]   0.829953980588 
_struct_ncs_oper.vector[1]      -1.109965528718 
_struct_ncs_oper.vector[2]      -1.60355734458 
_struct_ncs_oper.vector[3]      0.1367961342 
_struct_ncs_oper.details        ? 
# 
loop_
_struct_ncs_dom.pdbx_ens_id 
_struct_ncs_dom.id 
_struct_ncs_dom.details 
ens_1 d_1 
;(chain "A" and resid 2 through 5)
;
ens_1 d_2 
;(chain "B" and resid 2 through 5)
;
# 
loop_
_struct_ncs_dom_lim.pdbx_ens_id 
_struct_ncs_dom_lim.dom_id 
_struct_ncs_dom_lim.pdbx_component_id 
_struct_ncs_dom_lim.beg_label_alt_id 
_struct_ncs_dom_lim.beg_label_asym_id 
_struct_ncs_dom_lim.beg_label_comp_id 
_struct_ncs_dom_lim.beg_label_seq_id 
_struct_ncs_dom_lim.end_label_alt_id 
_struct_ncs_dom_lim.end_label_asym_id 
_struct_ncs_dom_lim.end_label_comp_id 
_struct_ncs_dom_lim.end_label_seq_id 
_struct_ncs_dom_lim.beg_auth_asym_id 
_struct_ncs_dom_lim.beg_auth_seq_id 
_struct_ncs_dom_lim.end_auth_asym_id 
_struct_ncs_dom_lim.end_auth_seq_id 
_struct_ncs_dom_lim.pdbx_refine_code 
_struct_ncs_dom_lim.selection_details 
_struct_ncs_dom_lim.beg_auth_comp_id 
_struct_ncs_dom_lim.end_auth_comp_id 
ens_1 d_1 1 . A DC . . A DG . ? ? ? ? ? ? ? ? 
ens_1 d_2 1 . B DC . . B DG . ? ? ? ? ? ? ? ? 
# 
_struct_ncs_ens.id        ens_1 
_struct_ncs_ens.details   ? 
# 
_struct_ncs_ens_gen.ens_id     ens_1 
_struct_ncs_ens_gen.dom_id_1   d_2 
_struct_ncs_ens_gen.dom_id_2   d_1 
_struct_ncs_ens_gen.oper_id    1 
# 
_struct.entry_id                     8OE3 
_struct.title                        'Crystal structure of the non-canonical quadruplex d(GCATGCT) before soaking' 
_struct.pdbx_model_details           ? 
_struct.pdbx_formula_weight          ? 
_struct.pdbx_formula_weight_method   ? 
_struct.pdbx_model_type_details      ? 
_struct.pdbx_CASP_flag               N 
# 
_struct_keywords.entry_id        8OE3 
_struct_keywords.text            dna 
_struct_keywords.pdbx_keywords   DNA 
# 
loop_
_struct_asym.id 
_struct_asym.pdbx_blank_PDB_chainid_flag 
_struct_asym.pdbx_modified 
_struct_asym.entity_id 
_struct_asym.details 
A N N 1 ? 
B N N 1 ? 
C N N 2 ? 
D N N 2 ? 
E N N 2 ? 
F N N 2 ? 
G N N 2 ? 
H N N 2 ? 
I N N 3 ? 
J N N 3 ? 
# 
_struct_ref.id                         1 
_struct_ref.db_name                    PDB 
_struct_ref.db_code                    8OE3 
_struct_ref.pdbx_db_accession          8OE3 
_struct_ref.pdbx_db_isoform            ? 
_struct_ref.entity_id                  1 
_struct_ref.pdbx_seq_one_letter_code   ? 
_struct_ref.pdbx_align_begin           1 
# 
loop_
_struct_ref_seq.align_id 
_struct_ref_seq.ref_id 
_struct_ref_seq.pdbx_PDB_id_code 
_struct_ref_seq.pdbx_strand_id 
_struct_ref_seq.seq_align_beg 
_struct_ref_seq.pdbx_seq_align_beg_ins_code 
_struct_ref_seq.seq_align_end 
_struct_ref_seq.pdbx_seq_align_end_ins_code 
_struct_ref_seq.pdbx_db_accession 
_struct_ref_seq.db_align_beg 
_struct_ref_seq.pdbx_db_align_beg_ins_code 
_struct_ref_seq.db_align_end 
_struct_ref_seq.pdbx_db_align_end_ins_code 
_struct_ref_seq.pdbx_auth_seq_align_beg 
_struct_ref_seq.pdbx_auth_seq_align_end 
1 1 8OE3 A 1 ? 7 ? 8OE3 1 ? 7 ? 1 7 
2 1 8OE3 B 1 ? 7 ? 8OE3 1 ? 7 ? 1 7 
# 
_pdbx_struct_assembly.id                   1 
_pdbx_struct_assembly.details              author_defined_assembly 
_pdbx_struct_assembly.method_details       ? 
_pdbx_struct_assembly.oligomeric_details   tetrameric 
_pdbx_struct_assembly.oligomeric_count     4 
# 
loop_
_pdbx_struct_assembly_gen.assembly_id 
_pdbx_struct_assembly_gen.oper_expression 
_pdbx_struct_assembly_gen.asym_id_list 
1 1 A,B,C,D,E,F,G,H,I,J 
1 2 A,B,C,D,E,F,G,H,I,J 
# 
_pdbx_struct_assembly_auth_evidence.id                     1 
_pdbx_struct_assembly_auth_evidence.assembly_id            1 
_pdbx_struct_assembly_auth_evidence.experimental_support   none 
_pdbx_struct_assembly_auth_evidence.details                ? 
# 
loop_
_pdbx_struct_oper_list.id 
_pdbx_struct_oper_list.type 
_pdbx_struct_oper_list.name 
_pdbx_struct_oper_list.symmetry_operation 
_pdbx_struct_oper_list.matrix[1][1] 
_pdbx_struct_oper_list.matrix[1][2] 
_pdbx_struct_oper_list.matrix[1][3] 
_pdbx_struct_oper_list.vector[1] 
_pdbx_struct_oper_list.matrix[2][1] 
_pdbx_struct_oper_list.matrix[2][2] 
_pdbx_struct_oper_list.matrix[2][3] 
_pdbx_struct_oper_list.vector[2] 
_pdbx_struct_oper_list.matrix[3][1] 
_pdbx_struct_oper_list.matrix[3][2] 
_pdbx_struct_oper_list.matrix[3][3] 
_pdbx_struct_oper_list.vector[3] 
1 'identity operation'         1_555 x,y,z       1.0000000000 0.0000000000 0.0000000000  0.0000000000 0.0000000000 1.0000000000  0.0000000000  0.0000000000  0.0000000000  0.0000000000  1.0000000000  0.0000000000  
2 'crystal symmetry operation' 3_555 -x,y,-z+1/2 0.9312954682 0.2434375875 -0.2709739690 0.0126988771 0.2434375875 -0.9693149702 -0.0341559592 -1.1767586179 -0.2709739690 -0.0341559592 -0.9619804980 -0.9666684819 
# 
loop_
_struct_conn.id 
_struct_conn.conn_type_id 
_struct_conn.pdbx_leaving_atom_flag 
_struct_conn.pdbx_PDB_id 
_struct_conn.ptnr1_label_asym_id 
_struct_conn.ptnr1_label_comp_id 
_struct_conn.ptnr1_label_seq_id 
_struct_conn.ptnr1_label_atom_id 
_struct_conn.pdbx_ptnr1_label_alt_id 
_struct_conn.pdbx_ptnr1_PDB_ins_code 
_struct_conn.pdbx_ptnr1_standard_comp_id 
_struct_conn.ptnr1_symmetry 
_struct_conn.ptnr2_label_asym_id 
_struct_conn.ptnr2_label_comp_id 
_struct_conn.ptnr2_label_seq_id 
_struct_conn.ptnr2_label_atom_id 
_struct_conn.pdbx_ptnr2_label_alt_id 
_struct_conn.pdbx_ptnr2_PDB_ins_code 
_struct_conn.ptnr1_auth_asym_id 
_struct_conn.ptnr1_auth_comp_id 
_struct_conn.ptnr1_auth_seq_id 
_struct_conn.ptnr2_auth_asym_id 
_struct_conn.ptnr2_auth_comp_id 
_struct_conn.ptnr2_auth_seq_id 
_struct_conn.ptnr2_symmetry 
_struct_conn.pdbx_ptnr3_label_atom_id 
_struct_conn.pdbx_ptnr3_label_seq_id 
_struct_conn.pdbx_ptnr3_label_comp_id 
_struct_conn.pdbx_ptnr3_label_asym_id 
_struct_conn.pdbx_ptnr3_label_alt_id 
_struct_conn.pdbx_ptnr3_PDB_ins_code 
_struct_conn.details 
_struct_conn.pdbx_dist_value 
_struct_conn.pdbx_value_order 
_struct_conn.pdbx_role 
hydrog1 hydrog ? ? A DG 1 N2 ? ? ? 1_555 A DC 6 O2 ? ? A DG 1 A DC 6 1_555 ? ? ? ? ? ? 'DG-DC PAIR' ? ? ? 
hydrog2 hydrog ? ? A DC 2 O2 ? ? ? 1_555 A DG 5 N2 ? ? A DC 2 A DG 5 1_555 ? ? ? ? ? ? 'DC-DG PAIR' ? ? ? 
hydrog3 hydrog ? ? B DG 1 N2 A ? ? 1_555 B DC 6 O2 A ? B DG 1 B DC 6 1_555 ? ? ? ? ? ? 'DG-DC PAIR' ? ? ? 
hydrog4 hydrog ? ? B DG 1 N2 B ? ? 1_555 B DC 6 O2 B ? B DG 1 B DC 6 1_555 ? ? ? ? ? ? 'DG-DC PAIR' ? ? ? 
hydrog5 hydrog ? ? B DC 2 O2 ? ? ? 1_555 B DG 5 N2 ? ? B DC 2 B DG 5 1_555 ? ? ? ? ? ? 'DC-DG PAIR' ? ? ? 
# 
_struct_conn_type.id          hydrog 
_struct_conn_type.criteria    ? 
_struct_conn_type.reference   ? 
# 
loop_
_pdbx_struct_special_symmetry.id 
_pdbx_struct_special_symmetry.PDB_model_num 
_pdbx_struct_special_symmetry.auth_asym_id 
_pdbx_struct_special_symmetry.auth_comp_id 
_pdbx_struct_special_symmetry.auth_seq_id 
_pdbx_struct_special_symmetry.PDB_ins_code 
_pdbx_struct_special_symmetry.label_asym_id 
_pdbx_struct_special_symmetry.label_comp_id 
_pdbx_struct_special_symmetry.label_seq_id 
1 1 A NCO 104 ? F NCO . 
2 1 B HOH 227 ? J HOH . 
# 
loop_
_space_group_symop.id 
_space_group_symop.operation_xyz 
1 x,y,z               
2 x,-y,-z             
3 -x,y,-z+1/2         
4 -x,-y,z+1/2         
5 x+1/2,y+1/2,z       
6 x+1/2,-y+1/2,-z     
7 -x+1/2,y+1/2,-z+1/2 
8 -x+1/2,-y+1/2,z+1/2 
# 
_pdbx_entry_details.entry_id                 8OE3 
_pdbx_entry_details.has_ligand_of_interest   N 
_pdbx_entry_details.compound_details         ? 
_pdbx_entry_details.source_details           ? 
_pdbx_entry_details.nonpolymer_details       ? 
_pdbx_entry_details.sequence_details         ? 
# 
loop_
_chem_comp_atom.comp_id 
_chem_comp_atom.atom_id 
_chem_comp_atom.type_symbol 
_chem_comp_atom.pdbx_aromatic_flag 
_chem_comp_atom.pdbx_stereo_config 
_chem_comp_atom.pdbx_ordinal 
DA  OP3    O  N N 1   
DA  P      P  N N 2   
DA  OP1    O  N N 3   
DA  OP2    O  N N 4   
DA  "O5'"  O  N N 5   
DA  "C5'"  C  N N 6   
DA  "C4'"  C  N R 7   
DA  "O4'"  O  N N 8   
DA  "C3'"  C  N S 9   
DA  "O3'"  O  N N 10  
DA  "C2'"  C  N N 11  
DA  "C1'"  C  N R 12  
DA  N9     N  Y N 13  
DA  C8     C  Y N 14  
DA  N7     N  Y N 15  
DA  C5     C  Y N 16  
DA  C6     C  Y N 17  
DA  N6     N  N N 18  
DA  N1     N  Y N 19  
DA  C2     C  Y N 20  
DA  N3     N  Y N 21  
DA  C4     C  Y N 22  
DA  HOP3   H  N N 23  
DA  HOP2   H  N N 24  
DA  "H5'"  H  N N 25  
DA  "H5''" H  N N 26  
DA  "H4'"  H  N N 27  
DA  "H3'"  H  N N 28  
DA  "HO3'" H  N N 29  
DA  "H2'"  H  N N 30  
DA  "H2''" H  N N 31  
DA  "H1'"  H  N N 32  
DA  H8     H  N N 33  
DA  H61    H  N N 34  
DA  H62    H  N N 35  
DA  H2     H  N N 36  
DC  OP3    O  N N 37  
DC  P      P  N N 38  
DC  OP1    O  N N 39  
DC  OP2    O  N N 40  
DC  "O5'"  O  N N 41  
DC  "C5'"  C  N N 42  
DC  "C4'"  C  N R 43  
DC  "O4'"  O  N N 44  
DC  "C3'"  C  N S 45  
DC  "O3'"  O  N N 46  
DC  "C2'"  C  N N 47  
DC  "C1'"  C  N R 48  
DC  N1     N  N N 49  
DC  C2     C  N N 50  
DC  O2     O  N N 51  
DC  N3     N  N N 52  
DC  C4     C  N N 53  
DC  N4     N  N N 54  
DC  C5     C  N N 55  
DC  C6     C  N N 56  
DC  HOP3   H  N N 57  
DC  HOP2   H  N N 58  
DC  "H5'"  H  N N 59  
DC  "H5''" H  N N 60  
DC  "H4'"  H  N N 61  
DC  "H3'"  H  N N 62  
DC  "HO3'" H  N N 63  
DC  "H2'"  H  N N 64  
DC  "H2''" H  N N 65  
DC  "H1'"  H  N N 66  
DC  H41    H  N N 67  
DC  H42    H  N N 68  
DC  H5     H  N N 69  
DC  H6     H  N N 70  
DG  OP3    O  N N 71  
DG  P      P  N N 72  
DG  OP1    O  N N 73  
DG  OP2    O  N N 74  
DG  "O5'"  O  N N 75  
DG  "C5'"  C  N N 76  
DG  "C4'"  C  N R 77  
DG  "O4'"  O  N N 78  
DG  "C3'"  C  N S 79  
DG  "O3'"  O  N N 80  
DG  "C2'"  C  N N 81  
DG  "C1'"  C  N R 82  
DG  N9     N  Y N 83  
DG  C8     C  Y N 84  
DG  N7     N  Y N 85  
DG  C5     C  Y N 86  
DG  C6     C  N N 87  
DG  O6     O  N N 88  
DG  N1     N  N N 89  
DG  C2     C  N N 90  
DG  N2     N  N N 91  
DG  N3     N  N N 92  
DG  C4     C  Y N 93  
DG  HOP3   H  N N 94  
DG  HOP2   H  N N 95  
DG  "H5'"  H  N N 96  
DG  "H5''" H  N N 97  
DG  "H4'"  H  N N 98  
DG  "H3'"  H  N N 99  
DG  "HO3'" H  N N 100 
DG  "H2'"  H  N N 101 
DG  "H2''" H  N N 102 
DG  "H1'"  H  N N 103 
DG  H8     H  N N 104 
DG  H1     H  N N 105 
DG  H21    H  N N 106 
DG  H22    H  N N 107 
DT  OP3    O  N N 108 
DT  P      P  N N 109 
DT  OP1    O  N N 110 
DT  OP2    O  N N 111 
DT  "O5'"  O  N N 112 
DT  "C5'"  C  N N 113 
DT  "C4'"  C  N R 114 
DT  "O4'"  O  N N 115 
DT  "C3'"  C  N S 116 
DT  "O3'"  O  N N 117 
DT  "C2'"  C  N N 118 
DT  "C1'"  C  N R 119 
DT  N1     N  N N 120 
DT  C2     C  N N 121 
DT  O2     O  N N 122 
DT  N3     N  N N 123 
DT  C4     C  N N 124 
DT  O4     O  N N 125 
DT  C5     C  N N 126 
DT  C7     C  N N 127 
DT  C6     C  N N 128 
DT  HOP3   H  N N 129 
DT  HOP2   H  N N 130 
DT  "H5'"  H  N N 131 
DT  "H5''" H  N N 132 
DT  "H4'"  H  N N 133 
DT  "H3'"  H  N N 134 
DT  "HO3'" H  N N 135 
DT  "H2'"  H  N N 136 
DT  "H2''" H  N N 137 
DT  "H1'"  H  N N 138 
DT  H3     H  N N 139 
DT  H71    H  N N 140 
DT  H72    H  N N 141 
DT  H73    H  N N 142 
DT  H6     H  N N 143 
HOH O      O  N N 144 
HOH H1     H  N N 145 
HOH H2     H  N N 146 
NCO CO     CO N N 147 
NCO N1     N  N N 148 
NCO N2     N  N N 149 
NCO N3     N  N N 150 
NCO N4     N  N N 151 
NCO N5     N  N N 152 
NCO N6     N  N N 153 
NCO HN11   H  N N 154 
NCO HN12   H  N N 155 
NCO HN13   H  N N 156 
NCO HN21   H  N N 157 
NCO HN22   H  N N 158 
NCO HN23   H  N N 159 
NCO HN31   H  N N 160 
NCO HN32   H  N N 161 
NCO HN33   H  N N 162 
NCO HN41   H  N N 163 
NCO HN42   H  N N 164 
NCO HN43   H  N N 165 
NCO HN51   H  N N 166 
NCO HN52   H  N N 167 
NCO HN53   H  N N 168 
NCO HN61   H  N N 169 
NCO HN62   H  N N 170 
NCO HN63   H  N N 171 
# 
loop_
_chem_comp_bond.comp_id 
_chem_comp_bond.atom_id_1 
_chem_comp_bond.atom_id_2 
_chem_comp_bond.value_order 
_chem_comp_bond.pdbx_aromatic_flag 
_chem_comp_bond.pdbx_stereo_config 
_chem_comp_bond.pdbx_ordinal 
DA  OP3   P      sing N N 1   
DA  OP3   HOP3   sing N N 2   
DA  P     OP1    doub N N 3   
DA  P     OP2    sing N N 4   
DA  P     "O5'"  sing N N 5   
DA  OP2   HOP2   sing N N 6   
DA  "O5'" "C5'"  sing N N 7   
DA  "C5'" "C4'"  sing N N 8   
DA  "C5'" "H5'"  sing N N 9   
DA  "C5'" "H5''" sing N N 10  
DA  "C4'" "O4'"  sing N N 11  
DA  "C4'" "C3'"  sing N N 12  
DA  "C4'" "H4'"  sing N N 13  
DA  "O4'" "C1'"  sing N N 14  
DA  "C3'" "O3'"  sing N N 15  
DA  "C3'" "C2'"  sing N N 16  
DA  "C3'" "H3'"  sing N N 17  
DA  "O3'" "HO3'" sing N N 18  
DA  "C2'" "C1'"  sing N N 19  
DA  "C2'" "H2'"  sing N N 20  
DA  "C2'" "H2''" sing N N 21  
DA  "C1'" N9     sing N N 22  
DA  "C1'" "H1'"  sing N N 23  
DA  N9    C8     sing Y N 24  
DA  N9    C4     sing Y N 25  
DA  C8    N7     doub Y N 26  
DA  C8    H8     sing N N 27  
DA  N7    C5     sing Y N 28  
DA  C5    C6     sing Y N 29  
DA  C5    C4     doub Y N 30  
DA  C6    N6     sing N N 31  
DA  C6    N1     doub Y N 32  
DA  N6    H61    sing N N 33  
DA  N6    H62    sing N N 34  
DA  N1    C2     sing Y N 35  
DA  C2    N3     doub Y N 36  
DA  C2    H2     sing N N 37  
DA  N3    C4     sing Y N 38  
DC  OP3   P      sing N N 39  
DC  OP3   HOP3   sing N N 40  
DC  P     OP1    doub N N 41  
DC  P     OP2    sing N N 42  
DC  P     "O5'"  sing N N 43  
DC  OP2   HOP2   sing N N 44  
DC  "O5'" "C5'"  sing N N 45  
DC  "C5'" "C4'"  sing N N 46  
DC  "C5'" "H5'"  sing N N 47  
DC  "C5'" "H5''" sing N N 48  
DC  "C4'" "O4'"  sing N N 49  
DC  "C4'" "C3'"  sing N N 50  
DC  "C4'" "H4'"  sing N N 51  
DC  "O4'" "C1'"  sing N N 52  
DC  "C3'" "O3'"  sing N N 53  
DC  "C3'" "C2'"  sing N N 54  
DC  "C3'" "H3'"  sing N N 55  
DC  "O3'" "HO3'" sing N N 56  
DC  "C2'" "C1'"  sing N N 57  
DC  "C2'" "H2'"  sing N N 58  
DC  "C2'" "H2''" sing N N 59  
DC  "C1'" N1     sing N N 60  
DC  "C1'" "H1'"  sing N N 61  
DC  N1    C2     sing N N 62  
DC  N1    C6     sing N N 63  
DC  C2    O2     doub N N 64  
DC  C2    N3     sing N N 65  
DC  N3    C4     doub N N 66  
DC  C4    N4     sing N N 67  
DC  C4    C5     sing N N 68  
DC  N4    H41    sing N N 69  
DC  N4    H42    sing N N 70  
DC  C5    C6     doub N N 71  
DC  C5    H5     sing N N 72  
DC  C6    H6     sing N N 73  
DG  OP3   P      sing N N 74  
DG  OP3   HOP3   sing N N 75  
DG  P     OP1    doub N N 76  
DG  P     OP2    sing N N 77  
DG  P     "O5'"  sing N N 78  
DG  OP2   HOP2   sing N N 79  
DG  "O5'" "C5'"  sing N N 80  
DG  "C5'" "C4'"  sing N N 81  
DG  "C5'" "H5'"  sing N N 82  
DG  "C5'" "H5''" sing N N 83  
DG  "C4'" "O4'"  sing N N 84  
DG  "C4'" "C3'"  sing N N 85  
DG  "C4'" "H4'"  sing N N 86  
DG  "O4'" "C1'"  sing N N 87  
DG  "C3'" "O3'"  sing N N 88  
DG  "C3'" "C2'"  sing N N 89  
DG  "C3'" "H3'"  sing N N 90  
DG  "O3'" "HO3'" sing N N 91  
DG  "C2'" "C1'"  sing N N 92  
DG  "C2'" "H2'"  sing N N 93  
DG  "C2'" "H2''" sing N N 94  
DG  "C1'" N9     sing N N 95  
DG  "C1'" "H1'"  sing N N 96  
DG  N9    C8     sing Y N 97  
DG  N9    C4     sing Y N 98  
DG  C8    N7     doub Y N 99  
DG  C8    H8     sing N N 100 
DG  N7    C5     sing Y N 101 
DG  C5    C6     sing N N 102 
DG  C5    C4     doub Y N 103 
DG  C6    O6     doub N N 104 
DG  C6    N1     sing N N 105 
DG  N1    C2     sing N N 106 
DG  N1    H1     sing N N 107 
DG  C2    N2     sing N N 108 
DG  C2    N3     doub N N 109 
DG  N2    H21    sing N N 110 
DG  N2    H22    sing N N 111 
DG  N3    C4     sing N N 112 
DT  OP3   P      sing N N 113 
DT  OP3   HOP3   sing N N 114 
DT  P     OP1    doub N N 115 
DT  P     OP2    sing N N 116 
DT  P     "O5'"  sing N N 117 
DT  OP2   HOP2   sing N N 118 
DT  "O5'" "C5'"  sing N N 119 
DT  "C5'" "C4'"  sing N N 120 
DT  "C5'" "H5'"  sing N N 121 
DT  "C5'" "H5''" sing N N 122 
DT  "C4'" "O4'"  sing N N 123 
DT  "C4'" "C3'"  sing N N 124 
DT  "C4'" "H4'"  sing N N 125 
DT  "O4'" "C1'"  sing N N 126 
DT  "C3'" "O3'"  sing N N 127 
DT  "C3'" "C2'"  sing N N 128 
DT  "C3'" "H3'"  sing N N 129 
DT  "O3'" "HO3'" sing N N 130 
DT  "C2'" "C1'"  sing N N 131 
DT  "C2'" "H2'"  sing N N 132 
DT  "C2'" "H2''" sing N N 133 
DT  "C1'" N1     sing N N 134 
DT  "C1'" "H1'"  sing N N 135 
DT  N1    C2     sing N N 136 
DT  N1    C6     sing N N 137 
DT  C2    O2     doub N N 138 
DT  C2    N3     sing N N 139 
DT  N3    C4     sing N N 140 
DT  N3    H3     sing N N 141 
DT  C4    O4     doub N N 142 
DT  C4    C5     sing N N 143 
DT  C5    C7     sing N N 144 
DT  C5    C6     doub N N 145 
DT  C7    H71    sing N N 146 
DT  C7    H72    sing N N 147 
DT  C7    H73    sing N N 148 
DT  C6    H6     sing N N 149 
HOH O     H1     sing N N 150 
HOH O     H2     sing N N 151 
NCO CO    N1     sing N N 152 
NCO CO    N2     sing N N 153 
NCO CO    N3     sing N N 154 
NCO CO    N4     sing N N 155 
NCO CO    N5     sing N N 156 
NCO CO    N6     sing N N 157 
NCO N1    HN11   sing N N 158 
NCO N1    HN12   sing N N 159 
NCO N1    HN13   sing N N 160 
NCO N2    HN21   sing N N 161 
NCO N2    HN22   sing N N 162 
NCO N2    HN23   sing N N 163 
NCO N3    HN31   sing N N 164 
NCO N3    HN32   sing N N 165 
NCO N3    HN33   sing N N 166 
NCO N4    HN41   sing N N 167 
NCO N4    HN42   sing N N 168 
NCO N4    HN43   sing N N 169 
NCO N5    HN51   sing N N 170 
NCO N5    HN52   sing N N 171 
NCO N5    HN53   sing N N 172 
NCO N6    HN61   sing N N 173 
NCO N6    HN62   sing N N 174 
NCO N6    HN63   sing N N 175 
# 
loop_
_ndb_struct_conf_na.entry_id 
_ndb_struct_conf_na.feature 
8OE3 'double helix' 
8OE3 'hairpin loop' 
# 
loop_
_ndb_struct_na_base_pair.model_number 
_ndb_struct_na_base_pair.i_label_asym_id 
_ndb_struct_na_base_pair.i_label_comp_id 
_ndb_struct_na_base_pair.i_label_seq_id 
_ndb_struct_na_base_pair.i_symmetry 
_ndb_struct_na_base_pair.j_label_asym_id 
_ndb_struct_na_base_pair.j_label_comp_id 
_ndb_struct_na_base_pair.j_label_seq_id 
_ndb_struct_na_base_pair.j_symmetry 
_ndb_struct_na_base_pair.shear 
_ndb_struct_na_base_pair.stretch 
_ndb_struct_na_base_pair.stagger 
_ndb_struct_na_base_pair.buckle 
_ndb_struct_na_base_pair.propeller 
_ndb_struct_na_base_pair.opening 
_ndb_struct_na_base_pair.pair_number 
_ndb_struct_na_base_pair.pair_name 
_ndb_struct_na_base_pair.i_auth_asym_id 
_ndb_struct_na_base_pair.i_auth_seq_id 
_ndb_struct_na_base_pair.i_PDB_ins_code 
_ndb_struct_na_base_pair.j_auth_asym_id 
_ndb_struct_na_base_pair.j_auth_seq_id 
_ndb_struct_na_base_pair.j_PDB_ins_code 
_ndb_struct_na_base_pair.hbond_type_28 
_ndb_struct_na_base_pair.hbond_type_12 
1 A DG 1 1_555 A DC 6 1_555 -3.427 8.391 -0.479 -3.636  38.955 173.853 1 A_DG1:DC6_A A 1 ? A 6 ? ? ? 
1 A DC 2 1_555 A DG 5 1_555 3.211  8.410 -0.244 9.400   35.902 176.422 2 A_DC2:DG5_A A 2 ? A 5 ? ? ? 
1 B DG 1 1_555 B DC 6 1_555 -3.076 8.454 -0.605 -12.710 35.020 174.106 3 B_DG1:DC6_B B 1 ? B 6 ? ? ? 
1 B DC 2 1_555 B DG 5 1_555 3.761  8.219 -0.028 7.654   35.736 176.898 4 B_DC2:DG5_B B 2 ? B 5 ? ? ? 
# 
loop_
_ndb_struct_na_base_pair_step.model_number 
_ndb_struct_na_base_pair_step.i_label_asym_id_1 
_ndb_struct_na_base_pair_step.i_label_comp_id_1 
_ndb_struct_na_base_pair_step.i_label_seq_id_1 
_ndb_struct_na_base_pair_step.i_symmetry_1 
_ndb_struct_na_base_pair_step.j_label_asym_id_1 
_ndb_struct_na_base_pair_step.j_label_comp_id_1 
_ndb_struct_na_base_pair_step.j_label_seq_id_1 
_ndb_struct_na_base_pair_step.j_symmetry_1 
_ndb_struct_na_base_pair_step.i_label_asym_id_2 
_ndb_struct_na_base_pair_step.i_label_comp_id_2 
_ndb_struct_na_base_pair_step.i_label_seq_id_2 
_ndb_struct_na_base_pair_step.i_symmetry_2 
_ndb_struct_na_base_pair_step.j_label_asym_id_2 
_ndb_struct_na_base_pair_step.j_label_comp_id_2 
_ndb_struct_na_base_pair_step.j_label_seq_id_2 
_ndb_struct_na_base_pair_step.j_symmetry_2 
_ndb_struct_na_base_pair_step.shift 
_ndb_struct_na_base_pair_step.slide 
_ndb_struct_na_base_pair_step.rise 
_ndb_struct_na_base_pair_step.tilt 
_ndb_struct_na_base_pair_step.roll 
_ndb_struct_na_base_pair_step.twist 
_ndb_struct_na_base_pair_step.x_displacement 
_ndb_struct_na_base_pair_step.y_displacement 
_ndb_struct_na_base_pair_step.helical_rise 
_ndb_struct_na_base_pair_step.inclination 
_ndb_struct_na_base_pair_step.tip 
_ndb_struct_na_base_pair_step.helical_twist 
_ndb_struct_na_base_pair_step.step_number 
_ndb_struct_na_base_pair_step.step_name 
_ndb_struct_na_base_pair_step.i_auth_asym_id_1 
_ndb_struct_na_base_pair_step.i_auth_seq_id_1 
_ndb_struct_na_base_pair_step.i_PDB_ins_code_1 
_ndb_struct_na_base_pair_step.j_auth_asym_id_1 
_ndb_struct_na_base_pair_step.j_auth_seq_id_1 
_ndb_struct_na_base_pair_step.j_PDB_ins_code_1 
_ndb_struct_na_base_pair_step.i_auth_asym_id_2 
_ndb_struct_na_base_pair_step.i_auth_seq_id_2 
_ndb_struct_na_base_pair_step.i_PDB_ins_code_2 
_ndb_struct_na_base_pair_step.j_auth_asym_id_2 
_ndb_struct_na_base_pair_step.j_auth_seq_id_2 
_ndb_struct_na_base_pair_step.j_PDB_ins_code_2 
1 A DG 1 1_555 A DC 6 1_555 A DC 2 1_555 A DG 5 1_555 0.242 0.645 2.954 -1.409 5.327 30.516 0.264 -0.703 3.006 10.017 2.651 30.998 
1 AA_DG1DC2:DG5DC6_AA A 1 ? A 6 ? A 2 ? A 5 ? 
1 B DG 1 1_555 B DC 6 1_555 B DC 2 1_555 B DG 5 1_555 0.138 0.571 3.018 -2.583 5.032 33.815 0.231 -0.614 3.050 8.577  4.403 34.271 
2 BB_DG1DC2:DG5DC6_BB B 1 ? B 6 ? B 2 ? B 5 ? 
# 
_pdbx_audit_support.funding_organization   'Engineering and Physical Sciences Research Council' 
_pdbx_audit_support.country                'United Kingdom' 
_pdbx_audit_support.grant_number           ? 
_pdbx_audit_support.ordinal                1 
# 
_pdbx_initial_refinement_model.id               1 
_pdbx_initial_refinement_model.entity_id_list   ? 
_pdbx_initial_refinement_model.type             'experimental model' 
_pdbx_initial_refinement_model.source_name      PDB 
_pdbx_initial_refinement_model.accession_code   1MF5 
_pdbx_initial_refinement_model.details          ? 
# 
_space_group.name_H-M_alt     'C 2 2 21' 
_space_group.name_Hall        'C 2c 2' 
_space_group.IT_number        20 
_space_group.crystal_system   orthorhombic 
_space_group.id               1 
# 
_atom_sites.entry_id                    8OE3 
_atom_sites.Cartn_transf_matrix[1][1]   ? 
_atom_sites.Cartn_transf_matrix[1][2]   ? 
_atom_sites.Cartn_transf_matrix[1][3]   ? 
_atom_sites.Cartn_transf_matrix[2][1]   ? 
_atom_sites.Cartn_transf_matrix[2][2]   ? 
_atom_sites.Cartn_transf_matrix[2][3]   ? 
_atom_sites.Cartn_transf_matrix[3][1]   ? 
_atom_sites.Cartn_transf_matrix[3][2]   ? 
_atom_sites.Cartn_transf_matrix[3][3]   ? 
_atom_sites.Cartn_transf_vector[1]      ? 
_atom_sites.Cartn_transf_vector[2]      ? 
_atom_sites.Cartn_transf_vector[3]      ? 
_atom_sites.fract_transf_matrix[1][1]   0.00735158 
_atom_sites.fract_transf_matrix[1][2]   -0.01003121 
_atom_sites.fract_transf_matrix[1][3]   0.04338463 
_atom_sites.fract_transf_matrix[2][1]   -0.01661112 
_atom_sites.fract_transf_matrix[2][2]   -0.00209381 
_atom_sites.fract_transf_matrix[2][3]   0.00233065 
_atom_sites.fract_transf_matrix[3][1]   0.00193632 
_atom_sites.fract_transf_matrix[3][2]   -0.02117726 
_atom_sites.fract_transf_matrix[3][3]   -0.00522463 
_atom_sites.fract_transf_vector[1]      0.015020 
_atom_sites.fract_transf_vector[2]      0.062568 
_atom_sites.fract_transf_vector[3]      0.235001 
_atom_sites.solution_primary            ? 
_atom_sites.solution_secondary          ? 
_atom_sites.solution_hydrogens          ? 
_atom_sites.special_details             ? 
# 
loop_
_atom_type.symbol 
_atom_type.scat_dispersion_real 
_atom_type.scat_dispersion_imag 
_atom_type.scat_Cromer_Mann_a1 
_atom_type.scat_Cromer_Mann_a2 
_atom_type.scat_Cromer_Mann_a3 
_atom_type.scat_Cromer_Mann_a4 
_atom_type.scat_Cromer_Mann_b1 
_atom_type.scat_Cromer_Mann_b2 
_atom_type.scat_Cromer_Mann_b3 
_atom_type.scat_Cromer_Mann_b4 
_atom_type.scat_Cromer_Mann_c 
_atom_type.scat_source 
_atom_type.scat_dispersion_source 
C  ? ? 3.54356  2.42580 ?       ? 25.62398 1.50364  ?        ? 0.0 
;2-Gaussian fit: Grosse-Kunstleve RW, Sauter NK, Adams PD: Newsletter of the IUCr Commission on Crystallographic Computing 2004, 3, 22-31.
;
? 
CO ? ? 14.25116 9.13684 3.55259 ? 5.36759  0.30544  48.44770 ? 0.0 
;3-Gaussian fit: Grosse-Kunstleve RW, Sauter NK, Adams PD: Newsletter of the IUCr Commission on Crystallographic Computing 2004, 3, 22-31.
;
? 
H  ? ? 0.51345  0.48472 ?       ? 24.73122 6.32584  ?        ? 0.0 
;2-Gaussian fit: Grosse-Kunstleve RW, Sauter NK, Adams PD: Newsletter of the IUCr Commission on Crystallographic Computing 2004, 3, 22-31.
;
? 
N  ? ? 4.01032  2.96436 ?       ? 19.97189 1.75589  ?        ? 0.0 
;2-Gaussian fit: Grosse-Kunstleve RW, Sauter NK, Adams PD: Newsletter of the IUCr Commission on Crystallographic Computing 2004, 3, 22-31.
;
? 
O  ? ? 4.49882  3.47563 ?       ? 15.80542 1.70748  ?        ? 0.0 
;2-Gaussian fit: Grosse-Kunstleve RW, Sauter NK, Adams PD: Newsletter of the IUCr Commission on Crystallographic Computing 2004, 3, 22-31.
;
? 
P  ? ? 9.51135  5.44231 ?       ? 1.42069  35.72801 ?        ? 0.0 
;2-Gaussian fit: Grosse-Kunstleve RW, Sauter NK, Adams PD: Newsletter of the IUCr Commission on Crystallographic Computing 2004, 3, 22-31.
;
? 
# 
loop_
_atom_site.group_PDB 
_atom_site.id 
_atom_site.type_symbol 
_atom_site.label_atom_id 
_atom_site.label_alt_id 
_atom_site.label_comp_id 
_atom_site.label_asym_id 
_atom_site.label_entity_id 
_atom_site.label_seq_id 
_atom_site.pdbx_PDB_ins_code 
_atom_site.Cartn_x 
_atom_site.Cartn_y 
_atom_site.Cartn_z 
_atom_site.occupancy 
_atom_site.B_iso_or_equiv 
_atom_site.pdbx_formal_charge 
_atom_site.auth_seq_id 
_atom_site.auth_comp_id 
_atom_site.auth_asym_id 
_atom_site.auth_atom_id 
_atom_site.pdbx_PDB_model_num 
ATOM   1   O  "O5'"  . DG  A 1 1 ? -10.98884 7.41883   -3.17585  1.000 28.10817  ? 1   DG  A "O5'"  1 
ATOM   2   C  "C5'"  . DG  A 1 1 ? -11.61630 7.49848   -1.88288  1.000 23.97184  ? 1   DG  A "C5'"  1 
ATOM   3   C  "C4'"  . DG  A 1 1 ? -10.73687 6.87256   -0.82635  1.000 20.56698  ? 1   DG  A "C4'"  1 
ATOM   4   O  "O4'"  . DG  A 1 1 ? -10.68694 5.44526   -1.02022  1.000 20.36650  ? 1   DG  A "O4'"  1 
ATOM   5   C  "C3'"  . DG  A 1 1 ? -9.28851  7.34154   -0.79481  1.000 19.16455  ? 1   DG  A "C3'"  1 
ATOM   6   O  "O3'"  . DG  A 1 1 ? -8.93164  7.34665   0.57835   1.000 18.91938  ? 1   DG  A "O3'"  1 
ATOM   7   C  "C2'"  . DG  A 1 1 ? -8.55682  6.28310   -1.61501  1.000 19.19227  ? 1   DG  A "C2'"  1 
ATOM   8   C  "C1'"  . DG  A 1 1 ? -9.35767  5.02443   -1.32405  1.000 18.47629  ? 1   DG  A "C1'"  1 
ATOM   9   N  N9     . DG  A 1 1 ? -9.47216  4.09063   -2.43496  1.000 17.82338  ? 1   DG  A N9     1 
ATOM   10  C  C8     . DG  A 1 1 ? -9.54493  4.33144   -3.78172  1.000 19.17653  ? 1   DG  A C8     1 
ATOM   11  N  N7     . DG  A 1 1 ? -9.69941  3.24121   -4.49135  1.000 19.68215  ? 1   DG  A N7     1 
ATOM   12  C  C5     . DG  A 1 1 ? -9.73971  2.22443   -3.54515  1.000 18.53736  ? 1   DG  A C5     1 
ATOM   13  C  C6     . DG  A 1 1 ? -9.89256  0.82657   -3.70722  1.000 19.38673  ? 1   DG  A C6     1 
ATOM   14  O  O6     . DG  A 1 1 ? -10.03785 0.18626   -4.74505  1.000 22.67986  ? 1   DG  A O6     1 
ATOM   15  N  N1     . DG  A 1 1 ? -9.88749  0.16287   -2.49045  1.000 18.65738  ? 1   DG  A N1     1 
ATOM   16  C  C2     . DG  A 1 1 ? -9.74840  0.75259   -1.26665  1.000 17.39153  ? 1   DG  A C2     1 
ATOM   17  N  N2     . DG  A 1 1 ? -9.77393  -0.05874  -0.20471  1.000 18.08826  ? 1   DG  A N2     1 
ATOM   18  N  N3     . DG  A 1 1 ? -9.61004  2.06673   -1.10172  1.000 16.71517  ? 1   DG  A N3     1 
ATOM   19  C  C4     . DG  A 1 1 ? -9.61062  2.73302   -2.27704  1.000 16.56914  ? 1   DG  A C4     1 
ATOM   20  H  "H5'"  . DG  A 1 1 ? -12.46588 7.03056   -1.91057  1.000 28.76691  ? 1   DG  A "H5'"  1 
ATOM   21  H  "H5''" . DG  A 1 1 ? -11.77140 8.42901   -1.65913  1.000 28.76691  ? 1   DG  A "H5''" 1 
ATOM   22  H  "H4'"  . DG  A 1 1 ? -11.13288 7.04917   0.04203   1.000 24.68107  ? 1   DG  A "H4'"  1 
ATOM   23  H  "H3'"  . DG  A 1 1 ? -9.19645  8.22279   -1.18921  1.000 22.99816  ? 1   DG  A "H3'"  1 
ATOM   24  H  "H2'"  . DG  A 1 1 ? -8.58651  6.50094   -2.55931  1.000 23.03143  ? 1   DG  A "H2'"  1 
ATOM   25  H  "H2''" . DG  A 1 1 ? -7.64086  6.18440   -1.31139  1.000 23.03143  ? 1   DG  A "H2''" 1 
ATOM   26  H  "H1'"  . DG  A 1 1 ? -8.97890  4.56973   -0.55607  1.000 22.17225  ? 1   DG  A "H1'"  1 
ATOM   27  H  H8     . DG  A 1 1 ? -9.48567  5.18169   -4.15484  1.000 23.01254  ? 1   DG  A H8     1 
ATOM   28  H  H1     . DG  A 1 1 ? -9.97348  -0.69264  -2.50829  1.000 22.38956  ? 1   DG  A H1     1 
ATOM   29  H  H21    . DG  A 1 1 ? -9.70083  0.26743   0.58755   1.000 21.70662  ? 1   DG  A H21    1 
ATOM   30  H  H22    . DG  A 1 1 ? -9.86342  -0.90751  -0.31402  1.000 21.70662  ? 1   DG  A H22    1 
ATOM   31  H  "HO5'" . DG  A 1 1 ? -11.03879 6.71015   -3.62460  1.000 33.73051  ? 1   DG  A "HO5'" 1 
ATOM   32  P  P      . DC  A 1 2 ? -7.44147  7.79533   0.95493   1.000 18.69851  ? 2   DC  A P      1 
ATOM   33  O  OP1    . DC  A 1 2 ? -7.44757  8.46080   2.29990   1.000 21.48049  ? 2   DC  A OP1    1 
ATOM   34  O  OP2    . DC  A 1 2 ? -6.77290  8.53181   -0.16047  1.000 19.01392  ? 2   DC  A OP2    1 
ATOM   35  O  "O5'"  . DC  A 1 2 ? -6.65567  6.40603   1.09350   1.000 16.15181  ? 2   DC  A "O5'"  1 
ATOM   36  C  "C5'"  . DC  A 1 2 ? -7.05533  5.45397   2.09684   1.000 13.74547  ? 2   DC  A "C5'"  1 
ATOM   37  C  "C4'"  . DC  A 1 2 ? -6.25920  4.19638   1.86881   1.000 11.13076  ? 2   DC  A "C4'"  1 
ATOM   38  O  "O4'"  . DC  A 1 2 ? -6.69332  3.56696   0.64630   1.000 11.45560  ? 2   DC  A "O4'"  1 
ATOM   39  C  "C3'"  . DC  A 1 2 ? -4.75163  4.42072   1.71100   1.000 9.64666   ? 2   DC  A "C3'"  1 
ATOM   40  O  "O3'"  . DC  A 1 2 ? -4.09292  3.76427   2.78435   1.000 9.34055   ? 2   DC  A "O3'"  1 
ATOM   41  C  "C2'"  . DC  A 1 2 ? -4.40738  3.77059   0.37468   1.000 10.38107  ? 2   DC  A "C2'"  1 
ATOM   42  C  "C1'"  . DC  A 1 2 ? -5.59361  2.85399   0.13386   1.000 10.17558  ? 2   DC  A "C1'"  1 
ATOM   43  N  N1     . DC  A 1 2 ? -5.87340  2.53415   -1.28457  1.000 9.52481   ? 2   DC  A N1     1 
ATOM   44  C  C2     . DC  A 1 2 ? -6.16756  1.20809   -1.63496  1.000 8.58423   ? 2   DC  A C2     1 
ATOM   45  O  O2     . DC  A 1 2 ? -6.18016  0.33673   -0.75241  1.000 9.60138   ? 2   DC  A O2     1 
ATOM   46  N  N3     . DC  A 1 2 ? -6.42234  0.91508   -2.93075  1.000 8.96744   ? 2   DC  A N3     1 
ATOM   47  C  C4     . DC  A 1 2 ? -6.40615  1.87580   -3.85983  1.000 9.19798   ? 2   DC  A C4     1 
ATOM   48  N  N4     . DC  A 1 2 ? -6.68008  1.53473   -5.11043  1.000 10.33094  ? 2   DC  A N4     1 
ATOM   49  C  C5     . DC  A 1 2 ? -6.12795  3.22867   -3.51926  1.000 9.45791   ? 2   DC  A C5     1 
ATOM   50  C  C6     . DC  A 1 2 ? -5.87520  3.50967   -2.23422  1.000 9.23509   ? 2   DC  A C6     1 
ATOM   51  H  "H5'"  . DC  A 1 2 ? -8.00282  5.26401   2.01270   1.000 16.49526  ? 2   DC  A "H5'"  1 
ATOM   52  H  "H5''" . DC  A 1 2 ? -6.86710  5.80755   2.97996   1.000 16.49526  ? 2   DC  A "H5''" 1 
ATOM   53  H  "H4'"  . DC  A 1 2 ? -6.41152  3.58753   2.60791   1.000 13.35762  ? 2   DC  A "H4'"  1 
ATOM   54  H  "H3'"  . DC  A 1 2 ? -4.54170  5.36786   1.70092   1.000 11.57670  ? 2   DC  A "H3'"  1 
ATOM   55  H  "H2'"  . DC  A 1 2 ? -4.33926  4.44002   -0.32262  1.000 12.45799  ? 2   DC  A "H2'"  1 
ATOM   56  H  "H2''" . DC  A 1 2 ? -3.58623  3.25886   0.44386   1.000 12.45799  ? 2   DC  A "H2''" 1 
ATOM   57  H  "H1'"  . DC  A 1 2 ? -5.47650  2.03406   0.63806   1.000 12.21140  ? 2   DC  A "H1'"  1 
ATOM   58  H  H41    . DC  A 1 2 ? -6.67724  2.13126   -5.72927  1.000 12.39782  ? 2   DC  A H41    1 
ATOM   59  H  H42    . DC  A 1 2 ? -6.86049  0.71687   -5.30329  1.000 12.39782  ? 2   DC  A H42    1 
ATOM   60  H  H5     . DC  A 1 2 ? -6.11670  3.89442   -4.16825  1.000 11.35019  ? 2   DC  A H5     1 
ATOM   61  H  H6     . DC  A 1 2 ? -5.67740  4.38457   -1.98951  1.000 11.08281  ? 2   DC  A H6     1 
ATOM   62  P  P      . DA  A 1 3 ? -3.02757  4.63188   3.60648   1.000 8.13597   ? 3   DA  A P      1 
ATOM   63  O  OP1    . DA  A 1 3 ? -3.65697  5.93553   4.01976   1.000 9.30101   ? 3   DA  A OP1    1 
ATOM   64  O  OP2    . DA  A 1 3 ? -1.67399  4.69241   2.93651   1.000 9.00721   ? 3   DA  A OP2    1 
ATOM   65  O  "O5'"  . DA  A 1 3 ? -2.87248  3.71518   4.91098   1.000 8.55509   ? 3   DA  A "O5'"  1 
ATOM   66  C  "C5'"  . DA  A 1 3 ? -4.00933  3.46940   5.76250   1.000 8.58508   ? 3   DA  A "C5'"  1 
ATOM   67  C  "C4'"  . DA  A 1 3 ? -3.80191  2.12944   6.42140   1.000 8.84216   ? 3   DA  A "C4'"  1 
ATOM   68  O  "O4'"  . DA  A 1 3 ? -3.96494  1.10754   5.41485   1.000 8.73640   ? 3   DA  A "O4'"  1 
ATOM   69  C  "C3'"  . DA  A 1 3 ? -2.41825  1.91873   7.04221   1.000 9.65215   ? 3   DA  A "C3'"  1 
ATOM   70  O  "O3'"  . DA  A 1 3 ? -2.52469  1.18863   8.26044   1.000 12.71259  ? 3   DA  A "O3'"  1 
ATOM   71  C  "C2'"  . DA  A 1 3 ? -1.69029  1.09824   5.98119   1.000 8.35432   ? 3   DA  A "C2'"  1 
ATOM   72  C  "C1'"  . DA  A 1 3 ? -2.81968  0.26160   5.41218   1.000 7.71998   ? 3   DA  A "C1'"  1 
ATOM   73  N  N9     . DA  A 1 3 ? -2.61554  -0.20019  4.04432   1.000 7.41308   ? 3   DA  A N9     1 
ATOM   74  C  C8     . DA  A 1 3 ? -2.92748  0.43265   2.86826   1.000 7.30458   ? 3   DA  A C8     1 
ATOM   75  N  N7     . DA  A 1 3 ? -2.62020  -0.26814  1.80321   1.000 7.44153   ? 3   DA  A N7     1 
ATOM   76  C  C5     . DA  A 1 3 ? -2.08424  -1.44537  2.30987   1.000 6.58462   ? 3   DA  A C5     1 
ATOM   77  C  C6     . DA  A 1 3 ? -1.58449  -2.60611  1.68841   1.000 6.74402   ? 3   DA  A C6     1 
ATOM   78  N  N6     . DA  A 1 3 ? -1.53456  -2.77463  0.36977   1.000 7.53624   ? 3   DA  A N6     1 
ATOM   79  N  N1     . DA  A 1 3 ? -1.11643  -3.58435  2.49913   1.000 7.38074   ? 3   DA  A N1     1 
ATOM   80  C  C2     . DA  A 1 3 ? -1.16952  -3.41231  3.82745   1.000 7.76614   ? 3   DA  A C2     1 
ATOM   81  N  N3     . DA  A 1 3 ? -1.62227  -2.36896  4.51886   1.000 7.35383   ? 3   DA  A N3     1 
ATOM   82  C  C4     . DA  A 1 3 ? -2.08389  -1.41928  3.69213   1.000 7.09367   ? 3   DA  A C4     1 
ATOM   83  H  "H5'"  . DA  A 1 3 ? -4.82065  3.45381   5.23164   1.000 10.30279  ? 3   DA  A "H5'"  1 
ATOM   84  H  "H5''" . DA  A 1 3 ? -4.07116  4.16263   6.43780   1.000 10.30279  ? 3   DA  A "H5''" 1 
ATOM   85  H  "H4'"  . DA  A 1 3 ? -4.47698  2.00721   7.10673   1.000 10.61129  ? 3   DA  A "H4'"  1 
ATOM   86  H  "H3'"  . DA  A 1 3 ? -1.97304  2.76799   7.18498   1.000 11.58328  ? 3   DA  A "H3'"  1 
ATOM   87  H  "H2'"  . DA  A 1 3 ? -1.30876  1.67331   5.30051   1.000 10.02589  ? 3   DA  A "H2'"  1 
ATOM   88  H  "H2''" . DA  A 1 3 ? -1.01128  0.53563   6.38414   1.000 10.02589  ? 3   DA  A "H2''" 1 
ATOM   89  H  "H1'"  . DA  A 1 3 ? -2.98034  -0.50063  5.99031   1.000 9.26468   ? 3   DA  A "H1'"  1 
ATOM   90  H  H8     . DA  A 1 3 ? -3.31229  1.27872   2.82949   1.000 8.76619   ? 3   DA  A H8     1 
ATOM   91  H  H61    . DA  A 1 3 ? -1.20753  -3.49906  0.04075   1.000 9.04419   ? 3   DA  A H61    1 
ATOM   92  H  H62    . DA  A 1 3 ? -1.82905  -2.15950  -0.15381  1.000 9.04419   ? 3   DA  A H62    1 
ATOM   93  H  H2     . DA  A 1 3 ? -0.84323  -4.11903  4.33590   1.000 9.32007   ? 3   DA  A H2     1 
ATOM   94  P  P      . DT  A 1 4 ? -1.57460  1.70569   9.45485   1.000 18.44261  ? 4   DT  A P      1 
ATOM   95  O  OP1    . DT  A 1 4 ? -0.20757  2.06690   8.93326   1.000 21.25170  ? 4   DT  A OP1    1 
ATOM   96  O  OP2    . DT  A 1 4 ? -1.58698  0.68584   10.55374  1.000 21.07267  ? 4   DT  A OP2    1 
ATOM   97  O  "O5'"  . DT  A 1 4 ? -2.31548  3.04726   9.97069   1.000 20.79602  ? 4   DT  A "O5'"  1 
ATOM   98  C  "C5'"  . DT  A 1 4 ? -3.61814  2.95763   10.59305  1.000 22.81010  ? 4   DT  A "C5'"  1 
ATOM   99  C  "C4'"  . DT  A 1 4 ? -4.19142  4.34501   10.79252  1.000 21.79456  ? 4   DT  A "C4'"  1 
ATOM   100 O  "O4'"  . DT  A 1 4 ? -3.19044  5.23459   11.34249  1.000 20.46927  ? 4   DT  A "O4'"  1 
ATOM   101 C  "C3'"  . DT  A 1 4 ? -4.68609  5.01083   9.51149   1.000 21.59047  ? 4   DT  A "C3'"  1 
ATOM   102 O  "O3'"  . DT  A 1 4 ? -5.73371  5.94574   9.73873   1.000 22.30268  ? 4   DT  A "O3'"  1 
ATOM   103 C  "C2'"  . DT  A 1 4 ? -3.45327  5.78061   9.08215   1.000 20.51784  ? 4   DT  A "C2'"  1 
ATOM   104 C  "C1'"  . DT  A 1 4 ? -2.94587  6.28968   10.42150  1.000 20.60957  ? 4   DT  A "C1'"  1 
ATOM   105 N  N1     . DT  A 1 4 ? -1.50507  6.60222   10.44727  1.000 20.63721  ? 4   DT  A N1     1 
ATOM   106 C  C2     . DT  A 1 4 ? -1.11885  7.92591   10.47254  1.000 22.22529  ? 4   DT  A C2     1 
ATOM   107 O  O2     . DT  A 1 4 ? -1.91161  8.85694   10.47470  1.000 25.27809  ? 4   DT  A O2     1 
ATOM   108 N  N3     . DT  A 1 4 ? 0.23490   8.13281   10.47928  1.000 21.71471  ? 4   DT  A N3     1 
ATOM   109 C  C4     . DT  A 1 4 ? 1.22397   7.17036   10.48445  1.000 21.15736  ? 4   DT  A C4     1 
ATOM   110 O  O4     . DT  A 1 4 ? 2.39892   7.51847   10.48964  1.000 22.01903  ? 4   DT  A O4     1 
ATOM   111 C  C5     . DT  A 1 4 ? 0.74807   5.80551   10.45029  1.000 20.30039  ? 4   DT  A C5     1 
ATOM   112 C  C7     . DT  A 1 4 ? 1.73922   4.68219   10.44184  1.000 20.71878  ? 4   DT  A C7     1 
ATOM   113 C  C6     . DT  A 1 4 ? -0.57049  5.59106   10.44105  1.000 19.59575  ? 4   DT  A C6     1 
ATOM   114 H  "H5'"  . DT  A 1 4 ? -3.53462  2.51738   11.45289  1.000 27.37282  ? 4   DT  A "H5'"  1 
ATOM   115 H  "H5''" . DT  A 1 4 ? -4.21208  2.44285   10.02437  1.000 27.37282  ? 4   DT  A "H5''" 1 
ATOM   116 H  "H4'"  . DT  A 1 4 ? -4.93088  4.28667   11.41719  1.000 26.15417  ? 4   DT  A "H4'"  1 
ATOM   117 H  "H3'"  . DT  A 1 4 ? -4.93654  4.35176   8.84603   1.000 25.90927  ? 4   DT  A "H3'"  1 
ATOM   118 H  "H2'"  . DT  A 1 4 ? -2.80384  5.19331   8.66466   1.000 24.62211  ? 4   DT  A "H2'"  1 
ATOM   119 H  "H2''" . DT  A 1 4 ? -3.68928  6.51669   8.49652   1.000 24.62211  ? 4   DT  A "H2''" 1 
ATOM   120 H  "H1'"  . DT  A 1 4 ? -3.45441  7.07272   10.68456  1.000 24.73219  ? 4   DT  A "H1'"  1 
ATOM   121 H  H3     . DT  A 1 4 ? 0.49667   8.95136   10.49831  1.000 26.05835  ? 4   DT  A H3     1 
ATOM   122 H  H71    . DT  A 1 4 ? 1.59864   4.12061   11.22005  1.000 24.86323  ? 4   DT  A H71    1 
ATOM   123 H  H72    . DT  A 1 4 ? 1.62258   4.15370   9.63619   1.000 24.86323  ? 4   DT  A H72    1 
ATOM   124 H  H73    . DT  A 1 4 ? 2.63878   5.04469   10.46269  1.000 24.86323  ? 4   DT  A H73    1 
ATOM   125 H  H6     . DT  A 1 4 ? -0.87260  4.71217   10.42115  1.000 23.51560  ? 4   DT  A H6     1 
ATOM   126 P  P      . DG  A 1 5 ? -7.24563  5.43502   9.57204   1.000 22.96975  ? 5   DG  A P      1 
ATOM   127 O  OP1    . DG  A 1 5 ? -8.19813  6.56475   9.91247   1.000 25.13084  ? 5   DG  A OP1    1 
ATOM   128 O  OP2    . DG  A 1 5 ? -7.51379  4.15882   10.30754  1.000 23.19899  ? 5   DG  A OP2    1 
ATOM   129 O  "O5'"  . DG  A 1 5 ? -7.39384  5.08706   8.01454   1.000 19.82771  ? 5   DG  A "O5'"  1 
ATOM   130 C  "C5'"  . DG  A 1 5 ? -7.10166  6.10579   7.04483   1.000 17.28376  ? 5   DG  A "C5'"  1 
ATOM   131 C  "C4'"  . DG  A 1 5 ? -7.82248  5.79061   5.75839   1.000 15.21602  ? 5   DG  A "C4'"  1 
ATOM   132 O  "O4'"  . DG  A 1 5 ? -7.33102  4.53951   5.23604   1.000 13.82632  ? 5   DG  A "O4'"  1 
ATOM   133 C  "C3'"  . DG  A 1 5 ? -9.33433  5.64216   5.86686   1.000 16.14607  ? 5   DG  A "C3'"  1 
ATOM   134 O  "O3'"  . DG  A 1 5 ? -9.87098  6.19941   4.67499   1.000 17.69568  ? 5   DG  A "O3'"  1 
ATOM   135 C  "C2'"  . DG  A 1 5 ? -9.54859  4.13335   5.97249   1.000 14.53480  ? 5   DG  A "C2'"  1 
ATOM   136 C  "C1'"  . DG  A 1 5 ? -8.35439  3.54415   5.23652   1.000 13.18609  ? 5   DG  A "C1'"  1 
ATOM   137 N  N9     . DG  A 1 5 ? -7.78062  2.34546   5.84832   1.000 12.11939  ? 5   DG  A N9     1 
ATOM   138 C  C8     . DG  A 1 5 ? -7.60220  2.10159   7.18376   1.000 13.21059  ? 5   DG  A C8     1 
ATOM   139 N  N7     . DG  A 1 5 ? -7.01958  0.95449   7.42628   1.000 11.67759  ? 5   DG  A N7     1 
ATOM   140 C  C5     . DG  A 1 5 ? -6.78629  0.41076   6.17082   1.000 10.91668  ? 5   DG  A C5     1 
ATOM   141 C  C6     . DG  A 1 5 ? -6.17166  -0.81497  5.80927   1.000 10.68968  ? 5   DG  A C6     1 
ATOM   142 O  O6     . DG  A 1 5 ? -5.69303  -1.67489  6.55505   1.000 11.42500  ? 5   DG  A O6     1 
ATOM   143 N  N1     . DG  A 1 5 ? -6.12968  -0.96994  4.42437   1.000 9.64624   ? 5   DG  A N1     1 
ATOM   144 C  C2     . DG  A 1 5 ? -6.61400  -0.06604  3.51079   1.000 9.58324   ? 5   DG  A C2     1 
ATOM   145 N  N2     . DG  A 1 5 ? -6.47441  -0.38381  2.21839   1.000 9.19726   ? 5   DG  A N2     1 
ATOM   146 N  N3     . DG  A 1 5 ? -7.19348  1.08904   3.84901   1.000 9.96507   ? 5   DG  A N3     1 
ATOM   147 C  C4     . DG  A 1 5 ? -7.24363  1.25854   5.18873   1.000 10.52345  ? 5   DG  A C4     1 
ATOM   148 H  "H5'"  . DG  A 1 5 ? -6.14594  6.13307   6.88191   1.000 20.74121  ? 5   DG  A "H5'"  1 
ATOM   149 H  "H5''" . DG  A 1 5 ? -7.39824  6.96608   7.37930   1.000 20.74121  ? 5   DG  A "H5''" 1 
ATOM   150 H  "H4'"  . DG  A 1 5 ? -7.62737  6.49108   5.11644   1.000 18.25993  ? 5   DG  A "H4'"  1 
ATOM   151 H  "H3'"  . DG  A 1 5 ? -9.67263  6.09996   6.65212   1.000 19.37598  ? 5   DG  A "H3'"  1 
ATOM   152 H  "H2'"  . DG  A 1 5 ? -9.55019  3.85554   6.90096   1.000 17.44247  ? 5   DG  A "H2'"  1 
ATOM   153 H  "H2''" . DG  A 1 5 ? -10.37602 3.87557   5.53713   1.000 17.44247  ? 5   DG  A "H2''" 1 
ATOM   154 H  "H1'"  . DG  A 1 5 ? -8.60846  3.34648   4.32154   1.000 15.82400  ? 5   DG  A "H1'"  1 
ATOM   155 H  H8     . DG  A 1 5 ? -7.88028  2.68585   7.85178   1.000 15.85341  ? 5   DG  A H8     1 
ATOM   156 H  H1     . DG  A 1 5 ? -5.77267  -1.68981  4.11733   1.000 11.57619  ? 5   DG  A H1     1 
ATOM   157 H  H21    . DG  A 1 5 ? -6.75684  0.15496   1.61061   1.000 11.03742  ? 5   DG  A H21    1 
ATOM   158 H  H22    . DG  A 1 5 ? -6.10165  -1.12623  1.99605   1.000 11.03742  ? 5   DG  A H22    1 
ATOM   159 P  P      . DC  A 1 6 ? -11.46937 6.29223   4.58655   1.000 19.82662  ? 6   DC  A P      1 
ATOM   160 O  OP1    . DC  A 1 6 ? -11.87962 7.53924   3.85627   1.000 23.26679  ? 6   DC  A OP1    1 
ATOM   161 O  OP2    . DC  A 1 6 ? -12.14687 6.08396   5.88801   1.000 19.90016  ? 6   DC  A OP2    1 
ATOM   162 O  "O5'"  . DC  A 1 6 ? -11.85547 5.00257   3.71506   1.000 19.83731  ? 6   DC  A "O5'"  1 
ATOM   163 C  "C5'"  . DC  A 1 6 ? -11.26963 4.81914   2.41659   1.000 20.31956  ? 6   DC  A "C5'"  1 
ATOM   164 C  "C4'"  . DC  A 1 6 ? -11.48607 3.38547   2.01567   1.000 21.16794  ? 6   DC  A "C4'"  1 
ATOM   165 O  "O4'"  . DC  A 1 6 ? -10.73956 2.52588   2.90130   1.000 21.72506  ? 6   DC  A "O4'"  1 
ATOM   166 C  "C3'"  . DC  A 1 6 ? -12.94142 2.91750   2.09478   1.000 22.06632  ? 6   DC  A "C3'"  1 
ATOM   167 O  "O3'"  . DC  A 1 6 ? -13.32927 2.46639   0.80371   1.000 24.34015  ? 6   DC  A "O3'"  1 
ATOM   168 C  "C2'"  . DC  A 1 6 ? -12.91092 1.76061   3.08606   1.000 22.94022  ? 6   DC  A "C2'"  1 
ATOM   169 C  "C1'"  . DC  A 1 6 ? -11.45736 1.32387   3.02277   1.000 22.27565  ? 6   DC  A "C1'"  1 
ATOM   170 N  N1     . DC  A 1 6 ? -10.94191 0.60576   4.20913   1.000 19.88911  ? 6   DC  A N1     1 
ATOM   171 C  C2     . DC  A 1 6 ? -10.17118 -0.54181  4.00772   1.000 18.87506  ? 6   DC  A C2     1 
ATOM   172 O  O2     . DC  A 1 6 ? -9.97458  -0.92621  2.85149   1.000 20.50953  ? 6   DC  A O2     1 
ATOM   173 N  N3     . DC  A 1 6 ? -9.69558  -1.21014  5.07815   1.000 19.16302  ? 6   DC  A N3     1 
ATOM   174 C  C4     . DC  A 1 6 ? -9.93648  -0.76642  6.31281   1.000 18.96964  ? 6   DC  A C4     1 
ATOM   175 N  N4     . DC  A 1 6 ? -9.41892  -1.43884  7.32317   1.000 20.11452  ? 6   DC  A N4     1 
ATOM   176 C  C5     . DC  A 1 6 ? -10.68382 0.42056   6.53497   1.000 20.37561  ? 6   DC  A C5     1 
ATOM   177 C  C6     . DC  A 1 6 ? -11.16745 1.06172   5.46275   1.000 19.81878  ? 6   DC  A C6     1 
ATOM   178 H  "H5'"  . DC  A 1 6 ? -10.31958 5.01032   2.45481   1.000 24.38418  ? 6   DC  A "H5'"  1 
ATOM   179 H  "H5''" . DC  A 1 6 ? -11.69828 5.40833   1.77659   1.000 24.38418  ? 6   DC  A "H5''" 1 
ATOM   180 H  "H4'"  . DC  A 1 6 ? -11.16394 3.26009   1.10924   1.000 25.40222  ? 6   DC  A "H4'"  1 
ATOM   181 H  "H3'"  . DC  A 1 6 ? -13.52075 3.63033   2.40666   1.000 26.48029  ? 6   DC  A "H3'"  1 
ATOM   182 H  "H2'"  . DC  A 1 6 ? -13.14400 2.06564   3.97629   1.000 27.52897  ? 6   DC  A "H2'"  1 
ATOM   183 H  "H2''" . DC  A 1 6 ? -13.49906 1.04463   2.79860   1.000 27.52897  ? 6   DC  A "H2''" 1 
ATOM   184 H  "H1'"  . DC  A 1 6 ? -11.31861 0.78561   2.22983   1.000 26.73148  ? 6   DC  A "H1'"  1 
ATOM   185 H  H41    . DC  A 1 6 ? -9.55757  -1.17605  8.13042   1.000 24.13812  ? 6   DC  A H41    1 
ATOM   186 H  H42    . DC  A 1 6 ? -8.94345  -2.13933  7.17426   1.000 24.13812  ? 6   DC  A H42    1 
ATOM   187 H  H5     . DC  A 1 6 ? -10.85499 0.72701   7.39631   1.000 24.45143  ? 6   DC  A H5     1 
ATOM   188 H  H6     . DC  A 1 6 ? -11.67311 1.83266   5.58313   1.000 23.78323  ? 6   DC  A H6     1 
ATOM   189 P  P      . DT  A 1 7 ? -14.75609 2.93307   0.23587   1.000 27.15706  ? 7   DT  A P      1 
ATOM   190 O  OP1    . DT  A 1 7 ? -15.06774 4.36419   0.54780   1.000 28.96065  ? 7   DT  A OP1    1 
ATOM   191 O  OP2    . DT  A 1 7 ? -15.82230 1.96598   0.63817   1.000 28.93112  ? 7   DT  A OP2    1 
ATOM   192 O  "O5'"  . DT  A 1 7 ? -14.49649 2.82140   -1.33610  1.000 27.20863  ? 7   DT  A "O5'"  1 
ATOM   193 C  "C5'"  . DT  A 1 7 ? -13.35456 3.49560   -1.91882  1.000 27.54601  ? 7   DT  A "C5'"  1 
ATOM   194 C  "C4'"  . DT  A 1 7 ? -13.27381 3.15398   -3.38362  1.000 28.99558  ? 7   DT  A "C4'"  1 
ATOM   195 O  "O4'"  . DT  A 1 7 ? -12.62149 1.87936   -3.52047  1.000 29.28169  ? 7   DT  A "O4'"  1 
ATOM   196 C  "C3'"  . DT  A 1 7 ? -14.61983 3.04757   -4.10078  1.000 30.53594  ? 7   DT  A "C3'"  1 
ATOM   197 O  "O3'"  . DT  A 1 7 ? -14.73779 4.09128   -5.05555  1.000 31.86752  ? 7   DT  A "O3'"  1 
ATOM   198 C  "C2'"  . DT  A 1 7 ? -14.59762 1.72119   -4.84398  1.000 30.99823  ? 7   DT  A "C2'"  1 
ATOM   199 C  "C1'"  . DT  A 1 7 ? -13.35763 0.99441   -4.34727  1.000 30.11366  ? 7   DT  A "C1'"  1 
ATOM   200 N  N1     . DT  A 1 7 ? -13.64930 -0.21230  -3.55010  1.000 29.05750  ? 7   DT  A N1     1 
ATOM   201 C  C2     . DT  A 1 7 ? -14.09798 -1.33227  -4.21468  1.000 29.12770  ? 7   DT  A C2     1 
ATOM   202 O  O2     . DT  A 1 7 ? -14.29157 -1.35313  -5.41734  1.000 30.30362  ? 7   DT  A O2     1 
ATOM   203 N  N3     . DT  A 1 7 ? -14.32915 -2.42427  -3.41996  1.000 29.76623  ? 7   DT  A N3     1 
ATOM   204 C  C4     . DT  A 1 7 ? -14.14280 -2.51577  -2.05792  1.000 30.44315  ? 7   DT  A C4     1 
ATOM   205 O  O4     . DT  A 1 7 ? -14.39236 -3.57109  -1.47735  1.000 32.17670  ? 7   DT  A O4     1 
ATOM   206 C  C5     . DT  A 1 7 ? -13.65843 -1.31116  -1.42560  1.000 28.98180  ? 7   DT  A C5     1 
ATOM   207 C  C7     . DT  A 1 7 ? -13.41861 -1.30966  0.05292   1.000 29.34743  ? 7   DT  A C7     1 
ATOM   208 C  C6     . DT  A 1 7 ? -13.43297 -0.23572  -2.18884  1.000 28.41547  ? 7   DT  A C6     1 
ATOM   209 H  "H5'"  . DT  A 1 7 ? -12.54411 3.20536   -1.47309  1.000 33.05591  ? 7   DT  A "H5'"  1 
ATOM   210 H  "H5''" . DT  A 1 7 ? -13.45564 4.45426   -1.81423  1.000 33.05591  ? 7   DT  A "H5''" 1 
ATOM   211 H  "H4'"  . DT  A 1 7 ? -12.73639 3.82712   -3.82982  1.000 34.79540  ? 7   DT  A "H4'"  1 
ATOM   212 H  "H3'"  . DT  A 1 7 ? -15.35360 3.07454   -3.46775  1.000 36.64383  ? 7   DT  A "H3'"  1 
ATOM   213 H  "HO3'" . DT  A 1 7 ? -14.87138 3.91072   -5.86527  1.000 38.24173  ? 7   DT  A "HO3'" 1 
ATOM   214 H  "H2'"  . DT  A 1 7 ? -15.39144 1.20717   -4.63898  1.000 37.19857  ? 7   DT  A "H2'"  1 
ATOM   215 H  "H2''" . DT  A 1 7 ? -14.53415 1.87378   -5.79939  1.000 37.19857  ? 7   DT  A "H2''" 1 
ATOM   216 H  "H1'"  . DT  A 1 7 ? -12.81135 0.74528   -5.10912  1.000 36.13709  ? 7   DT  A "H1'"  1 
ATOM   217 H  H3     . DT  A 1 7 ? -14.61806 -3.13174  -3.81546  1.000 35.72017  ? 7   DT  A H3     1 
ATOM   218 H  H71    . DT  A 1 7 ? -13.52556 -0.40951  0.39672   1.000 35.21761  ? 7   DT  A H71    1 
ATOM   219 H  H72    . DT  A 1 7 ? -14.05752 -1.89810  0.48284   1.000 35.21761  ? 7   DT  A H72    1 
ATOM   220 H  H73    . DT  A 1 7 ? -12.51745 -1.61969  0.23528   1.000 35.21761  ? 7   DT  A H73    1 
ATOM   221 H  H6     . DT  A 1 7 ? -13.11459 0.53612   -1.77929  1.000 34.09927  ? 7   DT  A H6     1 
ATOM   222 O  "O5'"  A DG  B 1 1 ? 7.29794   -5.24135  -9.90087  0.052 15.76263  ? 1   DG  B "O5'"  1 
ATOM   223 O  "O5'"  B DG  B 1 1 ? 7.35856   -5.27880  -9.97389  0.948 17.39774  ? 1   DG  B "O5'"  1 
ATOM   224 C  "C5'"  A DG  B 1 1 ? 8.31024   -5.94183  -9.22634  0.052 14.56037  ? 1   DG  B "C5'"  1 
ATOM   225 C  "C5'"  B DG  B 1 1 ? 8.28788   -6.00949  -9.25796  0.948 15.20655  ? 1   DG  B "C5'"  1 
ATOM   226 C  "C4'"  A DG  B 1 1 ? 8.05054   -6.01242  -7.72458  0.052 13.13294  ? 1   DG  B "C4'"  1 
ATOM   227 C  "C4'"  B DG  B 1 1 ? 8.01434   -6.00334  -7.74964  0.948 13.06988  ? 1   DG  B "C4'"  1 
ATOM   228 O  "O4'"  A DG  B 1 1 ? 8.16782   -4.69798  -7.10765  0.052 13.34047  ? 1   DG  B "O4'"  1 
ATOM   229 O  "O4'"  B DG  B 1 1 ? 8.11799   -4.65993  -7.19652  0.948 13.27825  ? 1   DG  B "O4'"  1 
ATOM   230 C  "C3'"  A DG  B 1 1 ? 6.68624   -6.50038  -7.33367  0.052 11.55153  ? 1   DG  B "C3'"  1 
ATOM   231 C  "C3'"  B DG  B 1 1 ? 6.66412   -6.49147  -7.35283  0.948 10.87351  ? 1   DG  B "C3'"  1 
ATOM   232 O  "O3'"  A DG  B 1 1 ? 6.79863   -7.16343  -6.08397  0.052 10.60900  ? 1   DG  B "O3'"  1 
ATOM   233 O  "O3'"  B DG  B 1 1 ? 6.78657   -7.15593  -6.09788  0.948 10.14437  ? 1   DG  B "O3'"  1 
ATOM   234 C  "C2'"  A DG  B 1 1 ? 5.87472   -5.19981  -7.28555  0.052 11.83232  ? 1   DG  B "C2'"  1 
ATOM   235 C  "C2'"  B DG  B 1 1 ? 5.83487   -5.19585  -7.31221  0.948 11.05551  ? 1   DG  B "C2'"  1 
ATOM   236 C  "C1'"  A DG  B 1 1 ? 6.87887   -4.22665  -6.69599  0.052 12.92794  ? 1   DG  B "C1'"  1 
ATOM   237 C  "C1'"  B DG  B 1 1 ? 6.82200   -4.20459  -6.74783  0.948 11.88114  ? 1   DG  B "C1'"  1 
ATOM   238 N  N9     A DG  B 1 1 ? 6.76890   -2.85471  -7.14660  0.052 13.91367  ? 1   DG  B N9     1 
ATOM   239 N  N9     B DG  B 1 1 ? 6.67047   -2.85185  -7.20727  0.948 12.77709  ? 1   DG  B N9     1 
ATOM   240 C  C8     A DG  B 1 1 ? 6.50742   -2.39973  -8.41290  0.052 14.84208  ? 1   DG  B C8     1 
ATOM   241 C  C8     B DG  B 1 1 ? 6.41169   -2.42171  -8.47666  0.948 14.66205  ? 1   DG  B C8     1 
ATOM   242 N  N7     A DG  B 1 1 ? 6.56840   -1.10293  -8.52494  0.052 15.79999  ? 1   DG  B N7     1 
ATOM   243 N  N7     B DG  B 1 1 ? 6.47493   -1.13274  -8.62315  0.948 16.49949  ? 1   DG  B N7     1 
ATOM   244 C  C5     A DG  B 1 1 ? 6.92550   -0.67750  -7.25852  0.052 15.85798  ? 1   DG  B C5     1 
ATOM   245 C  C5     B DG  B 1 1 ? 6.85449   -0.68594  -7.38056  0.948 15.96457  ? 1   DG  B C5     1 
ATOM   246 C  C6     A DG  B 1 1 ? 7.14552   0.63234   -6.76929  0.052 16.54990  ? 1   DG  B C6     1 
ATOM   247 C  C6     B DG  B 1 1 ? 7.08169   0.63206   -6.93434  0.948 16.56444  ? 1   DG  B C6     1 
ATOM   248 O  O6     A DG  B 1 1 ? 7.09490   1.70420   -7.38567  0.052 16.87246  ? 1   DG  B O6     1 
ATOM   249 O  O6     B DG  B 1 1 ? 7.05331   1.69027   -7.60030  0.948 17.41563  ? 1   DG  B O6     1 
ATOM   250 N  N1     A DG  B 1 1 ? 7.48169   0.62448   -5.43930  0.052 16.58471  ? 1   DG  B N1     1 
ATOM   251 N  N1     B DG  B 1 1 ? 7.42633   0.65263   -5.62002  0.948 15.26181  ? 1   DG  B N1     1 
ATOM   252 C  C2     A DG  B 1 1 ? 7.59203   -0.49677  -4.65929  0.052 16.06611  ? 1   DG  B C2     1 
ATOM   253 C  C2     B DG  B 1 1 ? 7.52612   -0.44471  -4.80669  0.948 14.95265  ? 1   DG  B C2     1 
ATOM   254 N  N2     A DG  B 1 1 ? 7.91481   -0.29346  -3.37287  0.052 16.38135  ? 1   DG  B N2     1 
ATOM   255 N  N2     B DG  B 1 1 ? 7.83040   -0.20536  -3.51817  0.948 16.25672  ? 1   DG  B N2     1 
ATOM   256 N  N3     A DG  B 1 1 ? 7.39223   -1.74334  -5.09987  0.052 14.73645  ? 1   DG  B N3     1 
ATOM   257 N  N3     B DG  B 1 1 ? 7.31637   -1.71424  -5.20824  0.948 12.62193  ? 1   DG  B N3     1 
ATOM   258 C  C4     A DG  B 1 1 ? 7.05033   -1.74717  -6.40142  0.052 14.55694  ? 1   DG  B C4     1 
ATOM   259 C  C4     B DG  B 1 1 ? 6.96219   -1.73890  -6.49276  0.948 12.85418  ? 1   DG  B C4     1 
ATOM   260 H  "H5'"  A DG  B 1 1 ? 9.15761   -5.49576  -9.37914  0.052 17.47314  ? 1   DG  B "H5'"  1 
ATOM   261 H  "H5'"  B DG  B 1 1 ? 9.16888   -5.63619  -9.41768  0.948 18.24856  ? 1   DG  B "H5'"  1 
ATOM   262 H  "H5''" A DG  B 1 1 ? 8.35996   -6.84359  -9.58058  0.052 17.47314  ? 1   DG  B "H5''" 1 
ATOM   263 H  "H5''" B DG  B 1 1 ? 8.27468   -6.92647  -9.57385  0.948 18.24856  ? 1   DG  B "H5''" 1 
ATOM   264 H  "H4'"  A DG  B 1 1 ? 8.71259   -6.59918  -7.32643  0.052 15.76023  ? 1   DG  B "H4'"  1 
ATOM   265 H  "H4'"  B DG  B 1 1 ? 8.67860   -6.56288  -7.31851  0.948 15.68456  ? 1   DG  B "H4'"  1 
ATOM   266 H  "H3'"  A DG  B 1 1 ? 6.33296   -7.09887  -8.01035  0.052 13.86253  ? 1   DG  B "H3'"  1 
ATOM   267 H  "H3'"  B DG  B 1 1 ? 6.31430   -7.09685  -8.02545  0.948 13.04891  ? 1   DG  B "H3'"  1 
ATOM   268 H  "H2'"  A DG  B 1 1 ? 5.60739   -4.92682  -8.17684  0.052 14.19949  ? 1   DG  B "H2'"  1 
ATOM   269 H  "H2'"  B DG  B 1 1 ? 5.55616   -4.93822  -8.20408  0.948 13.26731  ? 1   DG  B "H2'"  1 
ATOM   270 H  "H2''" A DG  B 1 1 ? 5.10422   -5.29467  -6.70464  0.052 14.19949  ? 1   DG  B "H2''" 1 
ATOM   271 H  "H2''" B DG  B 1 1 ? 5.06993   -5.29414  -6.72367  0.948 13.26731  ? 1   DG  B "H2''" 1 
ATOM   272 H  "H1'"  A DG  B 1 1 ? 6.82155   -4.25254  -5.72793  0.052 15.51423  ? 1   DG  B "H1'"  1 
ATOM   273 H  "H1'"  B DG  B 1 1 ? 6.78776   -4.22658  -5.77862  0.948 14.25806  ? 1   DG  B "H1'"  1 
ATOM   274 H  H8     A DG  B 1 1 ? 6.30155   -2.96280  -9.12405  0.052 17.81119  ? 1   DG  B H8     1 
ATOM   275 H  H8     B DG  B 1 1 ? 6.21458   -3.00125  -9.17646  0.948 17.59516  ? 1   DG  B H8     1 
ATOM   276 H  H1     A DG  B 1 1 ? 7.62294   1.38417   -5.06289  0.052 19.90236  ? 1   DG  B H1     1 
ATOM   277 H  H1     B DG  B 1 1 ? 7.56281   1.42244   -5.26126  0.948 18.31487  ? 1   DG  B H1     1 
ATOM   278 H  H21    A DG  B 1 1 ? 7.99168   -0.96221  -2.83834  0.052 19.65832  ? 1   DG  B H21    1 
ATOM   279 H  H21    B DG  B 1 1 ? 7.79105   -0.84226  -2.94201  0.948 19.50876  ? 1   DG  B H21    1 
ATOM   280 H  H22    A DG  B 1 1 ? 8.04496   0.50624   -3.08311  0.052 19.65832  ? 1   DG  B H22    1 
ATOM   281 H  H22    B DG  B 1 1 ? 8.06263   0.58516   -3.27071  0.948 19.50876  ? 1   DG  B H22    1 
ATOM   282 H  "HO5'" A DG  B 1 1 ? 6.73757   -5.65833  -10.36733 0.052 18.91586  ? 1   DG  B "HO5'" 1 
ATOM   283 H  "HO5'" B DG  B 1 1 ? 6.77871   -5.67379  -10.43613 0.948 20.87798  ? 1   DG  B "HO5'" 1 
ATOM   284 P  P      . DC  B 1 2 ? 5.52755   -7.71789  -5.28419  1.000 9.89932   ? 2   DC  B P      1 
ATOM   285 O  OP1    . DC  B 1 2 ? 6.08287   -8.80715  -4.50249  1.000 10.22629  ? 2   DC  B OP1    1 
ATOM   286 O  OP2    . DC  B 1 2 ? 4.37968   -7.92675  -6.20426  1.000 11.55203  ? 2   DC  B OP2    1 
ATOM   287 O  "O5'"  . DC  B 1 2 ? 5.16708   -6.51139  -4.33975  1.000 9.26651   ? 2   DC  B "O5'"  1 
ATOM   288 C  "C5'"  . DC  B 1 2 ? 5.95081   -6.20776  -3.15922  1.000 8.51213   ? 2   DC  B "C5'"  1 
ATOM   289 C  "C4'"  . DC  B 1 2 ? 5.17629   -5.21044  -2.32926  1.000 7.91918   ? 2   DC  B "C4'"  1 
ATOM   290 O  "O4'"  . DC  B 1 2 ? 5.16478   -3.96431  -2.99623  1.000 9.05716   ? 2   DC  B "O4'"  1 
ATOM   291 C  "C3'"  . DC  B 1 2 ? 3.72507   -5.61410  -2.11946  1.000 7.51867   ? 2   DC  B "C3'"  1 
ATOM   292 O  "O3'"  . DC  B 1 2 ? 3.41010   -5.63075  -0.73110  1.000 8.17825   ? 2   DC  B "O3'"  1 
ATOM   293 C  "C2'"  . DC  B 1 2 ? 2.95092   -4.56051  -2.87545  1.000 8.32230   ? 2   DC  B "C2'"  1 
ATOM   294 C  "C1'"  . DC  B 1 2 ? 3.91666   -3.39501  -2.91630  1.000 8.42264   ? 2   DC  B "C1'"  1 
ATOM   295 N  N1     . DC  B 1 2 ? 3.74903   -2.47376  -4.05949  1.000 7.89428   ? 2   DC  B N1     1 
ATOM   296 C  C2     . DC  B 1 2 ? 4.05862   -1.12039  -3.89370  1.000 7.61622   ? 2   DC  B C2     1 
ATOM   297 O  O2     . DC  B 1 2 ? 4.43789   -0.72250  -2.78408  1.000 8.25145   ? 2   DC  B O2     1 
ATOM   298 N  N3     . DC  B 1 2 ? 3.96856   -0.28892  -4.94180  1.000 7.65069   ? 2   DC  B N3     1 
ATOM   299 C  C4     . DC  B 1 2 ? 3.59454   -0.76792  -6.12308  1.000 7.89229   ? 2   DC  B C4     1 
ATOM   300 N  N4     . DC  B 1 2 ? 3.50744   0.08575   -7.13014  1.000 8.77869   ? 2   DC  B N4     1 
ATOM   301 C  C5     . DC  B 1 2 ? 3.31854   -2.15185  -6.34532  1.000 8.34356   ? 2   DC  B C5     1 
ATOM   302 C  C6     . DC  B 1 2 ? 3.43321   -2.96067  -5.30447  1.000 8.53010   ? 2   DC  B C6     1 
ATOM   303 H  "H5'"  . DC  B 1 2 ? 6.80309   -5.82531  -3.42118  1.000 10.21526  ? 2   DC  B "H5'"  1 
ATOM   304 H  "H5''" . DC  B 1 2 ? 6.09840   -7.01771  -2.64643  1.000 10.21526  ? 2   DC  B "H5''" 1 
ATOM   305 H  "H4'"  . DC  B 1 2 ? 5.60697   -5.10863  -1.46741  1.000 9.50372   ? 2   DC  B "H4'"  1 
ATOM   306 H  "H3'"  . DC  B 1 2 ? 3.56391   -6.48829  -2.50858  1.000 9.02311   ? 2   DC  B "H3'"  1 
ATOM   307 H  "H2'"  . DC  B 1 2 ? 2.73993   -4.87175  -3.76677  1.000 9.98746   ? 2   DC  B "H2'"  1 
ATOM   308 H  "H2''" . DC  B 1 2 ? 2.14329   -4.31871  -2.39453  1.000 9.98746   ? 2   DC  B "H2''" 1 
ATOM   309 H  "H1'"  . DC  B 1 2 ? 3.84664   -2.89519  -2.08876  1.000 10.10787  ? 2   DC  B "H1'"  1 
ATOM   310 H  H41    . DC  B 1 2 ? 3.26819   -0.19074  -7.90876  1.000 10.53512  ? 2   DC  B H41    1 
ATOM   311 H  H42    . DC  B 1 2 ? 3.68974   0.91668   -7.00635  1.000 10.53512  ? 2   DC  B H42    1 
ATOM   312 H  H5     . DC  B 1 2 ? 3.04909   -2.46647  -7.17758  1.000 10.01297  ? 2   DC  B H5     1 
ATOM   313 H  H6     . DC  B 1 2 ? 3.23056   -3.86234  -5.40475  1.000 10.23682  ? 2   DC  B H6     1 
ATOM   314 P  P      . DA  B 1 3 ? 2.58915   -6.88356  -0.10666  1.000 7.45150   ? 3   DA  B P      1 
ATOM   315 O  OP1    . DA  B 1 3 ? 3.10621   -8.17223  -0.61811  1.000 8.63872   ? 3   DA  B OP1    1 
ATOM   316 O  OP2    . DA  B 1 3 ? 1.13587   -6.63240  -0.22988  1.000 7.84849   ? 3   DA  B OP2    1 
ATOM   317 O  "O5'"  . DA  B 1 3 ? 2.91433   -6.70671  1.40522   1.000 7.84731   ? 3   DA  B "O5'"  1 
ATOM   318 C  "C5'"  . DA  B 1 3 ? 4.25326   -6.80177  1.90535   1.000 8.92228   ? 3   DA  B "C5'"  1 
ATOM   319 C  "C4'"  . DA  B 1 3 ? 4.35038   -5.89784  3.12673   1.000 8.73669   ? 3   DA  B "C4'"  1 
ATOM   320 O  "O4'"  . DA  B 1 3 ? 4.23982   -4.52109  2.66902   1.000 8.87387   ? 3   DA  B "O4'"  1 
ATOM   321 C  "C3'"  . DA  B 1 3 ? 3.24416   -6.08612  4.17569   1.000 8.97889   ? 3   DA  B "C3'"  1 
ATOM   322 O  "O3'"  . DA  B 1 3 ? 3.74678   -5.98719  5.48240   1.000 11.63117  ? 3   DA  B "O3'"  1 
ATOM   323 C  "C2'"  . DA  B 1 3 ? 2.29671   -4.90669  3.89323   1.000 8.36197   ? 3   DA  B "C2'"  1 
ATOM   324 C  "C1'"  . DA  B 1 3 ? 3.25354   -3.83104  3.42533   1.000 7.98872   ? 3   DA  B "C1'"  1 
ATOM   325 N  N9     . DA  B 1 3 ? 2.67107   -2.83508  2.55488   1.000 7.45645   ? 3   DA  B N9     1 
ATOM   326 C  C8     . DA  B 1 3 ? 2.52015   -2.89484  1.18619   1.000 7.33823   ? 3   DA  B C8     1 
ATOM   327 N  N7     . DA  B 1 3 ? 1.91779   -1.83306  0.68281   1.000 6.98353   ? 3   DA  B N7     1 
ATOM   328 C  C5     . DA  B 1 3 ? 1.67072   -1.02658  1.78602   1.000 6.80727   ? 3   DA  B C5     1 
ATOM   329 C  C6     . DA  B 1 3 ? 1.07010   0.23082   1.89869   1.000 6.65059   ? 3   DA  B C6     1 
ATOM   330 N  N6     . DA  B 1 3 ? 0.63385   0.92402   0.88456   1.000 7.28744   ? 3   DA  B N6     1 
ATOM   331 N  N1     . DA  B 1 3 ? 0.95209   0.72533   3.17005   1.000 7.09974   ? 3   DA  B N1     1 
ATOM   332 C  C2     . DA  B 1 3 ? 1.40956   -0.00256  4.20273   1.000 7.19678   ? 3   DA  B C2     1 
ATOM   333 N  N3     . DA  B 1 3 ? 1.99553   -1.17999  4.18801   1.000 7.22153   ? 3   DA  B N3     1 
ATOM   334 C  C4     . DA  B 1 3 ? 2.09575   -1.64760  2.95190   1.000 6.89636   ? 3   DA  B C4     1 
ATOM   335 H  "H5'"  . DA  B 1 3 ? 4.87998   -6.50669  1.22657   1.000 10.70744  ? 3   DA  B "H5'"  1 
ATOM   336 H  "H5''" . DA  B 1 3 ? 4.44694   -7.71806  2.15793   1.000 10.70744  ? 3   DA  B "H5''" 1 
ATOM   337 H  "H4'"  . DA  B 1 3 ? 5.21428   -6.02442  3.54924   1.000 10.48472  ? 3   DA  B "H4'"  1 
ATOM   338 H  "H3'"  . DA  B 1 3 ? 2.78686   -6.93200  4.04408   1.000 10.77537  ? 3   DA  B "H3'"  1 
ATOM   339 H  "H2'"  . DA  B 1 3 ? 1.66339   -5.13331  3.19395   1.000 10.03506  ? 3   DA  B "H2'"  1 
ATOM   340 H  "H2''" . DA  B 1 3 ? 1.83822   -4.63124  4.70247   1.000 10.03506  ? 3   DA  B "H2''" 1 
ATOM   341 H  "H1'"  . DA  B 1 3 ? 3.66687   -3.40083  4.19024   1.000 9.58717   ? 3   DA  B "H1'"  1 
ATOM   342 H  H8     . DA  B 1 3 ? 2.82583   -3.60444  0.66760   1.000 8.80658   ? 3   DA  B H8     1 
ATOM   343 H  H61    . DA  B 1 3 ? 0.27106   1.69346   1.01368   1.000 8.74563   ? 3   DA  B H61    1 
ATOM   344 H  H62    . DA  B 1 3 ? 0.70872   0.61188   0.08608   1.000 8.74563   ? 3   DA  B H62    1 
ATOM   345 H  H2     . DA  B 1 3 ? 1.31993   0.39041   5.04114   1.000 8.63684   ? 3   DA  B H2     1 
ATOM   346 P  P      . DT  B 1 4 ? 3.49549   -7.19012  6.50558   1.000 15.73567  ? 4   DT  B P      1 
ATOM   347 O  OP1    . DT  B 1 4 ? 2.08676   -7.51397  6.35733   1.000 18.82254  ? 4   DT  B OP1    1 
ATOM   348 O  OP2    . DT  B 1 4 ? 4.01051   -6.80486  7.78796   1.000 17.79930  ? 4   DT  B OP2    1 
ATOM   349 O  "O5'"  . DT  B 1 4 ? 4.29250   -8.42054  5.94559   1.000 16.30316  ? 4   DT  B "O5'"  1 
ATOM   350 C  "C5'"  . DT  B 1 4 ? 5.70948   -8.54285  6.18694   1.000 15.42742  ? 4   DT  B "C5'"  1 
ATOM   351 C  "C4'"  . DT  B 1 4 ? 6.21036   -9.88584  5.69272   1.000 13.15376  ? 4   DT  B "C4'"  1 
ATOM   352 O  "O4'"  . DT  B 1 4 ? 5.42093   -10.87302 6.36700   1.000 13.45000  ? 4   DT  B "O4'"  1 
ATOM   353 C  "C3'"  . DT  B 1 4 ? 6.03670   -10.13518 4.21643   1.000 12.48919  ? 4   DT  B "C3'"  1 
ATOM   354 O  "O3'"  . DT  B 1 4 ? 7.05736   -10.93133 3.63886   1.000 12.81854  ? 4   DT  B "O3'"  1 
ATOM   355 C  "C2'"  . DT  B 1 4 ? 4.73490   -10.90665 4.17438   1.000 13.67258  ? 4   DT  B "C2'"  1 
ATOM   356 C  "C1'"  . DT  B 1 4 ? 4.84965   -11.73658 5.44336   1.000 14.10898  ? 4   DT  B "C1'"  1 
ATOM   357 N  N1     . DT  B 1 4 ? 3.58337   -12.24275 5.96533   1.000 15.77119  ? 4   DT  B N1     1 
ATOM   358 C  C2     . DT  B 1 4 ? 3.47372   -13.59302 6.28443   1.000 17.18113  ? 4   DT  B C2     1 
ATOM   359 O  O2     . DT  B 1 4 ? 4.40172   -14.35141 6.19005   1.000 18.58918  ? 4   DT  B O2     1 
ATOM   360 N  N3     . DT  B 1 4 ? 2.25489   -13.98822 6.72207   1.000 17.92815  ? 4   DT  B N3     1 
ATOM   361 C  C4     . DT  B 1 4 ? 1.14569   -13.18432 6.92945   1.000 18.98463  ? 4   DT  B C4     1 
ATOM   362 O  O4     . DT  B 1 4 ? 0.07810   -13.64628 7.33331   1.000 20.92348  ? 4   DT  B O4     1 
ATOM   363 C  C5     . DT  B 1 4 ? 1.32195   -11.76429 6.60376   1.000 18.13392  ? 4   DT  B C5     1 
ATOM   364 C  C7     . DT  B 1 4 ? 0.20380   -10.79603 6.80801   1.000 19.51828  ? 4   DT  B C7     1 
ATOM   365 C  C6     . DT  B 1 4 ? 2.51883   -11.36212 6.14648   1.000 17.35114  ? 4   DT  B C6     1 
ATOM   366 H  "H5'"  . DT  B 1 4 ? 5.88121   -8.46626  7.13884   1.000 18.51361  ? 4   DT  B "H5'"  1 
ATOM   367 H  "H5''" . DT  B 1 4 ? 6.17725   -7.83356  5.71929   1.000 18.51361  ? 4   DT  B "H5''" 1 
ATOM   368 H  "H4'"  . DT  B 1 4 ? 7.14341   -9.99471  5.93491   1.000 15.78521  ? 4   DT  B "H4'"  1 
ATOM   369 H  "H3'"  . DT  B 1 4 ? 5.94734   -9.29557  3.73912   1.000 14.98772  ? 4   DT  B "H3'"  1 
ATOM   370 H  "H2'"  . DT  B 1 4 ? 3.97495   -10.30584 4.21529   1.000 16.40779  ? 4   DT  B "H2'"  1 
ATOM   371 H  "H2''" . DT  B 1 4 ? 4.69235   -11.47488 3.38963   1.000 16.40779  ? 4   DT  B "H2''" 1 
ATOM   372 H  "H1'"  . DT  B 1 4 ? 5.44990   -12.47535 5.28630   1.000 16.93148  ? 4   DT  B "H1'"  1 
ATOM   373 H  H3     . DT  B 1 4 ? 2.17214   -14.81873 6.93105   1.000 21.51448  ? 4   DT  B H3     1 
ATOM   374 H  H71    . DT  B 1 4 ? 0.48236   -10.10757 7.43181   1.000 23.42264  ? 4   DT  B H71    1 
ATOM   375 H  H72    . DT  B 1 4 ? -0.02972  -10.38790 5.95993   1.000 23.42264  ? 4   DT  B H72    1 
ATOM   376 H  H73    . DT  B 1 4 ? -0.56757  -11.26271 7.16474   1.000 23.42264  ? 4   DT  B H73    1 
ATOM   377 H  H6     . DT  B 1 4 ? 2.63814   -10.46564 5.93096   1.000 20.82207  ? 4   DT  B H6     1 
ATOM   378 P  P      . DG  B 1 5 ? 8.43637   -10.27277 3.13614   1.000 12.69118  ? 5   DG  B P      1 
ATOM   379 O  OP1    . DG  B 1 5 ? 9.23939   -11.39186 2.61752   1.000 13.63934  ? 5   DG  B OP1    1 
ATOM   380 O  OP2    . DG  B 1 5 ? 9.03112   -9.36578  4.13554   1.000 13.49164  ? 5   DG  B OP2    1 
ATOM   381 O  "O5'"  . DG  B 1 5 ? 7.99006   -9.31388  1.98437   1.000 11.80496  ? 5   DG  B "O5'"  1 
ATOM   382 C  "C5'"  . DG  B 1 5 ? 7.32314   -9.80906  0.81882   1.000 10.53887  ? 5   DG  B "C5'"  1 
ATOM   383 C  "C4'"  . DG  B 1 5 ? 7.63315   -8.89476  -0.34970  1.000 9.80893   ? 5   DG  B "C4'"  1 
ATOM   384 O  "O4'"  . DG  B 1 5 ? 7.10630   -7.56601  -0.12589  1.000 9.29090   ? 5   DG  B "O4'"  1 
ATOM   385 C  "C3'"  . DG  B 1 5 ? 9.13514   -8.71094  -0.63453  1.000 9.68417   ? 5   DG  B "C3'"  1 
ATOM   386 O  "O3'"  . DG  B 1 5 ? 9.30684   -8.72095  -2.03079  1.000 10.33052  ? 5   DG  B "O3'"  1 
ATOM   387 C  "C2'"  . DG  B 1 5 ? 9.50393   -7.38253  0.01063   1.000 9.87195   ? 5   DG  B "C2'"  1 
ATOM   388 C  "C1'"  . DG  B 1 5 ? 8.18517   -6.60520  0.01332   1.000 8.86375   ? 5   DG  B "C1'"  1 
ATOM   389 N  N9     . DG  B 1 5 ? 7.93556   -5.82131  1.24489   1.000 8.93900   ? 5   DG  B N9     1 
ATOM   390 C  C8     . DG  B 1 5 ? 8.17098   -6.20863  2.54582   1.000 9.55454   ? 5   DG  B C8     1 
ATOM   391 N  N7     . DG  B 1 5 ? 7.83504   -5.29517  3.43812   1.000 9.00705   ? 5   DG  B N7     1 
ATOM   392 C  C5     . DG  B 1 5 ? 7.29652   -4.26221  2.66032   1.000 8.58808   ? 5   DG  B C5     1 
ATOM   393 C  C6     . DG  B 1 5 ? 6.68876   -3.04461  3.04899   1.000 8.41578   ? 5   DG  B C6     1 
ATOM   394 O  O6     . DG  B 1 5 ? 6.49779   -2.62724  4.19524   1.000 9.46217   ? 5   DG  B O6     1 
ATOM   395 N  N1     . DG  B 1 5 ? 6.26959   -2.31807  1.96894   1.000 7.98968   ? 5   DG  B N1     1 
ATOM   396 C  C2     . DG  B 1 5 ? 6.31458   -2.71941  0.67428   1.000 7.78835   ? 5   DG  B C2     1 
ATOM   397 N  N2     . DG  B 1 5 ? 5.80609   -1.88480  -0.22729  1.000 7.90543   ? 5   DG  B N2     1 
ATOM   398 N  N3     . DG  B 1 5 ? 6.89866   -3.83979  0.27673   1.000 7.92508   ? 5   DG  B N3     1 
ATOM   399 C  C4     . DG  B 1 5 ? 7.30966   -4.58282  1.32002   1.000 8.18459   ? 5   DG  B C4     1 
ATOM   400 H  "H5'"  . DG  B 1 5 ? 6.36598   -9.82529  0.97414   1.000 12.64734  ? 5   DG  B "H5'"  1 
ATOM   401 H  "H5''" . DG  B 1 5 ? 7.63551   -10.70599 0.62196   1.000 12.64734  ? 5   DG  B "H5''" 1 
ATOM   402 H  "H4'"  . DG  B 1 5 ? 7.21384   -9.26148  -1.14365  1.000 11.77141  ? 5   DG  B "H4'"  1 
ATOM   403 H  "H3'"  . DG  B 1 5 ? 9.64200   -9.43146  -0.22956  1.000 11.62170  ? 5   DG  B "H3'"  1 
ATOM   404 H  "H2'"  . DG  B 1 5 ? 9.82154   -7.52204  0.91594   1.000 11.84704  ? 5   DG  B "H2'"  1 
ATOM   405 H  "H2''" . DG  B 1 5 ? 10.17040  -6.92035  -0.51766  1.000 11.84704  ? 5   DG  B "H2''" 1 
ATOM   406 H  "H1'"  . DG  B 1 5 ? 8.17261   -6.00572  -0.74890  1.000 10.63720  ? 5   DG  B "H1'"  1 
ATOM   407 H  H8     . DG  B 1 5 ? 8.61666   -6.99415  2.76825   1.000 11.46615  ? 5   DG  B H8     1 
ATOM   408 H  H1     . DG  B 1 5 ? 5.87180   -1.57255  2.13174   1.000 9.58832   ? 5   DG  B H1     1 
ATOM   409 H  H21    . DG  B 1 5 ? 5.85686   -2.07366  -1.06497  1.000 9.48721   ? 5   DG  B H21    1 
ATOM   410 H  H22    . DG  B 1 5 ? 5.42636   -1.15615  0.02737   1.000 9.48721   ? 5   DG  B H22    1 
ATOM   411 P  P      A DC  B 1 6 ? 10.74929  -8.52209  -2.70464  0.599 11.42290  ? 6   DC  B P      1 
ATOM   412 P  P      B DC  B 1 6 ? 10.74776  -8.51153  -2.70610  0.401 10.19188  ? 6   DC  B P      1 
ATOM   413 O  OP1    A DC  B 1 6 ? 10.81030  -9.35869  -3.96429  0.599 12.05239  ? 6   DC  B OP1    1 
ATOM   414 O  OP1    B DC  B 1 6 ? 10.82066  -9.36934  -3.95082  0.401 9.70807   ? 6   DC  B OP1    1 
ATOM   415 O  OP2    A DC  B 1 6 ? 11.87333  -8.69775  -1.72692  0.599 13.43504  ? 6   DC  B OP2    1 
ATOM   416 O  OP2    B DC  B 1 6 ? 11.88329  -8.66228  -1.73289  0.401 11.84448  ? 6   DC  B OP2    1 
ATOM   417 O  "O5'"  A DC  B 1 6 ? 10.80514  -6.97241  -3.09751  0.599 12.73330  ? 6   DC  B "O5'"  1 
ATOM   418 O  "O5'"  B DC  B 1 6 ? 10.70934  -6.96727  -3.16643  0.401 11.29734  ? 6   DC  B "O5'"  1 
ATOM   419 C  "C5'"  A DC  B 1 6 ? 9.82576   -6.43585  -3.99653  0.599 14.25047  ? 6   DC  B "C5'"  1 
ATOM   420 C  "C5'"  B DC  B 1 6 ? 9.80651   -6.62107  -4.24206  0.401 12.08520  ? 6   DC  B "C5'"  1 
ATOM   421 C  "C4'"  A DC  B 1 6 ? 9.88729   -4.93883  -3.85951  0.599 16.88451  ? 6   DC  B "C4'"  1 
ATOM   422 C  "C4'"  B DC  B 1 6 ? 9.62587   -5.12782  -4.29687  0.401 12.06564  ? 6   DC  B "C4'"  1 
ATOM   423 O  "O4'"  A DC  B 1 6 ? 9.49185   -4.57336  -2.52001  0.599 17.49472  ? 6   DC  B "O4'"  1 
ATOM   424 O  "O4'"  B DC  B 1 6 ? 9.08411   -4.65851  -3.05108  0.401 11.76838  ? 6   DC  B "O4'"  1 
ATOM   425 C  "C3'"  A DC  B 1 6 ? 11.28659  -4.35129  -4.07104  0.599 18.98777  ? 6   DC  B "C3'"  1 
ATOM   426 C  "C3'"  B DC  B 1 6 ? 10.90741  -4.33513  -4.50343  0.401 11.81464  ? 6   DC  B "C3'"  1 
ATOM   427 O  "O3'"  A DC  B 1 6 ? 11.29032  -3.39480  -5.12174  0.599 22.65828  ? 6   DC  B "O3'"  1 
ATOM   428 O  "O3'"  B DC  B 1 6 ? 11.13077  -4.34647  -5.91706  0.401 12.61305  ? 6   DC  B "O3'"  1 
ATOM   429 C  "C2'"  A DC  B 1 6 ? 11.60423  -3.63889  -2.76279  0.599 18.56567  ? 6   DC  B "C2'"  1 
ATOM   430 C  "C2'"  B DC  B 1 6 ? 10.56166  -2.99039  -3.86656  0.401 10.99002  ? 6   DC  B "C2'"  1 
ATOM   431 C  "C1'"  A DC  B 1 6 ? 10.23382  -3.43370  -2.14088  0.599 17.93649  ? 6   DC  B "C1'"  1 
ATOM   432 C  "C1'"  B DC  B 1 6 ? 9.47772   -3.31671  -2.84082  0.401 11.34533  ? 6   DC  B "C1'"  1 
ATOM   433 N  N1     A DC  B 1 6 ? 10.26280  -3.34442  -0.66460  0.599 17.65993  ? 6   DC  B N1     1 
ATOM   434 N  N1     B DC  B 1 6 ? 9.86386   -3.24303  -1.40786  0.401 11.64310  ? 6   DC  B N1     1 
ATOM   435 C  C2     A DC  B 1 6 ? 9.65834   -2.25749  -0.02166  0.599 17.42136  ? 6   DC  B C2     1 
ATOM   436 C  C2     B DC  B 1 6 ? 9.41572   -2.17815  -0.61342  0.401 12.31522  ? 6   DC  B C2     1 
ATOM   437 O  O2     A DC  B 1 6 ? 9.06886   -1.41808  -0.71283  0.599 19.64131  ? 6   DC  B O2     1 
ATOM   438 O  O2     B DC  B 1 6 ? 8.76179   -1.26809  -1.12025  0.401 14.51412  ? 6   DC  B O2     1 
ATOM   439 N  N3     A DC  B 1 6 ? 9.70668   -2.18799  1.32817   0.599 16.23042  ? 6   DC  B N3     1 
ATOM   440 N  N3     B DC  B 1 6 ? 9.72027   -2.15092  0.69675   0.401 10.70366  ? 6   DC  B N3     1 
ATOM   441 C  C4     A DC  B 1 6 ? 10.35365  -3.12157  2.03256   0.599 15.03475  ? 6   DC  B C4     1 
ATOM   442 C  C4     B DC  B 1 6 ? 10.42806  -3.13550  1.24484   0.401 10.40800  ? 6   DC  B C4     1 
ATOM   443 N  N4     A DC  B 1 6 ? 10.35848  -3.01141  3.34819   0.599 14.37861  ? 6   DC  B N4     1 
ATOM   444 N  N4     B DC  B 1 6 ? 10.67821  -3.04941  2.53935   0.401 9.24998   ? 6   DC  B N4     1 
ATOM   445 C  C5     A DC  B 1 6 ? 10.97706  -4.22468  1.38683   0.599 15.66331  ? 6   DC  B C5     1 
ATOM   446 C  C5     B DC  B 1 6 ? 10.87843  -4.23870  0.46821   0.401 9.58256   ? 6   DC  B C5     1 
ATOM   447 C  C6     A DC  B 1 6 ? 10.92211  -4.27935  0.05402   0.599 16.58589  ? 6   DC  B C6     1 
ATOM   448 C  C6     B DC  B 1 6 ? 10.56259  -4.25732  -0.83493  0.401 10.66619  ? 6   DC  B C6     1 
ATOM   449 H  "H5'"  A DC  B 1 6 ? 8.94242   -6.75528  -3.75426  0.599 17.10126  ? 6   DC  B "H5'"  1 
ATOM   450 H  "H5'"  B DC  B 1 6 ? 8.94697   -7.04423  -4.09023  0.401 14.50294  ? 6   DC  B "H5'"  1 
ATOM   451 H  "H5''" A DC  B 1 6 ? 10.03485  -6.69457  -4.90735  0.599 17.10126  ? 6   DC  B "H5''" 1 
ATOM   452 H  "H5''" B DC  B 1 6 ? 10.17436  -6.93198  -5.08367  0.401 14.50294  ? 6   DC  B "H5''" 1 
ATOM   453 H  "H4'"  A DC  B 1 6 ? 9.27331   -4.53561  -4.49342  0.599 20.26211  ? 6   DC  B "H4'"  1 
ATOM   454 H  "H4'"  B DC  B 1 6 ? 9.00520   -4.91259  -5.00952  0.401 14.47947  ? 6   DC  B "H4'"  1 
ATOM   455 H  "H3'"  A DC  B 1 6 ? 11.93213  -5.05430  -4.24311  0.599 22.78603  ? 6   DC  B "H3'"  1 
ATOM   456 H  "H3'"  B DC  B 1 6 ? 11.64495  -4.75652  -4.03509  0.401 14.17827  ? 6   DC  B "H3'"  1 
ATOM   457 H  "H2'"  A DC  B 1 6 ? 12.16157  -4.19631  -2.19967  0.599 22.27950  ? 6   DC  B "H2'"  1 
ATOM   458 H  "H2'"  B DC  B 1 6 ? 11.34002  -2.61388  -3.42768  0.401 13.18872  ? 6   DC  B "H2'"  1 
ATOM   459 H  "H2''" A DC  B 1 6 ? 12.03231  -2.78597  -2.93460  0.599 22.27950  ? 6   DC  B "H2''" 1 
ATOM   460 H  "H2''" B DC  B 1 6 ? 10.21953  -2.37688  -4.53537  0.401 13.18872  ? 6   DC  B "H2''" 1 
ATOM   461 H  "H1'"  A DC  B 1 6 ? 9.82292   -2.63818  -2.51252  0.599 21.52449  ? 6   DC  B "H1'"  1 
ATOM   462 H  "H1'"  B DC  B 1 6 ? 8.71485   -2.73786  -2.99278  0.401 13.61509  ? 6   DC  B "H1'"  1 
ATOM   463 H  H41    A DC  B 1 6 ? 10.03793  -2.30638  3.72052   0.599 17.25503  ? 6   DC  B H41    1 
ATOM   464 H  H41    B DC  B 1 6 ? 10.38701  -2.37746  2.98957   0.401 11.10068  ? 6   DC  B H41    1 
ATOM   465 H  H42    A DC  B 1 6 ? 10.68307  -3.64383  3.83147   0.599 17.25503  ? 6   DC  B H42    1 
ATOM   466 H  H42    B DC  B 1 6 ? 11.13244  -3.66512  2.93170   0.401 11.10068  ? 6   DC  B H42    1 
ATOM   467 H  H5     A DC  B 1 6 ? 11.42391  -4.87710  1.87493   0.599 18.79667  ? 6   DC  B H5     1 
ATOM   468 H  H5     B DC  B 1 6 ? 11.36664  -4.92933  0.85413   0.401 11.49978  ? 6   DC  B H5     1 
ATOM   469 H  H6     A DC  B 1 6 ? 11.32814  -4.98934  -0.38803  0.599 19.90377  ? 6   DC  B H6     1 
ATOM   470 H  H6     B DC  B 1 6 ? 10.84047  -4.97190  -1.36037  0.401 12.80013  ? 6   DC  B H6     1 
ATOM   471 P  P      A DT  B 1 7 ? 12.53838  -3.38436  -6.13910  0.599 25.82640  ? 7   DT  B P      1 
ATOM   472 P  P      B DT  B 1 7 ? 12.38315  -3.53392  -6.51668  0.401 14.96220  ? 7   DT  B P      1 
ATOM   473 O  OP1    A DT  B 1 7 ? 12.67490  -4.63470  -6.88409  0.599 26.90613  ? 7   DT  B OP1    1 
ATOM   474 O  OP1    B DT  B 1 7 ? 12.85673  -4.15512  -7.77563  0.401 15.35665  ? 7   DT  B OP1    1 
ATOM   475 O  OP2    A DT  B 1 7 ? 13.73253  -2.91925  -5.45683  0.599 26.58553  ? 7   DT  B OP2    1 
ATOM   476 O  OP2    B DT  B 1 7 ? 13.32968  -3.42640  -5.38203  0.401 16.26223  ? 7   DT  B OP2    1 
ATOM   477 O  "O5'"  A DT  B 1 7 ? 11.98286  -2.28212  -7.17889  0.599 25.51919  ? 7   DT  B "O5'"  1 
ATOM   478 O  "O5'"  B DT  B 1 7 ? 11.66014  -2.19318  -6.95487  0.401 14.92077  ? 7   DT  B "O5'"  1 
ATOM   479 C  "C5'"  A DT  B 1 7 ? 10.62095  -2.39933  -7.59833  0.599 25.89906  ? 7   DT  B "C5'"  1 
ATOM   480 C  "C5'"  B DT  B 1 7 ? 10.40939  -2.34676  -7.55033  0.401 19.16291  ? 7   DT  B "C5'"  1 
ATOM   481 C  "C4'"  A DT  B 1 7 ? 10.21940  -1.28720  -8.50379  0.599 27.07389  ? 7   DT  B "C4'"  1 
ATOM   482 C  "C4'"  B DT  B 1 7 ? 10.10769  -1.23186  -8.48871  0.401 22.94924  ? 7   DT  B "C4'"  1 
ATOM   483 O  "O4'"  A DT  B 1 7 ? 9.87553   -0.14191  -7.69907  0.599 27.24333  ? 7   DT  B "O4'"  1 
ATOM   484 O  "O4'"  B DT  B 1 7 ? 9.78845   -0.05491  -7.71933  0.401 24.39384  ? 7   DT  B "O4'"  1 
ATOM   485 C  "C3'"  A DT  B 1 7 ? 11.31359  -0.84603  -9.45479  0.599 28.42305  ? 7   DT  B "C3'"  1 
ATOM   486 C  "C3'"  B DT  B 1 7 ? 11.25939  -0.85865  -9.40275  0.401 25.18800  ? 7   DT  B "C3'"  1 
ATOM   487 O  "O3'"  A DT  B 1 7 ? 10.77506  -0.54489  -10.74509 0.599 29.38883  ? 7   DT  B "O3'"  1 
ATOM   488 O  "O3'"  B DT  B 1 7 ? 10.77801  -0.54592  -10.71046 0.401 26.44608  ? 7   DT  B "O3'"  1 
ATOM   489 C  "C2'"  A DT  B 1 7 ? 11.90615  0.37627   -8.75349  0.599 28.38284  ? 7   DT  B "C2'"  1 
ATOM   490 C  "C2'"  B DT  B 1 7 ? 11.89058  0.34189   -8.69951  0.401 25.69885  ? 7   DT  B "C2'"  1 
ATOM   491 C  "C1'"  A DT  B 1 7 ? 10.71054  0.94992   -8.00527  0.599 28.06549  ? 7   DT  B "C1'"  1 
ATOM   492 C  "C1'"  B DT  B 1 7 ? 10.70654  0.98293   -7.98967  0.401 25.85587  ? 7   DT  B "C1'"  1 
ATOM   493 N  N1     A DT  B 1 7 ? 11.06576  1.62077   -6.74940  0.599 28.90416  ? 7   DT  B N1     1 
ATOM   494 N  N1     B DT  B 1 7 ? 11.05759  1.62958   -6.71269  0.401 27.50163  ? 7   DT  B N1     1 
ATOM   495 C  C2     A DT  B 1 7 ? 11.33506  2.96165   -6.76587  0.599 29.46010  ? 7   DT  B C2     1 
ATOM   496 C  C2     B DT  B 1 7 ? 11.35864  2.96669   -6.70213  0.401 28.36330  ? 7   DT  B C2     1 
ATOM   497 O  O2     A DT  B 1 7 ? 11.27483  3.63047   -7.77654  0.599 29.96458  ? 7   DT  B O2     1 
ATOM   498 O  O2     B DT  B 1 7 ? 11.34415  3.65401   -7.70378  0.401 28.90923  ? 7   DT  B O2     1 
ATOM   499 N  N3     A DT  B 1 7 ? 11.66929  3.50169   -5.54502  0.599 29.39456  ? 7   DT  B N3     1 
ATOM   500 N  N3     B DT  B 1 7 ? 11.67481  3.47905   -5.46796  0.401 28.43595  ? 7   DT  B N3     1 
ATOM   501 C  C4     A DT  B 1 7 ? 11.75310  2.84471   -4.35564  0.599 29.99090  ? 7   DT  B C4     1 
ATOM   502 C  C4     B DT  B 1 7 ? 11.71149  2.80022   -4.27878  0.401 29.02538  ? 7   DT  B C4     1 
ATOM   503 O  O4     A DT  B 1 7 ? 12.02592  3.42460   -3.31906  0.599 31.61185  ? 7   DT  B O4     1 
ATOM   504 O  O4     B DT  B 1 7 ? 11.97877  3.35232   -3.21960  0.401 30.20349  ? 7   DT  B O4     1 
ATOM   505 C  C5     A DT  B 1 7 ? 11.44761  1.43339   -4.40654  0.599 29.64352  ? 7   DT  B C5     1 
ATOM   506 C  C5     B DT  B 1 7 ? 11.37537  1.39745   -4.35891  0.401 28.72804  ? 7   DT  B C5     1 
ATOM   507 C  C7     A DT  B 1 7 ? 11.48059  0.61070   -3.15532  0.599 30.50659  ? 7   DT  B C7     1 
ATOM   508 C  C7     B DT  B 1 7 ? 11.36861  0.55433   -3.11921  0.401 29.44477  ? 7   DT  B C7     1 
ATOM   509 C  C6     A DT  B 1 7 ? 11.12901  0.89659   -5.59288  0.599 29.01661  ? 7   DT  B C6     1 
ATOM   510 C  C6     B DT  B 1 7 ? 11.07485  0.88492   -5.56144  0.401 28.02457  ? 7   DT  B C6     1 
ATOM   511 H  "H5'"  A DT  B 1 7 ? 10.04668  -2.39035  -6.81652  0.599 31.07957  ? 7   DT  B "H5'"  1 
ATOM   512 H  "H5'"  B DT  B 1 7 ? 9.73002   -2.37076  -6.85820  0.401 22.99619  ? 7   DT  B "H5'"  1 
ATOM   513 H  "H5''" A DT  B 1 7 ? 10.50615  -3.24212  -8.06398  0.599 31.07957  ? 7   DT  B "H5''" 1 
ATOM   514 H  "H5''" B DT  B 1 7 ? 10.39252  -3.18431  -8.03864  0.401 22.99619  ? 7   DT  B "H5''" 1 
ATOM   515 H  "H4'"  A DT  B 1 7 ? 9.44295   -1.55945  -9.01669  0.599 32.48937  ? 7   DT  B "H4'"  1 
ATOM   516 H  "H4'"  B DT  B 1 7 ? 9.33964   -1.47351  -9.03028  0.401 27.53979  ? 7   DT  B "H4'"  1 
ATOM   517 H  "H3'"  A DT  B 1 7 ? 11.98490  -1.54146  -9.53065  0.599 34.10836  ? 7   DT  B "H3'"  1 
ATOM   518 H  "H3'"  B DT  B 1 7 ? 11.89652  -1.58842  -9.44851  0.401 30.22631  ? 7   DT  B "H3'"  1 
ATOM   519 H  "HO3'" A DT  B 1 7 ? 10.86164  0.22603   -11.06733 0.599 35.26729  ? 7   DT  B "HO3'" 1 
ATOM   520 H  "HO3'" B DT  B 1 7 ? 10.91398  0.21606   -11.03689 0.401 31.73599  ? 7   DT  B "HO3'" 1 
ATOM   521 H  "H2'"  A DT  B 1 7 ? 12.60231  0.11150   -8.13478  0.599 34.06011  ? 7   DT  B "H2'"  1 
ATOM   522 H  "H2'"  B DT  B 1 7 ? 12.55646  0.05132   -8.05874  0.401 30.83932  ? 7   DT  B "H2'"  1 
ATOM   523 H  "H2''" A DT  B 1 7 ? 12.24364  1.01380   -9.40187  0.599 34.06011  ? 7   DT  B "H2''" 1 
ATOM   524 H  "H2''" B DT  B 1 7 ? 12.27639  0.95422   -9.34525  0.401 30.83932  ? 7   DT  B "H2''" 1 
ATOM   525 H  "H1'"  A DT  B 1 7 ? 10.23527  1.56950   -8.58040  0.599 33.67928  ? 7   DT  B "H1'"  1 
ATOM   526 H  "H1'"  B DT  B 1 7 ? 10.29172  1.63384   -8.57717  0.401 31.02775  ? 7   DT  B "H1'"  1 
ATOM   527 H  H3     A DT  B 1 7 ? 11.83252  4.34641   -5.53028  0.599 35.27417  ? 7   DT  B H3     1 
ATOM   528 H  H3     B DT  B 1 7 ? 11.85942  4.31843   -5.43624  0.401 34.12384  ? 7   DT  B H3     1 
ATOM   529 H  H71    A DT  B 1 7 ? 11.85720  -0.26199  -3.35122  0.599 36.60861  ? 7   DT  B H71    1 
ATOM   530 H  H71    B DT  B 1 7 ? 11.86107  -0.26505  -3.28288  0.401 35.33442  ? 7   DT  B H71    1 
ATOM   531 H  H72    A DT  B 1 7 ? 12.02663  1.05676   -2.48934  0.599 36.60861  ? 7   DT  B H72    1 
ATOM   532 H  H72    B DT  B 1 7 ? 11.78652  1.04299   -2.39254  0.401 35.33442  ? 7   DT  B H72    1 
ATOM   533 H  H73    A DT  B 1 7 ? 10.57810  0.50415   -2.81481  0.599 36.60861  ? 7   DT  B H73    1 
ATOM   534 H  H73    B DT  B 1 7 ? 10.45352  0.33820   -2.87992  0.401 35.33442  ? 7   DT  B H73    1 
ATOM   535 H  H6     A DT  B 1 7 ? 10.93329  -0.01216  -5.62836  0.599 34.82063  ? 7   DT  B H6     1 
ATOM   536 H  H6     B DT  B 1 7 ? 10.85743  -0.01805  -5.61582  0.401 33.63018  ? 7   DT  B H6     1 
HETATM 537 CO CO     . NCO C 2 . ? -0.79917  8.89050   3.20239   1.000 8.49688   ? 101 NCO A CO     1 
HETATM 538 N  N1     . NCO C 2 . ? -1.56325  10.36166  4.30763   1.000 10.69865  ? 101 NCO A N1     1 
HETATM 539 N  N2     . NCO C 2 . ? -0.06856  7.36308   2.11998   1.000 10.56040  ? 101 NCO A N2     1 
HETATM 540 N  N3     . NCO C 2 . ? 1.04732   9.33921   3.87020   1.000 10.60810  ? 101 NCO A N3     1 
HETATM 541 N  N4     . NCO C 2 . ? -0.54228  10.20312  1.71573   1.000 10.06559  ? 101 NCO A N4     1 
HETATM 542 N  N5     . NCO C 2 . ? -2.63115  8.52349   2.49379   1.000 10.21478  ? 101 NCO A N5     1 
HETATM 543 N  N6     . NCO C 2 . ? -1.04966  7.58088   4.67929   1.000 10.77793  ? 101 NCO A N6     1 
HETATM 544 H  HN11   . NCO C 2 . ? -1.83015  9.99096   5.24188   1.000 12.83908  ? 101 NCO A HN11   1 
HETATM 545 H  HN12   . NCO C 2 . ? -0.85408  11.11342  4.42369   1.000 12.83908  ? 101 NCO A HN12   1 
HETATM 546 H  HN13   . NCO C 2 . ? -2.40495  10.74960  3.83569   1.000 12.83908  ? 101 NCO A HN13   1 
HETATM 547 H  HN21   . NCO C 2 . ? -0.08550  6.49383   2.69063   1.000 12.67318  ? 101 NCO A HN21   1 
HETATM 548 H  HN22   . NCO C 2 . ? -0.65243  7.22997   1.26958   1.000 12.67318  ? 101 NCO A HN22   1 
HETATM 549 H  HN23   . NCO C 2 . ? 0.91065   7.57354   1.83939   1.000 12.67318  ? 101 NCO A HN23   1 
HETATM 550 H  HN31   . NCO C 2 . ? 1.25682   8.77477   4.71846   1.000 12.73042  ? 101 NCO A HN31   1 
HETATM 551 H  HN32   . NCO C 2 . ? 1.74596   9.12452   3.13002   1.000 12.73042  ? 101 NCO A HN32   1 
HETATM 552 H  HN33   . NCO C 2 . ? 1.09355   10.35093  4.10773   1.000 12.73042  ? 101 NCO A HN33   1 
HETATM 553 H  HN41   . NCO C 2 . ? 0.25478   9.90087   1.11964   1.000 12.07941  ? 101 NCO A HN41   1 
HETATM 554 H  HN42   . NCO C 2 . ? -1.40729  10.24936  1.14065   1.000 12.07941  ? 101 NCO A HN42   1 
HETATM 555 H  HN43   . NCO C 2 . ? -0.34042  11.14309  2.11316   1.000 12.07941  ? 101 NCO A HN43   1 
HETATM 556 H  HN51   . NCO C 2 . ? -3.09765  7.81043   3.09039   1.000 12.25843  ? 101 NCO A HN51   1 
HETATM 557 H  HN52   . NCO C 2 . ? -3.18823  9.40094   2.50291   1.000 12.25843  ? 101 NCO A HN52   1 
HETATM 558 H  HN53   . NCO C 2 . ? -2.56116  8.16741   1.51953   1.000 12.25843  ? 101 NCO A HN53   1 
HETATM 559 H  HN61   . NCO C 2 . ? -1.14286  8.08914   5.58137   1.000 12.93422  ? 101 NCO A HN61   1 
HETATM 560 H  HN62   . NCO C 2 . ? -1.91022  7.02258   4.50670   1.000 12.93422  ? 101 NCO A HN62   1 
HETATM 561 H  HN63   . NCO C 2 . ? -0.22769  6.94525   4.72281   1.000 12.93422  ? 101 NCO A HN63   1 
HETATM 562 CO CO     . NCO D 2 . ? -10.03537 10.93225  3.67914   1.000 31.66339  ? 102 NCO A CO     1 
HETATM 563 N  N1     . NCO D 2 . ? -9.47641  12.25090  5.02530   1.000 30.36787  ? 102 NCO A N1     1 
HETATM 564 N  N2     . NCO D 2 . ? -10.56998 9.50945   2.39112   1.000 30.83569  ? 102 NCO A N2     1 
HETATM 565 N  N3     . NCO D 2 . ? -8.40820  11.36034  2.60568   1.000 32.92700  ? 102 NCO A N3     1 
HETATM 566 N  N4     . NCO D 2 . ? -10.99313 12.29735  2.64867   1.000 32.97330  ? 102 NCO A N4     1 
HETATM 567 N  N5     . NCO D 2 . ? -11.69900 10.60289  4.71192   1.000 33.96401  ? 102 NCO A N5     1 
HETATM 568 N  N6     . NCO D 2 . ? -9.07445  9.59324   4.72656   1.000 30.44297  ? 102 NCO A N6     1 
HETATM 569 H  HN11   . NCO D 2 . ? -8.90272  11.78114  5.75468   1.000 36.44214  ? 102 NCO A HN11   1 
HETATM 570 H  HN12   . NCO D 2 . ? -8.91287  12.99527  4.56826   1.000 36.44214  ? 102 NCO A HN12   1 
HETATM 571 H  HN13   . NCO D 2 . ? -10.31759 12.67419  5.46649   1.000 36.44214  ? 102 NCO A HN13   1 
HETATM 572 H  HN21   . NCO D 2 . ? -10.17239 8.59822   2.69457   1.000 37.00353  ? 102 NCO A HN21   1 
HETATM 573 H  HN22   . NCO D 2 . ? -11.60773 9.44167   2.36093   1.000 37.00353  ? 102 NCO A HN22   1 
HETATM 574 H  HN23   . NCO D 2 . ? -10.21056 9.74588   1.44448   1.000 37.00353  ? 102 NCO A HN23   1 
HETATM 575 H  HN31   . NCO D 2 . ? -7.61510  10.76872  2.92538   1.000 39.51310  ? 102 NCO A HN31   1 
HETATM 576 H  HN32   . NCO D 2 . ? -8.59674  11.17226  1.60068   1.000 39.51310  ? 102 NCO A HN32   1 
HETATM 577 H  HN33   . NCO D 2 . ? -8.16396  12.36313  2.73062   1.000 39.51310  ? 102 NCO A HN33   1 
HETATM 578 H  HN41   . NCO D 2 . ? -10.93863 13.20958  3.14580   1.000 39.56866  ? 102 NCO A HN41   1 
HETATM 579 H  HN42   . NCO D 2 . ? -10.55967 12.38912  1.70804   1.000 39.56866  ? 102 NCO A HN42   1 
HETATM 580 H  HN43   . NCO D 2 . ? -11.99016 12.01872  2.54514   1.000 39.56866  ? 102 NCO A HN43   1 
HETATM 581 H  HN51   . NCO D 2 . ? -11.52338 9.86943   5.42801   1.000 40.75751  ? 102 NCO A HN51   1 
HETATM 582 H  HN52   . NCO D 2 . ? -11.99529 11.48252  5.18188   1.000 40.75751  ? 102 NCO A HN52   1 
HETATM 583 H  HN53   . NCO D 2 . ? -12.45035 10.28372  4.06741   1.000 40.75751  ? 102 NCO A HN53   1 
HETATM 584 H  HN61   . NCO D 2 . ? -8.06736  9.60484   4.46601   1.000 36.53227  ? 102 NCO A HN61   1 
HETATM 585 H  HN62   . NCO D 2 . ? -9.17235  9.80921   5.73870   1.000 36.53227  ? 102 NCO A HN62   1 
HETATM 586 H  HN63   . NCO D 2 . ? -9.47112  8.65103   4.53431   1.000 36.53227  ? 102 NCO A HN63   1 
HETATM 587 CO CO     . NCO E 2 . ? -16.45872 7.12106   5.72351   1.000 91.04617  ? 103 NCO A CO     1 
HETATM 588 N  N1     . NCO E 2 . ? -17.63638 8.10405   4.47967   1.000 91.02065  ? 103 NCO A N1     1 
HETATM 589 N  N2     . NCO E 2 . ? -15.27707 6.12710   6.97142   1.000 91.14630  ? 103 NCO A N2     1 
HETATM 590 N  N3     . NCO E 2 . ? -15.65888 8.84725   6.29502   1.000 91.33465  ? 103 NCO A N3     1 
HETATM 591 N  N4     . NCO E 2 . ? -15.08013 6.89479   4.31409   1.000 91.37851  ? 103 NCO A N4     1 
HETATM 592 N  N5     . NCO E 2 . ? -17.29277 5.43473   5.10356   1.000 90.65469  ? 103 NCO A N5     1 
HETATM 593 N  N6     . NCO E 2 . ? -17.83241 7.26754   7.13966   1.000 91.22267  ? 103 NCO A N6     1 
HETATM 594 H  HN11   . NCO E 2 . ? -18.52828 8.34181   4.95833   1.000 109.22548 ? 103 NCO A HN11   1 
HETATM 595 H  HN12   . NCO E 2 . ? -17.16378 8.97874   4.17323   1.000 109.22548 ? 103 NCO A HN12   1 
HETATM 596 H  HN13   . NCO E 2 . ? -17.83677 7.50994   3.64910   1.000 109.22548 ? 103 NCO A HN13   1 
HETATM 597 H  HN21   . NCO E 2 . ? -15.75080 6.02532   7.89159   1.000 109.37626 ? 103 NCO A HN21   1 
HETATM 598 H  HN22   . NCO E 2 . ? -15.07374 5.18527   6.58085   1.000 109.37626 ? 103 NCO A HN22   1 
HETATM 599 H  HN23   . NCO E 2 . ? -14.38611 6.64930   7.09619   1.000 109.37626 ? 103 NCO A HN23   1 
HETATM 600 H  HN31   . NCO E 2 . ? -16.19674 9.22952   7.09871   1.000 109.60228 ? 103 NCO A HN31   1 
HETATM 601 H  HN32   . NCO E 2 . ? -14.67037 8.69437   6.58110   1.000 109.60228 ? 103 NCO A HN32   1 
HETATM 602 H  HN33   . NCO E 2 . ? -15.69002 9.52232   5.50453   1.000 109.60228 ? 103 NCO A HN33   1 
HETATM 603 H  HN41   . NCO E 2 . ? -14.84441 5.88641   4.21784   1.000 109.65491 ? 103 NCO A HN41   1 
HETATM 604 H  HN42   . NCO E 2 . ? -15.44659 7.25303   3.40938   1.000 109.65491 ? 103 NCO A HN42   1 
HETATM 605 H  HN43   . NCO E 2 . ? -14.22504 7.42638   4.57610   1.000 109.65491 ? 103 NCO A HN43   1 
HETATM 606 H  HN51   . NCO E 2 . ? -18.12359 5.22006   5.69092   1.000 108.78633 ? 103 NCO A HN51   1 
HETATM 607 H  HN52   . NCO E 2 . ? -17.58749 5.53786   4.11106   1.000 108.78633 ? 103 NCO A HN52   1 
HETATM 608 H  HN53   . NCO E 2 . ? -16.60503 4.65851   5.18100   1.000 108.78633 ? 103 NCO A HN53   1 
HETATM 609 H  HN61   . NCO E 2 . ? -17.38250 7.56275   8.02944   1.000 109.46791 ? 103 NCO A HN61   1 
HETATM 610 H  HN62   . NCO E 2 . ? -18.54520 7.97180   6.86257   1.000 109.46791 ? 103 NCO A HN62   1 
HETATM 611 H  HN63   . NCO E 2 . ? -18.29234 6.34502   7.27581   1.000 109.46791 ? 103 NCO A HN63   1 
HETATM 612 CO CO     . NCO F 2 . ? 1.17494   -3.05684  10.31785  0.485 33.03266  ? 104 NCO A CO     1 
HETATM 613 N  N1     . NCO F 2 . ? -0.72107  -2.88610  10.87626  0.485 32.87316  ? 104 NCO A N1     1 
HETATM 614 N  N2     . NCO F 2 . ? 3.07914   -3.19595  9.78097   0.485 33.63973  ? 104 NCO A N2     1 
HETATM 615 N  N3     . NCO F 2 . ? 1.64293   -1.74931  11.73823  0.485 34.67167  ? 104 NCO A N3     1 
HETATM 616 N  N4     . NCO F 2 . ? 0.87651   -1.59380  9.00481   0.485 33.68977  ? 104 NCO A N4     1 
HETATM 617 N  N5     . NCO F 2 . ? 0.66184   -4.34463  8.90552   0.485 34.58303  ? 104 NCO A N5     1 
HETATM 618 N  N6     . NCO F 2 . ? 1.46285   -4.52757  11.62882  0.485 33.69739  ? 104 NCO A N6     1 
HETATM 619 H  HN11   . NCO F 2 . ? -0.92664  -3.57867  11.62480  0.485 39.44849  ? 104 NCO A HN11   1 
HETATM 620 H  HN12   . NCO F 2 . ? -0.89134  -1.92548  11.23645  0.485 39.44849  ? 104 NCO A HN12   1 
HETATM 621 H  HN13   . NCO F 2 . ? -1.34022  -3.06493  10.05976  0.485 39.44849  ? 104 NCO A HN13   1 
HETATM 622 H  HN21   . NCO F 2 . ? 3.54231   -3.94397  10.33574  0.485 40.36838  ? 104 NCO A HN21   1 
HETATM 623 H  HN22   . NCO F 2 . ? 3.13855   -3.42900  8.76933   0.485 40.36838  ? 104 NCO A HN22   1 
HETATM 624 H  HN23   . NCO F 2 . ? 3.55611   -2.28860  9.95571   0.485 40.36838  ? 104 NCO A HN23   1 
HETATM 625 H  HN31   . NCO F 2 . ? 1.86003   -2.25700  12.61913  0.485 41.60671  ? 104 NCO A HN31   1 
HETATM 626 H  HN32   . NCO F 2 . ? 2.47418   -1.19796  11.44190  0.485 41.60671  ? 104 NCO A HN32   1 
HETATM 627 H  HN33   . NCO F 2 . ? 0.84033   -1.10699  11.89687  0.485 41.60671  ? 104 NCO A HN33   1 
HETATM 628 H  HN41   . NCO F 2 . ? -0.00478  -1.77100  8.48276   0.485 40.42842  ? 104 NCO A HN41   1 
HETATM 629 H  HN42   . NCO F 2 . ? 0.80518   -0.68620  9.50762   0.485 40.42842  ? 104 NCO A HN42   1 
HETATM 630 H  HN43   . NCO F 2 . ? 1.67406   -1.55899  8.33781   0.485 40.42842  ? 104 NCO A HN43   1 
HETATM 631 H  HN51   . NCO F 2 . ? 0.70478   -5.31226  9.28516   0.485 41.50034  ? 104 NCO A HN51   1 
HETATM 632 H  HN52   . NCO F 2 . ? -0.30617  -4.14130  8.58602   0.485 41.50034  ? 104 NCO A HN52   1 
HETATM 633 H  HN53   . NCO F 2 . ? 1.31684   -4.25838  8.10292   0.485 41.50034  ? 104 NCO A HN53   1 
HETATM 634 H  HN61   . NCO F 2 . ? 2.38243   -4.39965  12.09657  0.485 40.43757  ? 104 NCO A HN61   1 
HETATM 635 H  HN62   . NCO F 2 . ? 0.70584   -4.51000  12.34163  0.485 40.43757  ? 104 NCO A HN62   1 
HETATM 636 H  HN63   . NCO F 2 . ? 1.45056   -5.44156  11.13350  0.485 40.43757  ? 104 NCO A HN63   1 
HETATM 637 CO CO     . NCO G 2 . ? -10.27840 1.94000   -8.91659  0.567 56.08012  ? 105 NCO A CO     1 
HETATM 638 N  N1     . NCO G 2 . ? -10.30002 3.78423   -8.16818  0.567 55.73263  ? 105 NCO A N1     1 
HETATM 639 N  N2     . NCO G 2 . ? -10.24157 0.09898   -9.62625  0.567 56.18119  ? 105 NCO A N2     1 
HETATM 640 N  N3     . NCO G 2 . ? -8.51246  1.65181   -8.07054  0.567 55.68237  ? 105 NCO A N3     1 
HETATM 641 N  N4     . NCO G 2 . ? -9.38284  2.57807   -10.58421 0.567 56.39256  ? 105 NCO A N4     1 
HETATM 642 N  N5     . NCO G 2 . ? -12.03092 2.20537   -9.80347  0.567 56.38160  ? 105 NCO A N5     1 
HETATM 643 N  N6     . NCO G 2 . ? -11.18716 1.27990   -7.29031  0.567 55.61388  ? 105 NCO A N6     1 
HETATM 644 H  HN11   . NCO G 2 . ? -10.74912 3.77335   -7.23013  0.567 66.87985  ? 105 NCO A HN11   1 
HETATM 645 H  HN12   . NCO G 2 . ? -9.32444  4.13419   -8.08093  0.567 66.87985  ? 105 NCO A HN12   1 
HETATM 646 H  HN13   . NCO G 2 . ? -10.83721 4.40959   -8.80223  0.567 66.87985  ? 105 NCO A HN13   1 
HETATM 647 H  HN21   . NCO G 2 . ? -10.68716 -0.54578  -8.94250  0.567 67.41812  ? 105 NCO A HN21   1 
HETATM 648 H  HN22   . NCO G 2 . ? -10.76227 0.06348   -10.52617 0.567 67.41812  ? 105 NCO A HN22   1 
HETATM 649 H  HN23   . NCO G 2 . ? -9.25549  -0.19137  -9.78558  0.567 67.41812  ? 105 NCO A HN23   1 
HETATM 650 H  HN31   . NCO G 2 . ? -8.64381  1.27749   -7.10912  0.567 66.81955  ? 105 NCO A HN31   1 
HETATM 651 H  HN32   . NCO G 2 . ? -7.96450  0.97151   -8.63485  0.567 66.81955  ? 105 NCO A HN32   1 
HETATM 652 H  HN33   . NCO G 2 . ? -7.99894  2.55475   -8.02368  0.567 66.81955  ? 105 NCO A HN33   1 
HETATM 653 H  HN41   . NCO G 2 . ? -9.74174  2.03999   -11.39888 0.567 67.67177  ? 105 NCO A HN41   1 
HETATM 654 H  HN42   . NCO G 2 . ? -9.58442  3.58914   -10.72094 0.567 67.67177  ? 105 NCO A HN42   1 
HETATM 655 H  HN43   . NCO G 2 . ? -8.35525  2.43760   -10.50162 0.567 67.67177  ? 105 NCO A HN43   1 
HETATM 656 H  HN51   . NCO G 2 . ? -12.79397 1.92407   -9.15562  0.567 67.65862  ? 105 NCO A HN51   1 
HETATM 657 H  HN52   . NCO G 2 . ? -12.14303 3.20799   -10.05719 0.567 67.65862  ? 105 NCO A HN52   1 
HETATM 658 H  HN53   . NCO G 2 . ? -12.07623 1.62346   -10.66373 0.567 67.65862  ? 105 NCO A HN53   1 
HETATM 659 H  HN61   . NCO G 2 . ? -10.48716 0.86018   -6.64566  0.567 66.73736  ? 105 NCO A HN61   1 
HETATM 660 H  HN62   . NCO G 2 . ? -11.66578 2.07100   -6.81408  0.567 66.73736  ? 105 NCO A HN62   1 
HETATM 661 H  HN63   . NCO G 2 . ? -11.88953 0.56004   -7.55411  0.567 66.73736  ? 105 NCO A HN63   1 
HETATM 662 CO CO     . NCO H 2 . ? 6.44052   2.57846   -10.80723 0.488 19.51318  ? 101 NCO B CO     1 
HETATM 663 N  N1     . NCO H 2 . ? 5.08493   1.47566   -9.92019  0.488 18.95820  ? 101 NCO B N1     1 
HETATM 664 N  N2     . NCO H 2 . ? 7.78330   3.72950   -11.70592 0.488 21.00017  ? 101 NCO B N2     1 
HETATM 665 N  N3     . NCO H 2 . ? 6.54106   3.71081   -9.21114  0.488 19.30934  ? 101 NCO B N3     1 
HETATM 666 N  N4     . NCO H 2 . ? 5.02910   3.73487   -11.59583 0.488 20.78319  ? 101 NCO B N4     1 
HETATM 667 N  N5     . NCO H 2 . ? 6.32225   1.46410   -12.44090 0.488 19.53248  ? 101 NCO B N5     1 
HETATM 668 N  N6     . NCO H 2 . ? 7.92388   1.44041   -10.17118 0.488 19.98306  ? 101 NCO B N6     1 
HETATM 669 H  HN11   . NCO H 2 . ? 5.54890   0.68754   -9.42476  0.488 22.75054  ? 101 NCO B HN11   1 
HETATM 670 H  HN12   . NCO H 2 . ? 4.56056   2.05574   -9.23429  0.488 22.75054  ? 101 NCO B HN12   1 
HETATM 671 H  HN13   . NCO H 2 . ? 4.42536   1.09830   -10.63011 0.488 22.75054  ? 101 NCO B HN13   1 
HETATM 672 H  HN21   . NCO H 2 . ? 8.73770   3.35603   -11.52749 0.488 25.20090  ? 101 NCO B HN21   1 
HETATM 673 H  HN22   . NCO H 2 . ? 7.60179   3.73907   -12.72987 0.488 25.20090  ? 101 NCO B HN22   1 
HETATM 674 H  HN23   . NCO H 2 . ? 7.71453   4.69832   -11.33295 0.488 25.20090  ? 101 NCO B HN23   1 
HETATM 675 H  HN31   . NCO H 2 . ? 7.54456   3.86992   -9.00214  0.488 23.17191  ? 101 NCO B HN31   1 
HETATM 676 H  HN32   . NCO H 2 . ? 6.07027   4.62034   -9.39231  0.488 23.17191  ? 101 NCO B HN32   1 
HETATM 677 H  HN33   . NCO H 2 . ? 6.08525   3.23120   -8.40841  0.488 23.17191  ? 101 NCO B HN33   1 
HETATM 678 H  HN41   . NCO H 2 . ? 5.28388   3.97391   -12.57512 0.488 24.94053  ? 101 NCO B HN41   1 
HETATM 679 H  HN42   . NCO H 2 . ? 4.12118   3.22811   -11.58828 0.488 24.94053  ? 101 NCO B HN42   1 
HETATM 680 H  HN43   . NCO H 2 . ? 4.94351   4.60776   -11.03725 0.488 24.94053  ? 101 NCO B HN43   1 
HETATM 681 H  HN51   . NCO H 2 . ? 7.03845   0.71196   -12.40016 0.488 23.43968  ? 101 NCO B HN51   1 
HETATM 682 H  HN52   . NCO H 2 . ? 5.37509   1.03807   -12.50270 0.488 23.43968  ? 101 NCO B HN52   1 
HETATM 683 H  HN53   . NCO H 2 . ? 6.49015   2.05740   -13.27882 0.488 23.43968  ? 101 NCO B HN53   1 
HETATM 684 H  HN61   . NCO H 2 . ? 8.20614   1.74145   -9.21628  0.488 23.98037  ? 101 NCO B HN61   1 
HETATM 685 H  HN62   . NCO H 2 . ? 7.61210   0.44866   -10.14376 0.488 23.98037  ? 101 NCO B HN62   1 
HETATM 686 H  HN63   . NCO H 2 . ? 8.73365   1.53107   -10.81694 0.488 23.98037  ? 101 NCO B HN63   1 
HETATM 687 O  O      . HOH I 3 . ? -14.77420 8.93019   8.64223   0.250 21.11931  ? 201 HOH A O      1 
HETATM 688 O  O      . HOH I 3 . ? -19.68271 6.33996   8.65454   1.000 30.47953  ? 202 HOH A O      1 
HETATM 689 O  O      . HOH I 3 . ? -0.23423  0.88151   12.80608  0.500 26.52495  ? 203 HOH A O      1 
HETATM 690 O  O      . HOH I 3 . ? -17.97930 8.91045   9.21510   0.250 23.06402  ? 204 HOH A O      1 
HETATM 691 O  O      A HOH I 3 . ? -5.56145  7.82007   4.41828   0.400 17.32768  ? 205 HOH A O      1 
HETATM 692 O  O      B HOH I 3 . ? -4.28388  7.81230   5.74897   0.600 23.27697  ? 205 HOH A O      1 
HETATM 693 O  O      . HOH I 3 . ? -6.48570  0.29026   10.03988  0.800 36.10449  ? 206 HOH A O      1 
HETATM 694 O  O      . HOH I 3 . ? -9.53048  2.28932   10.51558  0.920 20.81261  ? 207 HOH A O      1 
HETATM 695 O  O      . HOH I 3 . ? 0.47689   3.35667   4.07640   0.950 9.45486   ? 208 HOH A O      1 
HETATM 696 O  O      . HOH I 3 . ? -13.28647 3.51160   6.34873   0.700 31.75280  ? 209 HOH A O      1 
HETATM 697 O  O      . HOH I 3 . ? -10.16271 -0.22753  9.81191   0.500 26.61075  ? 210 HOH A O      1 
HETATM 698 O  O      . HOH I 3 . ? -3.92047  -2.00217  8.79843   0.940 24.19755  ? 211 HOH A O      1 
HETATM 699 O  O      . HOH I 3 . ? -1.58477  -2.62803  7.38931   0.830 16.78277  ? 212 HOH A O      1 
HETATM 700 O  O      . HOH I 3 . ? -6.20120  3.64614   -7.05337  1.000 33.39538  ? 213 HOH A O      1 
HETATM 701 O  O      . HOH I 3 . ? -4.93431  6.84536   -1.66297  0.860 15.74641  ? 214 HOH A O      1 
HETATM 702 O  O      . HOH I 3 . ? -2.64153  7.18810   -0.13615  1.000 12.97647  ? 215 HOH A O      1 
HETATM 703 O  O      . HOH I 3 . ? 0.80381   3.90963   6.83069   0.870 15.38093  ? 216 HOH A O      1 
HETATM 704 O  O      . HOH I 3 . ? -2.45598  9.90405   -0.71097  1.000 14.16158  ? 217 HOH A O      1 
HETATM 705 O  O      . HOH I 3 . ? -2.77289  9.33684   7.01574   0.810 28.76690  ? 218 HOH A O      1 
HETATM 706 O  O      . HOH I 3 . ? 0.63838   9.23571   7.17267   1.000 21.47726  ? 219 HOH A O      1 
HETATM 707 O  O      . HOH I 3 . ? -2.49765  4.59631   -2.49081  0.910 9.33856   ? 220 HOH A O      1 
HETATM 708 O  O      . HOH I 3 . ? -4.64786  11.56455  6.91020   0.640 28.44016  ? 221 HOH A O      1 
HETATM 709 O  O      . HOH I 3 . ? -12.01691 11.29967  -1.85987  0.250 21.57928  ? 222 HOH A O      1 
HETATM 710 O  O      . HOH J 3 . ? 12.01406  -4.42282  -10.19244 0.900 37.27335  ? 201 HOH B O      1 
HETATM 711 O  O      . HOH J 3 . ? -0.13171  -6.22156  6.03861   0.590 27.03591  ? 202 HOH B O      1 
HETATM 712 O  O      . HOH J 3 . ? 4.43719   -7.21558  10.31501  0.910 39.40217  ? 203 HOH B O      1 
HETATM 713 O  O      . HOH J 3 . ? 11.09467  -7.85641  3.58976   0.830 25.63922  ? 204 HOH B O      1 
HETATM 714 O  O      . HOH J 3 . ? 3.48922   -8.10546  -8.66417  1.000 26.59819  ? 205 HOH B O      1 
HETATM 715 O  O      . HOH J 3 . ? 9.28987   -7.96132  6.36383   0.250 26.99923  ? 206 HOH B O      1 
HETATM 716 O  O      . HOH J 3 . ? 12.79605  -9.06170  -5.68954  0.980 30.37617  ? 207 HOH B O      1 
HETATM 717 O  O      . HOH J 3 . ? 11.77810  -5.15289  4.02102   0.250 21.54087  ? 208 HOH B O      1 
HETATM 718 O  O      . HOH J 3 . ? 13.25623  -6.61451  -0.66816  0.780 22.62536  ? 209 HOH B O      1 
HETATM 719 O  O      . HOH J 3 . ? -0.28129  -4.68858  -1.45440  0.900 6.59413   ? 210 HOH B O      1 
HETATM 720 O  O      . HOH J 3 . ? 5.76707   -7.07364  -11.25207 0.980 32.63766  ? 211 HOH B O      1 
HETATM 721 O  O      . HOH J 3 . ? 3.78957   -10.30763 0.95590   0.770 12.81502  ? 212 HOH B O      1 
HETATM 722 O  O      . HOH J 3 . ? 12.31703  -11.36942 -1.29114  0.680 15.27856  ? 213 HOH B O      1 
HETATM 723 O  O      . HOH J 3 . ? 1.94054   -6.79800  -5.58093  1.000 18.05124  ? 214 HOH B O      1 
HETATM 724 O  O      . HOH J 3 . ? 8.66449   -3.35039  -11.45952 0.710 28.30042  ? 215 HOH B O      1 
HETATM 725 O  O      . HOH J 3 . ? 8.39259   -5.46365  6.15089   0.850 22.44702  ? 216 HOH B O      1 
HETATM 726 O  O      . HOH J 3 . ? 4.26639   -9.76846  -2.62456  0.840 11.46378  ? 217 HOH B O      1 
HETATM 727 O  O      . HOH J 3 . ? 2.88771   -2.24825  6.68596   0.760 14.67867  ? 218 HOH B O      1 
HETATM 728 O  O      . HOH J 3 . ? 5.61564   -3.69047  6.71518   0.950 29.30899  ? 219 HOH B O      1 
HETATM 729 O  O      . HOH J 3 . ? 7.04299   -12.26316 8.32356   1.000 17.62797  ? 220 HOH B O      1 
HETATM 730 O  O      . HOH J 3 . ? 2.35095   -0.75556  -9.73146  1.000 33.78678  ? 221 HOH B O      1 
HETATM 731 O  O      . HOH J 3 . ? -0.31144  -7.71658  4.05999   0.720 20.69031  ? 222 HOH B O      1 
HETATM 732 O  O      . HOH J 3 . ? 13.99822  0.28361   -4.39200  0.500 33.60843  ? 223 HOH B O      1 
HETATM 733 O  O      . HOH J 3 . ? 1.84557   -11.44228 2.37844   0.650 11.48536  ? 224 HOH B O      1 
HETATM 734 O  O      . HOH J 3 . ? 2.58176   -5.11221  -8.66406  0.920 28.60767  ? 225 HOH B O      1 
HETATM 735 O  O      . HOH J 3 . ? 8.04443   -9.37271  9.23829   0.250 39.83484  ? 226 HOH B O      1 
HETATM 736 O  O      . HOH J 3 . ? 5.15527   -11.85589 -0.75388  0.490 15.90866  ? 227 HOH B O      1 
HETATM 737 O  O      . HOH J 3 . ? -2.22512  -9.58179  4.30982   0.500 28.33289  ? 228 HOH B O      1 
# 
loop_
_atom_site_anisotrop.id 
_atom_site_anisotrop.type_symbol 
_atom_site_anisotrop.pdbx_label_atom_id 
_atom_site_anisotrop.pdbx_label_alt_id 
_atom_site_anisotrop.pdbx_label_comp_id 
_atom_site_anisotrop.pdbx_label_asym_id 
_atom_site_anisotrop.pdbx_label_seq_id 
_atom_site_anisotrop.pdbx_PDB_ins_code 
_atom_site_anisotrop.U[1][1] 
_atom_site_anisotrop.U[2][2] 
_atom_site_anisotrop.U[3][3] 
_atom_site_anisotrop.U[1][2] 
_atom_site_anisotrop.U[1][3] 
_atom_site_anisotrop.U[2][3] 
_atom_site_anisotrop.pdbx_auth_seq_id 
_atom_site_anisotrop.pdbx_auth_comp_id 
_atom_site_anisotrop.pdbx_auth_asym_id 
_atom_site_anisotrop.pdbx_auth_atom_id 
1   O  "O5'" . DG  A 1 ? 0.26857 0.25209 0.54731 0.00516  -0.01070 -0.02183 1   DG  A "O5'" 
2   C  "C5'" . DG  A 1 ? 0.22227 0.19014 0.49841 0.02566  -0.04669 0.01516  1   DG  A "C5'" 
3   C  "C4'" . DG  A 1 ? 0.17979 0.14311 0.45855 0.02853  -0.03850 0.01797  1   DG  A "C4'" 
4   O  "O4'" . DG  A 1 ? 0.15911 0.13833 0.47639 0.02414  -0.04135 -0.01221 1   DG  A "O4'" 
5   C  "C3'" . DG  A 1 ? 0.17053 0.11964 0.43800 0.01892  -0.00750 0.01530  1   DG  A "C3'" 
6   O  "O3'" . DG  A 1 ? 0.16933 0.12495 0.42457 0.03139  0.00365  -0.00382 1   DG  A "O3'" 
7   C  "C2'" . DG  A 1 ? 0.15672 0.11926 0.45323 0.01004  -0.02209 0.00095  1   DG  A "C2'" 
8   C  "C1'" . DG  A 1 ? 0.14297 0.12812 0.43093 0.01856  -0.04836 -0.01444 1   DG  A "C1'" 
9   N  N9    . DG  A 1 ? 0.13034 0.13336 0.41351 0.01870  -0.05023 -0.01904 1   DG  A N9    
10  C  C8    . DG  A 1 ? 0.13743 0.14387 0.44733 0.01592  -0.03326 -0.01502 1   DG  A C8    
11  N  N7    . DG  A 1 ? 0.13556 0.16135 0.45093 0.01907  -0.02744 -0.03349 1   DG  A N7    
12  C  C5    . DG  A 1 ? 0.12756 0.15542 0.42135 0.02639  -0.02641 -0.02792 1   DG  A C5    
13  C  C6    . DG  A 1 ? 0.13133 0.17304 0.43224 0.02465  0.00883  -0.04968 1   DG  A C6    
14  O  O6    . DG  A 1 ? 0.14814 0.21590 0.49769 0.01813  0.03839  -0.08096 1   DG  A O6    
15  N  N1    . DG  A 1 ? 0.12951 0.14222 0.43716 0.01737  0.01520  -0.03623 1   DG  A N1    
16  C  C2    . DG  A 1 ? 0.12960 0.12598 0.40521 0.02171  -0.02193 -0.02274 1   DG  A C2    
17  N  N2    . DG  A 1 ? 0.14484 0.11950 0.42293 0.02134  -0.02285 -0.02500 1   DG  A N2    
18  N  N3    . DG  A 1 ? 0.12254 0.11864 0.39391 0.01944  -0.03799 -0.01410 1   DG  A N3    
19  C  C4    . DG  A 1 ? 0.12201 0.12807 0.37947 0.02215  -0.04599 -0.01546 1   DG  A C4    
32  P  P     . DC  A 2 ? 0.16706 0.14024 0.40315 0.04003  -0.03159 -0.04091 2   DC  A P     
33  O  OP1   . DC  A 2 ? 0.19790 0.19409 0.42417 0.02112  -0.03370 -0.08204 2   DC  A OP1   
34  O  OP2   . DC  A 2 ? 0.17351 0.12912 0.41981 0.02368  -0.06587 -0.04997 2   DC  A OP2   
35  O  "O5'" . DC  A 2 ? 0.16025 0.13104 0.32241 0.04766  0.00583  -0.01538 2   DC  A "O5'" 
36  C  "C5'" . DC  A 2 ? 0.14372 0.13649 0.24206 0.03373  0.01960  -0.01322 2   DC  A "C5'" 
37  C  "C4'" . DC  A 2 ? 0.11933 0.12820 0.17539 0.01072  -0.00120 -0.02410 2   DC  A "C4'" 
38  O  "O4'" . DC  A 2 ? 0.10751 0.15069 0.17705 -0.00661 0.00688  -0.05591 2   DC  A "O4'" 
39  C  "C3'" . DC  A 2 ? 0.11668 0.10076 0.14909 0.00664  -0.00927 -0.00731 2   DC  A "C3'" 
40  O  "O3'" . DC  A 2 ? 0.11080 0.07073 0.17337 0.00395  -0.01482 -0.02405 2   DC  A "O3'" 
41  C  "C2'" . DC  A 2 ? 0.11233 0.12556 0.15655 0.00026  0.00199  -0.03880 2   DC  A "C2'" 
42  C  "C1'" . DC  A 2 ? 0.11070 0.12406 0.15187 -0.00101 0.00802  -0.04521 2   DC  A "C1'" 
43  N  N1    . DC  A 2 ? 0.11052 0.09082 0.16056 0.00148  0.00118  -0.02087 2   DC  A N1    
44  C  C2    . DC  A 2 ? 0.10518 0.07186 0.14912 0.00738  -0.00508 -0.00856 2   DC  A C2    
45  O  O2    . DC  A 2 ? 0.11290 0.07524 0.17667 0.01074  0.00057  -0.01559 2   DC  A O2    
46  N  N3    . DC  A 2 ? 0.10958 0.07848 0.15266 0.00170  -0.01316 -0.01911 2   DC  A N3    
47  C  C4    . DC  A 2 ? 0.11395 0.08322 0.15230 0.00546  -0.01841 0.00202  2   DC  A C4    
48  N  N4    . DC  A 2 ? 0.12481 0.10013 0.16758 0.00122  -0.02044 0.00114  2   DC  A N4    
49  C  C5    . DC  A 2 ? 0.11800 0.08949 0.15186 -0.00022 -0.00615 0.01232  2   DC  A C5    
50  C  C6    . DC  A 2 ? 0.11687 0.08529 0.14872 -0.00206 0.00165  0.00109  2   DC  A C6    
62  P  P     . DA  A 3 ? 0.11422 0.05453 0.14039 0.00598  -0.00309 -0.02307 3   DA  A P     
63  O  OP1   . DA  A 3 ? 0.12205 0.06349 0.16786 0.01501  0.00744  -0.04121 3   DA  A OP1   
64  O  OP2   . DA  A 3 ? 0.11575 0.06890 0.15758 0.01312  -0.00469 -0.01494 3   DA  A OP2   
65  O  "O5'" . DA  A 3 ? 0.12216 0.05970 0.14318 0.01357  -0.00619 -0.01624 3   DA  A "O5'" 
66  C  "C5'" . DA  A 3 ? 0.12959 0.08082 0.11579 0.01064  0.00939  -0.01931 3   DA  A "C5'" 
67  C  "C4'" . DA  A 3 ? 0.14017 0.08003 0.11575 0.00290  0.01730  -0.02747 3   DA  A "C4'" 
68  O  "O4'" . DA  A 3 ? 0.13090 0.08187 0.11918 -0.00364 0.02246  -0.03777 3   DA  A "O4'" 
69  C  "C3'" . DA  A 3 ? 0.18034 0.07962 0.10678 0.01173  0.00981  -0.01194 3   DA  A "C3'" 
70  O  "O3'" . DA  A 3 ? 0.27459 0.11629 0.09213 0.02499  0.00791  -0.02966 3   DA  A "O3'" 
71  C  "C2'" . DA  A 3 ? 0.14107 0.06712 0.10924 0.00435  0.00733  -0.01420 3   DA  A "C2'" 
72  C  "C1'" . DA  A 3 ? 0.12539 0.06058 0.10736 -0.00097 0.01089  -0.02616 3   DA  A "C1'" 
73  N  N9    . DA  A 3 ? 0.10577 0.05095 0.12494 -0.00178 0.01520  -0.01524 3   DA  A N9    
74  C  C8    . DA  A 3 ? 0.10548 0.05426 0.11780 0.00046  0.01017  -0.01547 3   DA  A C8    
75  N  N7    . DA  A 3 ? 0.10307 0.05139 0.12829 -0.00046 0.00383  -0.01472 3   DA  A N7    
76  C  C5    . DA  A 3 ? 0.10110 0.04817 0.10092 -0.00767 0.00852  -0.01499 3   DA  A C5    
77  C  C6    . DA  A 3 ? 0.10831 0.04938 0.09855 -0.00672 0.00237  -0.02184 3   DA  A C6    
78  N  N6    . DA  A 3 ? 0.12446 0.04855 0.11333 -0.00158 0.00929  -0.01504 3   DA  A N6    
79  N  N1    . DA  A 3 ? 0.10150 0.05875 0.12018 0.00707  0.00101  -0.01463 3   DA  A N1    
80  C  C2    . DA  A 3 ? 0.10164 0.06090 0.13255 0.00454  0.00119  -0.01570 3   DA  A C2    
81  N  N3    . DA  A 3 ? 0.10253 0.05851 0.11836 -0.00406 0.00678  -0.01457 3   DA  A N3    
82  C  C4    . DA  A 3 ? 0.09822 0.05135 0.11996 -0.00389 0.00996  -0.01560 3   DA  A C4    
94  P  P     . DT  A 4 ? 0.37403 0.15357 0.17313 0.03060  -0.01944 -0.01908 4   DT  A P     
95  O  OP1   . DT  A 4 ? 0.39442 0.19626 0.21679 0.02517  -0.05137 -0.01909 4   DT  A OP1   
96  O  OP2   . DT  A 4 ? 0.42300 0.16608 0.21158 0.01817  0.02848  -0.02456 4   DT  A OP2   
97  O  "O5'" . DT  A 4 ? 0.38642 0.18026 0.22349 0.02665  -0.01790 -0.04903 4   DT  A "O5'" 
98  C  "C5'" . DT  A 4 ? 0.38623 0.18698 0.29347 0.02080  -0.01050 -0.04376 4   DT  A "C5'" 
99  C  "C4'" . DT  A 4 ? 0.37189 0.19904 0.25716 0.01741  -0.03196 -0.07657 4   DT  A "C4'" 
100 O  "O4'" . DT  A 4 ? 0.35994 0.18695 0.23083 0.03631  -0.04332 -0.09680 4   DT  A "O4'" 
101 C  "C3'" . DT  A 4 ? 0.36459 0.20675 0.24898 0.00588  -0.04989 -0.06865 4   DT  A "C3'" 
102 O  "O3'" . DT  A 4 ? 0.36739 0.22921 0.25080 -0.01969 -0.02986 -0.09013 4   DT  A "O3'" 
103 C  "C2'" . DT  A 4 ? 0.35236 0.18707 0.24015 0.02653  -0.07542 -0.06419 4   DT  A "C2'" 
104 C  "C1'" . DT  A 4 ? 0.35423 0.17783 0.25100 0.04325  -0.06195 -0.08929 4   DT  A "C1'" 
105 N  N1    . DT  A 4 ? 0.35919 0.17137 0.25356 0.05558  -0.06492 -0.09055 4   DT  A N1    
106 C  C2    . DT  A 4 ? 0.35286 0.18226 0.30934 0.06909  -0.09150 -0.09696 4   DT  A C2    
107 O  O2    . DT  A 4 ? 0.35280 0.17948 0.42817 0.07306  -0.09721 -0.09633 4   DT  A O2    
108 N  N3    . DT  A 4 ? 0.35185 0.19387 0.27935 0.08108  -0.10496 -0.06947 4   DT  A N3    
109 C  C4    . DT  A 4 ? 0.36427 0.19616 0.24345 0.08099  -0.09713 -0.05301 4   DT  A C4    
110 O  O4    . DT  A 4 ? 0.37513 0.20764 0.25385 0.08309  -0.09970 -0.04700 4   DT  A O4    
111 C  C5    . DT  A 4 ? 0.37165 0.18978 0.20989 0.06613  -0.06729 -0.06615 4   DT  A C5    
112 C  C7    . DT  A 4 ? 0.38500 0.19490 0.20732 0.05977  -0.04383 -0.05737 4   DT  A C7    
113 C  C6    . DT  A 4 ? 0.36747 0.17570 0.20138 0.05683  -0.05726 -0.08045 4   DT  A C6    
126 P  P     . DG  A 5 ? 0.35944 0.23530 0.27801 -0.02434 -0.00150 -0.09504 5   DG  A P     
127 O  OP1   . DG  A 5 ? 0.37755 0.24817 0.32915 -0.02950 0.01238  -0.11401 5   DG  A OP1   
128 O  OP2   . DG  A 5 ? 0.37539 0.25388 0.25219 -0.02520 0.00321  -0.07442 5   DG  A OP2   
129 O  "O5'" . DG  A 5 ? 0.30505 0.19215 0.25616 -0.01543 0.01293  -0.07909 5   DG  A "O5'" 
130 C  "C5'" . DG  A 5 ? 0.24692 0.15346 0.25633 -0.00509 0.02668  -0.07401 5   DG  A "C5'" 
131 C  "C4'" . DG  A 5 ? 0.19377 0.12685 0.25752 -0.00005 0.03585  -0.06008 5   DG  A "C4'" 
132 O  "O4'" . DG  A 5 ? 0.16292 0.10798 0.25442 0.00663  0.03300  -0.04417 5   DG  A "O4'" 
133 C  "C3'" . DG  A 5 ? 0.17529 0.12877 0.30942 -0.00203 0.03940  -0.06372 5   DG  A "C3'" 
134 O  "O3'" . DG  A 5 ? 0.17648 0.13447 0.36142 0.00759  0.03258  -0.04926 5   DG  A "O3'" 
135 C  "C2'" . DG  A 5 ? 0.15490 0.11647 0.28089 -0.00312 0.04119  -0.05338 5   DG  A "C2'" 
136 C  "C1'" . DG  A 5 ? 0.14423 0.10327 0.25351 -0.00165 0.03449  -0.05008 5   DG  A "C1'" 
137 N  N9    . DG  A 5 ? 0.13082 0.10543 0.22424 -0.00852 0.03186  -0.05452 5   DG  A N9    
138 C  C8    . DG  A 5 ? 0.13643 0.13345 0.23206 -0.01406 0.03982  -0.06376 5   DG  A C8    
139 N  N7    . DG  A 5 ? 0.14330 0.11493 0.18547 -0.02273 0.03133  -0.03903 5   DG  A N7    
140 C  C5    . DG  A 5 ? 0.13837 0.09309 0.18332 -0.02460 0.03436  -0.04501 5   DG  A C5    
141 C  C6    . DG  A 5 ? 0.14501 0.08297 0.17817 -0.02959 0.03912  -0.02263 5   DG  A C6    
142 O  O6    . DG  A 5 ? 0.17019 0.10151 0.16239 -0.02224 0.03949  -0.02691 5   DG  A O6    
143 N  N1    . DG  A 5 ? 0.12292 0.07467 0.16892 -0.01643 0.02446  -0.02219 5   DG  A N1    
144 C  C2    . DG  A 5 ? 0.11669 0.07103 0.17640 -0.00323 0.02601  -0.01096 5   DG  A C2    
145 N  N2    . DG  A 5 ? 0.12171 0.08384 0.14391 -0.00437 0.01154  -0.01893 5   DG  A N2    
146 N  N3    . DG  A 5 ? 0.11922 0.06946 0.18995 -0.00362 0.02928  -0.02347 5   DG  A N3    
147 C  C4    . DG  A 5 ? 0.12547 0.08172 0.19265 -0.00966 0.03747  -0.04091 5   DG  A C4    
159 P  P     . DC  A 6 ? 0.16793 0.15829 0.42711 0.02494  0.02729  -0.06781 6   DC  A P     
160 O  OP1   . DC  A 6 ? 0.18235 0.16555 0.53613 0.02846  0.00451  -0.05377 6   DC  A OP1   
161 O  OP2   . DC  A 6 ? 0.17573 0.17697 0.40342 0.02745  0.05043  -0.03712 6   DC  A OP2   
162 O  "O5'" . DC  A 6 ? 0.16248 0.16223 0.42902 0.02257  0.01871  -0.07861 6   DC  A "O5'" 
163 C  "C5'" . DC  A 6 ? 0.16205 0.17366 0.43635 0.02188  0.01167  -0.05428 6   DC  A "C5'" 
164 C  "C4'" . DC  A 6 ? 0.15954 0.19105 0.45369 0.03827  -0.01906 -0.05914 6   DC  A "C4'" 
165 O  "O4'" . DC  A 6 ? 0.15550 0.19145 0.47850 0.04129  -0.02334 -0.05490 6   DC  A "O4'" 
166 C  "C3'" . DC  A 6 ? 0.16886 0.20873 0.46083 0.05023  -0.04776 -0.07559 6   DC  A "C3'" 
167 O  "O3'" . DC  A 6 ? 0.18145 0.26437 0.47898 0.06012  -0.07809 -0.09964 6   DC  A "O3'" 
168 C  "C2'" . DC  A 6 ? 0.17369 0.19597 0.50196 0.04210  -0.02136 -0.07208 6   DC  A "C2'" 
169 C  "C1'" . DC  A 6 ? 0.16669 0.18344 0.49624 0.03496  -0.00915 -0.06308 6   DC  A "C1'" 
170 N  N1    . DC  A 6 ? 0.16860 0.14995 0.43714 0.01488  -0.00144 -0.04193 6   DC  A N1    
171 C  C2    . DC  A 6 ? 0.15717 0.13289 0.42710 0.00814  -0.01303 -0.04585 6   DC  A C2    
172 O  O2    . DC  A 6 ? 0.15916 0.15000 0.47011 0.01647  0.00381  -0.04511 6   DC  A O2    
173 N  N3    . DC  A 6 ? 0.16253 0.13222 0.43335 -0.00916 0.00661  -0.06712 6   DC  A N3    
174 C  C4    . DC  A 6 ? 0.18479 0.13254 0.40344 -0.01753 0.05001  -0.06376 6   DC  A C4    
175 N  N4    . DC  A 6 ? 0.19963 0.13885 0.42578 -0.00963 0.08286  -0.07313 6   DC  A N4    
176 C  C5    . DC  A 6 ? 0.19088 0.14460 0.43870 -0.02380 0.06394  -0.07253 6   DC  A C5    
177 C  C6    . DC  A 6 ? 0.18005 0.14676 0.42621 -0.00339 0.03318  -0.05003 6   DC  A C6    
189 P  P     . DT  A 7 ? 0.19757 0.32627 0.50801 0.07338  -0.06884 -0.09275 7   DT  A P     
190 O  OP1   . DT  A 7 ? 0.22884 0.33544 0.53608 0.08315  -0.02698 -0.09272 7   DT  A OP1   
191 O  OP2   . DT  A 7 ? 0.20463 0.35493 0.53969 0.05903  -0.03072 -0.08861 7   DT  A OP2   
192 O  "O5'" . DT  A 7 ? 0.20463 0.34743 0.48175 0.06248  -0.09732 -0.06738 7   DT  A "O5'" 
193 C  "C5'" . DT  A 7 ? 0.20703 0.36651 0.47309 0.06346  -0.11054 -0.04848 7   DT  A "C5'" 
194 C  "C4'" . DT  A 7 ? 0.21634 0.37868 0.50668 0.07305  -0.09594 -0.02436 7   DT  A "C4'" 
195 O  "O4'" . DT  A 7 ? 0.21830 0.38781 0.50646 0.07782  -0.07976 -0.02399 7   DT  A "O4'" 
196 C  "C3'" . DT  A 7 ? 0.22588 0.38704 0.54730 0.07761  -0.09301 -0.01834 7   DT  A "C3'" 
197 O  "O3'" . DT  A 7 ? 0.24176 0.39192 0.57714 0.06795  -0.07327 -0.02151 7   DT  A "O3'" 
198 C  "C2'" . DT  A 7 ? 0.22381 0.39573 0.55825 0.08147  -0.08714 -0.02672 7   DT  A "C2'" 
199 C  "C1'" . DT  A 7 ? 0.21764 0.39465 0.53189 0.08616  -0.06592 -0.03033 7   DT  A "C1'" 
200 N  N1    . DT  A 7 ? 0.20595 0.39490 0.50320 0.10085  -0.03762 -0.03997 7   DT  A N1    
201 C  C2    . DT  A 7 ? 0.20473 0.40132 0.50067 0.10917  -0.04363 -0.03074 7   DT  A C2    
202 O  O2    . DT  A 7 ? 0.21640 0.41021 0.52478 0.10449  -0.04784 -0.04218 7   DT  A O2    
203 N  N3    . DT  A 7 ? 0.21691 0.40338 0.51069 0.10300  -0.00772 -0.03372 7   DT  A N3    
204 C  C4    . DT  A 7 ? 0.24305 0.40421 0.50945 0.08683  0.02539  -0.04663 7   DT  A C4    
205 O  O4    . DT  A 7 ? 0.27092 0.40453 0.54711 0.07746  0.04401  -0.05051 7   DT  A O4    
206 C  C5    . DT  A 7 ? 0.23189 0.40119 0.46809 0.08669  0.02158  -0.06058 7   DT  A C5    
207 C  C7    . DT  A 7 ? 0.23783 0.40018 0.47706 0.08296  0.02713  -0.06170 7   DT  A C7    
208 C  C6    . DT  A 7 ? 0.21519 0.40036 0.46410 0.09368  0.00329  -0.06675 7   DT  A C6    
222 O  "O5'" A DG  B 1 ? 0.21072 0.11595 0.27224 0.02899  0.02749  -0.02681 1   DG  B "O5'" 
223 O  "O5'" B DG  B 1 ? 0.23727 0.13967 0.28409 0.04509  0.02410  -0.02054 1   DG  B "O5'" 
224 C  "C5'" A DG  B 1 ? 0.20086 0.10456 0.24781 0.02503  0.03359  -0.02524 1   DG  B "C5'" 
225 C  "C5'" B DG  B 1 ? 0.21673 0.11052 0.25052 0.03835  0.03401  -0.01073 1   DG  B "C5'" 
226 C  "C4'" A DG  B 1 ? 0.18385 0.08948 0.22566 0.01697  0.04008  -0.02908 1   DG  B "C4'" 
227 C  "C4'" B DG  B 1 ? 0.18461 0.08381 0.22818 0.01872  0.04856  -0.02087 1   DG  B "C4'" 
228 O  "O4'" A DG  B 1 ? 0.18098 0.08531 0.24058 0.01185  0.05194  -0.03674 1   DG  B "O4'" 
229 O  "O4'" B DG  B 1 ? 0.17501 0.08501 0.24449 0.00417  0.06269  -0.03964 1   DG  B "O4'" 
230 C  "C3'" A DG  B 1 ? 0.16714 0.08264 0.18913 0.01310  0.02741  -0.03036 1   DG  B "C3'" 
231 C  "C3'" B DG  B 1 ? 0.15966 0.07515 0.17835 0.00911  0.01920  -0.02777 1   DG  B "C3'" 
232 O  "O3'" A DG  B 1 ? 0.14920 0.08196 0.17194 0.01330  0.01784  -0.03694 1   DG  B "O3'" 
233 O  "O3'" B DG  B 1 ? 0.13594 0.07761 0.17189 0.01482  0.00975  -0.04197 1   DG  B "O3'" 
234 C  "C2'" A DG  B 1 ? 0.17110 0.07963 0.19885 0.00996  0.03382  -0.02990 1   DG  B "C2'" 
235 C  "C2'" B DG  B 1 ? 0.16439 0.06999 0.18568 0.00039  0.02247  -0.02919 1   DG  B "C2'" 
236 C  "C1'" A DG  B 1 ? 0.17697 0.08212 0.23211 0.00904  0.04996  -0.03211 1   DG  B "C1'" 
237 C  "C1'" B DG  B 1 ? 0.16533 0.07111 0.21499 0.00391  0.04338  -0.03088 1   DG  B "C1'" 
238 N  N9    A DG  B 1 ? 0.17994 0.08816 0.26056 0.00696  0.06190  -0.02268 1   DG  B N9    
239 N  N9    B DG  B 1 ? 0.16377 0.07796 0.24374 0.01459  0.05193  -0.00894 1   DG  B N9    
240 C  C8    A DG  B 1 ? 0.18505 0.09835 0.28054 0.00770  0.07098  -0.01557 1   DG  B C8    
241 C  C8    B DG  B 1 ? 0.17886 0.10400 0.27424 0.02315  0.08356  0.00108  1   DG  B C8    
242 N  N7    A DG  B 1 ? 0.18622 0.10252 0.31159 0.00576  0.07679  -0.01538 1   DG  B N7    
243 N  N7    B DG  B 1 ? 0.18123 0.11448 0.33120 0.01660  0.09272  -0.00537 1   DG  B N7    
244 C  C5    A DG  B 1 ? 0.18241 0.09519 0.32492 0.00376  0.07700  -0.01500 1   DG  B C5    
245 C  C5    B DG  B 1 ? 0.16803 0.09840 0.34014 0.00687  0.09524  -0.00690 1   DG  B C5    
246 C  C6    A DG  B 1 ? 0.18153 0.09632 0.35097 0.00325  0.07447  -0.01316 1   DG  B C6    
247 C  C6    B DG  B 1 ? 0.17021 0.09940 0.35976 0.00723  0.08651  0.00148  1   DG  B C6    
248 O  O6    A DG  B 1 ? 0.18554 0.09623 0.35930 0.00290  0.06948  -0.00432 1   DG  B O6    
249 O  O6    B DG  B 1 ? 0.19294 0.09992 0.36885 0.00496  0.07694  0.00925  1   DG  B O6    
250 N  N1    A DG  B 1 ? 0.17667 0.10117 0.35229 0.00069  0.07247  -0.03267 1   DG  B N1    
251 N  N1    B DG  B 1 ? 0.14772 0.09658 0.33559 0.00749  0.06882  -0.02135 1   DG  B N1    
252 C  C2    A DG  B 1 ? 0.17520 0.10549 0.32974 -0.00316 0.06594  -0.05288 1   DG  B C2    
253 C  C2    B DG  B 1 ? 0.14535 0.09749 0.32530 0.00577  0.04790  -0.03725 1   DG  B C2    
254 N  N2    A DG  B 1 ? 0.17572 0.12014 0.32655 -0.00611 0.05909  -0.07684 1   DG  B N2    
255 N  N2    B DG  B 1 ? 0.15412 0.12638 0.33718 0.00644  0.03837  -0.08130 1   DG  B N2    
256 N  N3    A DG  B 1 ? 0.17556 0.09390 0.29045 -0.00337 0.06784  -0.04070 1   DG  B N3    
257 N  N3    B DG  B 1 ? 0.14443 0.08194 0.25319 -0.01264 0.05663  -0.03784 1   DG  B N3    
258 C  C4    A DG  B 1 ? 0.17863 0.08935 0.28512 0.00198  0.06957  -0.02467 1   DG  B C4    
259 C  C4    B DG  B 1 ? 0.15393 0.07971 0.25476 0.00014  0.06764  -0.01959 1   DG  B C4    
284 P  P     . DC  B 2 ? 0.13395 0.07849 0.16369 0.01373  0.01282  -0.03685 2   DC  B P     
285 O  OP1   . DC  B 2 ? 0.15978 0.07629 0.15250 0.02900  0.00553  -0.03988 2   DC  B OP1   
286 O  OP2   . DC  B 2 ? 0.14423 0.12292 0.17178 -0.01696 0.01756  -0.03234 2   DC  B OP2   
287 O  "O5'" . DC  B 2 ? 0.12807 0.08457 0.13946 0.02834  0.00266  -0.04237 2   DC  B "O5'" 
288 C  "C5'" . DC  B 2 ? 0.11794 0.06847 0.13701 0.02174  0.00398  -0.03304 2   DC  B "C5'" 
289 C  "C4'" . DC  B 2 ? 0.10905 0.06191 0.12992 0.00998  0.00815  -0.02705 2   DC  B "C4'" 
290 O  "O4'" . DC  B 2 ? 0.10658 0.06389 0.17364 0.00806  0.00484  0.00916  2   DC  B "O4'" 
291 C  "C3'" . DC  B 2 ? 0.11516 0.05825 0.11226 0.00511  0.01162  -0.02782 2   DC  B "C3'" 
292 O  "O3'" . DC  B 2 ? 0.11713 0.04865 0.14495 0.00308  0.01907  -0.02725 2   DC  B "O3'" 
293 C  "C2'" . DC  B 2 ? 0.11395 0.06310 0.13914 0.00665  0.00374  -0.00918 2   DC  B "C2'" 
294 C  "C1'" . DC  B 2 ? 0.11206 0.06487 0.14309 0.01131  0.00735  -0.00499 2   DC  B "C1'" 
295 N  N1    . DC  B 2 ? 0.11513 0.05662 0.12820 0.01013  0.01518  -0.01224 2   DC  B N1    
296 C  C2    . DC  B 2 ? 0.11888 0.05206 0.11844 0.00651  0.00225  -0.01550 2   DC  B C2    
297 O  O2    . DC  B 2 ? 0.13029 0.05500 0.12823 0.00099  -0.00511 -0.00633 2   DC  B O2    
298 N  N3    . DC  B 2 ? 0.12379 0.04765 0.11924 0.00386  0.01630  -0.01130 2   DC  B N3    
299 C  C4    . DC  B 2 ? 0.12943 0.06234 0.10810 0.00418  0.01461  -0.02072 2   DC  B C4    
300 N  N4    . DC  B 2 ? 0.14075 0.07933 0.11347 0.00038  0.00808  -0.02863 2   DC  B N4    
301 C  C5    . DC  B 2 ? 0.13085 0.07986 0.10632 0.00128  0.01459  -0.02269 2   DC  B C5    
302 C  C6    . DC  B 2 ? 0.12584 0.07430 0.12396 0.00296  0.02274  -0.01887 2   DC  B C6    
314 P  P     . DA  B 3 ? 0.11720 0.04329 0.12263 0.01736  0.01812  -0.01686 3   DA  B P     
315 O  OP1   . DA  B 3 ? 0.13059 0.04502 0.15262 0.01589  0.01570  -0.01206 3   DA  B OP1   
316 O  OP2   . DA  B 3 ? 0.11585 0.05320 0.12916 0.01826  0.02070  -0.00794 3   DA  B OP2   
317 O  "O5'" . DA  B 3 ? 0.12121 0.06777 0.10918 0.02190  0.00894  -0.01301 3   DA  B "O5'" 
318 C  "C5'" . DA  B 3 ? 0.12903 0.08855 0.12143 0.02268  -0.00262 -0.00870 3   DA  B "C5'" 
319 C  "C4'" . DA  B 3 ? 0.13065 0.07038 0.13092 0.02481  -0.01052 0.00887  3   DA  B "C4'" 
320 O  "O4'" . DA  B 3 ? 0.11807 0.05650 0.16259 0.02199  -0.00368 0.00399  3   DA  B "O4'" 
321 C  "C3'" . DA  B 3 ? 0.16035 0.08086 0.09995 0.02857  -0.01218 -0.00724 3   DA  B "C3'" 
322 O  "O3'" . DA  B 3 ? 0.21170 0.09861 0.13163 0.06267  -0.02262 0.00606  3   DA  B "O3'" 
323 C  "C2'" . DA  B 3 ? 0.13640 0.06865 0.11267 0.01731  -0.00607 -0.00454 3   DA  B "C2'" 
324 C  "C1'" . DA  B 3 ? 0.11641 0.05083 0.13629 0.01545  -0.00620 0.00445  3   DA  B "C1'" 
325 N  N9    . DA  B 3 ? 0.09895 0.04705 0.13730 0.00418  -0.00474 -0.01238 3   DA  B N9    
326 C  C8    . DA  B 3 ? 0.10187 0.05134 0.12561 0.00813  -0.00360 -0.00588 3   DA  B C8    
327 N  N7    . DA  B 3 ? 0.10476 0.04669 0.11389 0.00188  -0.00195 -0.00829 3   DA  B N7    
328 C  C5    . DA  B 3 ? 0.09630 0.04414 0.11820 -0.00497 -0.00166 -0.00929 3   DA  B C5    
329 C  C6    . DA  B 3 ? 0.10041 0.03698 0.11530 -0.00066 0.00494  -0.00083 3   DA  B C6    
330 N  N6    . DA  B 3 ? 0.10115 0.04077 0.13497 0.00587  0.00821  -0.02086 3   DA  B N6    
331 N  N1    . DA  B 3 ? 0.10658 0.05378 0.10939 0.00225  0.00350  -0.01130 3   DA  B N1    
332 C  C2    . DA  B 3 ? 0.11247 0.06056 0.10041 0.00103  0.01453  -0.01543 3   DA  B C2    
333 N  N3    . DA  B 3 ? 0.10716 0.05334 0.11390 -0.00078 -0.00033 -0.01004 3   DA  B N3    
334 C  C4    . DA  B 3 ? 0.09918 0.04513 0.11770 -0.00196 0.00368  -0.01340 3   DA  B C4    
346 P  P     . DT  B 4 ? 0.28079 0.16816 0.14894 0.07103  0.00634  0.00934  4   DT  B P     
347 O  OP1   . DT  B 4 ? 0.29637 0.20636 0.21244 0.07320  0.04075  0.00966  4   DT  B OP1   
348 O  OP2   . DT  B 4 ? 0.30401 0.20726 0.16502 0.06844  0.01469  -0.00662 4   DT  B OP2   
349 O  "O5'" . DT  B 4 ? 0.27477 0.13638 0.20830 0.08391  -0.00810 0.01982  4   DT  B "O5'" 
350 C  "C5'" . DT  B 4 ? 0.27004 0.11732 0.19881 0.06771  -0.00376 0.02173  4   DT  B "C5'" 
351 C  "C4'" . DT  B 4 ? 0.25994 0.10078 0.13905 0.04031  0.00117  0.01731  4   DT  B "C4'" 
352 O  "O4'" . DT  B 4 ? 0.26353 0.10869 0.13882 0.02722  0.00778  0.00723  4   DT  B "O4'" 
353 C  "C3'" . DT  B 4 ? 0.24154 0.10151 0.13149 0.02392  -0.00463 0.01263  4   DT  B "C3'" 
354 O  "O3'" . DT  B 4 ? 0.22640 0.09299 0.16766 0.01998  -0.00490 0.00103  4   DT  B "O3'" 
355 C  "C2'" . DT  B 4 ? 0.24352 0.12174 0.15423 0.01109  -0.00429 -0.01116 4   DT  B "C2'" 
356 C  "C1'" . DT  B 4 ? 0.26183 0.13351 0.14074 0.00930  0.01600  -0.00861 4   DT  B "C1'" 
357 N  N1    . DT  B 4 ? 0.28258 0.16691 0.14975 -0.00653 0.04401  -0.01447 4   DT  B N1    
358 C  C2    . DT  B 4 ? 0.30363 0.18672 0.16246 -0.01792 0.06517  -0.04055 4   DT  B C2    
359 O  O2    . DT  B 4 ? 0.31634 0.18131 0.20865 -0.00835 0.08856  -0.03813 4   DT  B O2    
360 N  N3    . DT  B 4 ? 0.31029 0.21242 0.15849 -0.03914 0.07279  -0.06069 4   DT  B N3    
361 C  C4    . DT  B 4 ? 0.30291 0.25474 0.16368 -0.04101 0.07419  -0.06771 4   DT  B C4    
362 O  O4    . DT  B 4 ? 0.30393 0.28652 0.20454 -0.04625 0.07506  -0.07687 4   DT  B O4    
363 C  C5    . DT  B 4 ? 0.29047 0.23445 0.16408 -0.01946 0.06111  -0.01023 4   DT  B C5    
364 C  C7    . DT  B 4 ? 0.28666 0.25472 0.20022 -0.01246 0.05861  0.00086  4   DT  B C7    
365 C  C6    . DT  B 4 ? 0.28456 0.19576 0.17894 -0.01218 0.05002  -0.00663 4   DT  B C6    
378 P  P     . DG  B 5 ? 0.22397 0.09022 0.16802 0.01134  -0.00564 -0.01485 5   DG  B P     
379 O  OP1   . DG  B 5 ? 0.22274 0.09151 0.20398 0.01451  0.00660  -0.02585 5   DG  B OP1   
380 O  OP2   . DG  B 5 ? 0.23625 0.12040 0.15598 0.01383  -0.02574 -0.01940 5   DG  B OP2   
381 O  "O5'" . DG  B 5 ? 0.20232 0.07477 0.17144 0.00598  -0.00339 -0.01899 5   DG  B "O5'" 
382 C  "C5'" . DG  B 5 ? 0.17260 0.06579 0.16204 0.00578  0.00662  -0.02243 5   DG  B "C5'" 
383 C  "C4'" . DG  B 5 ? 0.14050 0.06627 0.16594 0.01097  0.00133  -0.02810 5   DG  B "C4'" 
384 O  "O4'" . DG  B 5 ? 0.12936 0.06591 0.15775 0.01101  0.00352  -0.02595 5   DG  B "O4'" 
385 C  "C3'" . DG  B 5 ? 0.12323 0.07113 0.17360 0.01817  -0.00572 -0.03338 5   DG  B "C3'" 
386 O  "O3'" . DG  B 5 ? 0.12601 0.08199 0.18451 0.01185  0.00416  -0.03604 5   DG  B "O3'" 
387 C  "C2'" . DG  B 5 ? 0.12081 0.06935 0.18493 0.02289  -0.00622 -0.03014 5   DG  B "C2'" 
388 C  "C1'" . DG  B 5 ? 0.12515 0.06131 0.15031 0.01233  0.00564  -0.02906 5   DG  B "C1'" 
389 N  N9    . DG  B 5 ? 0.12134 0.05741 0.16088 0.01507  -0.00750 -0.00650 5   DG  B N9    
390 C  C8    . DG  B 5 ? 0.11863 0.06112 0.18328 0.02332  -0.01121 -0.00610 5   DG  B C8    
391 N  N7    . DG  B 5 ? 0.12291 0.06184 0.15748 0.01210  -0.01158 -0.01727 5   DG  B N7    
392 C  C5    . DG  B 5 ? 0.11618 0.05191 0.15821 0.00461  -0.01616 -0.02441 5   DG  B C5    
393 C  C6    . DG  B 5 ? 0.12586 0.05326 0.14064 0.00677  -0.01785 -0.02027 5   DG  B C6    
394 O  O6    . DG  B 5 ? 0.14995 0.06590 0.14366 0.01129  -0.01318 -0.01901 5   DG  B O6    
395 N  N1    . DG  B 5 ? 0.11878 0.04243 0.14236 0.00232  -0.00784 -0.02196 5   DG  B N1    
396 C  C2    . DG  B 5 ? 0.11535 0.04967 0.13089 0.00266  -0.00613 -0.02757 5   DG  B C2    
397 N  N2    . DG  B 5 ? 0.12841 0.05374 0.11823 0.00831  -0.00088 -0.01017 5   DG  B N2    
398 N  N3    . DG  B 5 ? 0.11517 0.05124 0.13470 0.00672  -0.00942 -0.02247 5   DG  B N3    
399 C  C4    . DG  B 5 ? 0.11240 0.05257 0.14601 0.00779  -0.01792 -0.01843 5   DG  B C4    
411 P  P     A DC  B 6 ? 0.13300 0.07023 0.23079 0.01534  0.01111  -0.03069 6   DC  B P     
412 P  P     B DC  B 6 ? 0.13395 0.08970 0.16359 -0.00155 0.01316  -0.06518 6   DC  B P     
413 O  OP1   A DC  B 6 ? 0.14673 0.07752 0.23368 0.02112  0.01893  -0.01965 6   DC  B OP1   
414 O  OP1   B DC  B 6 ? 0.14328 0.09035 0.13523 -0.00153 0.01129  -0.06304 6   DC  B OP1   
415 O  OP2   A DC  B 6 ? 0.11260 0.13637 0.26149 0.01551  0.00003  -0.07252 6   DC  B OP2   
416 O  OP2   B DC  B 6 ? 0.12698 0.13781 0.18525 -0.00459 0.00822  -0.09381 6   DC  B OP2   
417 O  "O5'" A DC  B 6 ? 0.15482 0.08251 0.24648 0.01867  0.03078  -0.03107 6   DC  B "O5'" 
418 O  "O5'" B DC  B 6 ? 0.14095 0.08586 0.20245 0.00213  0.03325  -0.05567 6   DC  B "O5'" 
419 C  "C5'" A DC  B 6 ? 0.18140 0.09549 0.26457 0.02898  0.05142  0.01884  6   DC  B "C5'" 
420 C  "C5'" B DC  B 6 ? 0.14164 0.07301 0.24453 0.01558  0.04292  -0.00431 6   DC  B "C5'" 
421 C  "C4'" A DC  B 6 ? 0.21895 0.11938 0.30320 0.02548  0.10039  0.01360  6   DC  B "C4'" 
422 C  "C4'" B DC  B 6 ? 0.14888 0.06961 0.23995 0.00732  0.06659  0.00805  6   DC  B "C4'" 
423 O  "O4'" A DC  B 6 ? 0.22686 0.11412 0.32375 0.03130  0.10113  0.00513  6   DC  B "O4'" 
424 O  "O4'" B DC  B 6 ? 0.15013 0.06856 0.22846 0.00276  0.07018  -0.00782 6   DC  B "O4'" 
425 C  "C3'" A DC  B 6 ? 0.25058 0.14418 0.32669 0.00821  0.14594  -0.00487 6   DC  B "C3'" 
426 C  "C3'" B DC  B 6 ? 0.15821 0.07245 0.21825 -0.00622 0.09188  -0.00583 6   DC  B "C3'" 
427 O  "O3'" A DC  B 6 ? 0.28070 0.17646 0.40376 -0.00422 0.17004  -0.00131 6   DC  B "O3'" 
428 O  "O3'" B DC  B 6 ? 0.16327 0.08155 0.23443 -0.01496 0.09914  -0.01611 6   DC  B "O3'" 
429 C  "C2'" A DC  B 6 ? 0.24349 0.13400 0.32793 0.01251  0.11758  -0.00837 6   DC  B "C2'" 
430 C  "C2'" B DC  B 6 ? 0.15307 0.06225 0.20225 -0.00332 0.06434  -0.00603 6   DC  B "C2'" 
431 C  "C1'" A DC  B 6 ? 0.23374 0.11715 0.33062 0.01707  0.09873  -0.01080 6   DC  B "C1'" 
432 C  "C1'" B DC  B 6 ? 0.14853 0.06828 0.21426 -0.00102 0.05128  -0.01914 6   DC  B "C1'" 
433 N  N1    A DC  B 6 ? 0.22196 0.11018 0.33885 0.00570  0.07910  -0.02290 6   DC  B N1    
434 N  N1    B DC  B 6 ? 0.14640 0.08317 0.21282 -0.01033 0.04175  -0.02571 6   DC  B N1    
435 C  C2    A DC  B 6 ? 0.21458 0.11860 0.32876 -0.00247 0.08608  -0.04226 6   DC  B C2    
436 C  C2    B DC  B 6 ? 0.15071 0.08186 0.23536 -0.02404 0.04753  -0.02616 6   DC  B C2    
437 O  O2    A DC  B 6 ? 0.22656 0.13506 0.38466 -0.01044 0.12018  -0.05874 6   DC  B O2    
438 O  O2    B DC  B 6 ? 0.16982 0.09957 0.28208 -0.02891 0.06508  -0.05576 6   DC  B O2    
439 N  N3    A DC  B 6 ? 0.18870 0.10403 0.32395 0.01598  0.04324  -0.04222 6   DC  B N3    
440 N  N3    B DC  B 6 ? 0.13324 0.08923 0.18423 -0.03400 0.03109  -0.04094 6   DC  B N3    
441 C  C4    A DC  B 6 ? 0.17211 0.11222 0.28693 0.03569  0.00066  -0.05300 6   DC  B C4    
442 C  C4    B DC  B 6 ? 0.12487 0.10089 0.16969 -0.02345 0.03193  -0.04525 6   DC  B C4    
443 N  N4    A DC  B 6 ? 0.17048 0.11037 0.26548 0.05685  0.00070  -0.03363 6   DC  B N4    
444 N  N4    B DC  B 6 ? 0.12320 0.11621 0.11204 -0.02498 0.04367  -0.05507 6   DC  B N4    
445 C  C5    A DC  B 6 ? 0.17968 0.11090 0.30457 0.02619  0.00429  -0.06095 6   DC  B C5    
446 C  C5    B DC  B 6 ? 0.12586 0.10916 0.12908 -0.01209 0.01995  -0.05646 6   DC  B C5    
447 C  C6    A DC  B 6 ? 0.20178 0.11700 0.31141 0.01303  0.03834  -0.05193 6   DC  B C6    
448 C  C6    B DC  B 6 ? 0.13637 0.09733 0.17156 -0.00253 0.03237  -0.02614 6   DC  B C6    
471 P  P     A DT  B 7 ? 0.30471 0.21546 0.46112 -0.01820 0.15888  0.00148  7   DT  B P     
472 P  P     B DT  B 7 ? 0.17248 0.09737 0.29865 -0.01891 0.10636  -0.01311 7   DT  B P     
473 O  OP1   A DT  B 7 ? 0.31100 0.21423 0.49708 -0.01887 0.16180  -0.00808 7   DT  B OP1   
474 O  OP1   B DT  B 7 ? 0.17658 0.11513 0.29177 -0.01160 0.12213  -0.02552 7   DT  B OP1   
475 O  OP2   A DT  B 7 ? 0.30788 0.22855 0.47370 -0.01570 0.12802  0.01297  7   DT  B OP2   
476 O  OP2   B DT  B 7 ? 0.15435 0.12294 0.34060 -0.02773 0.06994  -0.03374 7   DT  B OP2   
477 O  "O5'" A DT  B 7 ? 0.31227 0.24279 0.41456 -0.02526 0.15999  -0.00510 7   DT  B "O5'" 
478 O  "O5'" B DT  B 7 ? 0.19611 0.10845 0.26236 -0.01443 0.12453  -0.01669 7   DT  B "O5'" 
479 C  "C5'" A DT  B 7 ? 0.31702 0.26464 0.40238 -0.02839 0.15279  -0.01314 7   DT  B "C5'" 
480 C  "C5'" B DT  B 7 ? 0.22392 0.16015 0.34403 -0.01707 0.13468  -0.04014 7   DT  B "C5'" 
481 C  "C4'" A DT  B 7 ? 0.32201 0.28099 0.42569 -0.03195 0.13783  -0.01511 7   DT  B "C4'" 
482 C  "C4'" B DT  B 7 ? 0.25590 0.21214 0.40392 -0.02814 0.13481  -0.03519 7   DT  B "C4'" 
483 O  "O4'" A DT  B 7 ? 0.31855 0.28038 0.43620 -0.03208 0.13096  -0.02227 7   DT  B "O4'" 
484 O  "O4'" B DT  B 7 ? 0.26667 0.22970 0.43048 -0.03308 0.12862  -0.03750 7   DT  B "O4'" 
485 C  "C3'" A DT  B 7 ? 0.33065 0.29732 0.45198 -0.03321 0.12509  -0.01037 7   DT  B "C3'" 
486 C  "C3'" B DT  B 7 ? 0.27673 0.24265 0.43764 -0.03305 0.13073  -0.02415 7   DT  B "C3'" 
487 O  "O3'" A DT  B 7 ? 0.34527 0.31152 0.45986 -0.03731 0.11832  -0.00425 7   DT  B "O3'" 
488 O  "O3'" B DT  B 7 ? 0.29224 0.26077 0.45182 -0.03736 0.12624  -0.02006 7   DT  B "O3'" 
489 C  "C2'" A DT  B 7 ? 0.32294 0.29538 0.46011 -0.02985 0.12463  -0.01577 7   DT  B "C2'" 
490 C  "C2'" B DT  B 7 ? 0.27766 0.24961 0.44916 -0.03223 0.12949  -0.02535 7   DT  B "C2'" 
491 C  "C1'" A DT  B 7 ? 0.31689 0.29437 0.45510 -0.02620 0.12618  -0.02308 7   DT  B "C1'" 
492 C  "C1'" B DT  B 7 ? 0.27763 0.25458 0.45020 -0.02957 0.12593  -0.03150 7   DT  B "C1'" 
493 N  N1    A DT  B 7 ? 0.31477 0.30835 0.47509 -0.01821 0.12399  -0.02741 7   DT  B N1    
494 N  N1    B DT  B 7 ? 0.29103 0.28311 0.47079 -0.02278 0.12103  -0.03153 7   DT  B N1    
495 C  C2    A DT  B 7 ? 0.32160 0.31381 0.48394 -0.02106 0.12888  -0.01649 7   DT  B C2    
496 C  C2    B DT  B 7 ? 0.30354 0.29495 0.47919 -0.02455 0.12417  -0.02170 7   DT  B C2    
497 O  O2    A DT  B 7 ? 0.32788 0.31641 0.49422 -0.01229 0.12792  -0.00944 7   DT  B O2    
498 O  O2    B DT  B 7 ? 0.31123 0.29977 0.48742 -0.01816 0.12322  -0.01694 7   DT  B O2    
499 N  N3    A DT  B 7 ? 0.32014 0.31656 0.48016 -0.03134 0.11416  -0.01573 7   DT  B N3    
500 N  N3    B DT  B 7 ? 0.30460 0.29966 0.47617 -0.03156 0.11302  -0.01923 7   DT  B N3    
501 C  C4    A DT  B 7 ? 0.32015 0.32843 0.49094 -0.03291 0.08575  -0.03063 7   DT  B C4    
502 C  C4    B DT  B 7 ? 0.30529 0.31050 0.48705 -0.03191 0.09225  -0.03116 7   DT  B C4    
503 O  O4    A DT  B 7 ? 0.32279 0.34322 0.53510 -0.03842 0.07466  -0.04844 7   DT  B O4    
504 O  O4    B DT  B 7 ? 0.30753 0.32277 0.51730 -0.03541 0.08549  -0.04493 7   DT  B O4    
505 C  C5    A DT  B 7 ? 0.32012 0.32305 0.48315 -0.02308 0.08425  -0.02755 7   DT  B C5    
506 C  C5    B DT  B 7 ? 0.30431 0.30602 0.48120 -0.02474 0.08934  -0.02956 7   DT  B C5    
507 C  C7    A DT  B 7 ? 0.32766 0.33042 0.50104 -0.02540 0.07358  -0.03358 7   DT  B C7    
508 C  C7    B DT  B 7 ? 0.31102 0.31348 0.49426 -0.02569 0.07955  -0.03351 7   DT  B C7    
509 C  C6    A DT  B 7 ? 0.31458 0.31478 0.47314 -0.01503 0.10834  -0.02963 7   DT  B C6    
510 C  C6    B DT  B 7 ? 0.29637 0.29555 0.47289 -0.01955 0.10737  -0.03280 7   DT  B C6    
537 CO CO    . NCO C . ? 0.13906 0.04396 0.13982 -0.00111 0.00801  -0.02501 101 NCO A CO    
538 N  N1    . NCO C . ? 0.14593 0.05988 0.20069 -0.01630 0.01779  -0.02709 101 NCO A N1    
539 N  N2    . NCO C . ? 0.15814 0.06267 0.18043 -0.01295 0.01290  -0.03984 101 NCO A N2    
540 N  N3    . NCO C . ? 0.16159 0.05718 0.18430 -0.00197 0.03455  -0.02303 101 NCO A N3    
541 N  N4    . NCO C . ? 0.15239 0.05383 0.17623 0.01774  0.01334  -0.02291 101 NCO A N4    
542 N  N5    . NCO C . ? 0.15725 0.06307 0.16778 -0.00783 0.01803  -0.02580 101 NCO A N5    
543 N  N6    . NCO C . ? 0.15915 0.09260 0.15777 -0.00118 0.00280  -0.04408 101 NCO A N6    
562 CO CO    . NCO D . ? 0.30332 0.20706 0.69268 0.05894  -0.00679 -0.05499 102 NCO A CO    
563 N  N1    . NCO D . ? 0.31422 0.19066 0.64896 0.03910  -0.00654 -0.07114 102 NCO A N1    
564 N  N2    . NCO D . ? 0.28938 0.22323 0.65901 0.06866  -0.01961 -0.06729 102 NCO A N2    
565 N  N3    . NCO D . ? 0.30185 0.21286 0.73636 0.05563  -0.02270 -0.03658 102 NCO A N3    
566 N  N4    . NCO D . ? 0.31503 0.21867 0.71913 0.05577  -0.00142 -0.06054 102 NCO A N4    
567 N  N5    . NCO D . ? 0.30587 0.23866 0.74594 0.05299  0.00451  -0.08541 102 NCO A N5    
568 N  N6    . NCO D . ? 0.30963 0.19263 0.65443 0.05256  0.00637  -0.04994 102 NCO A N6    
587 CO CO    . NCO E . ? 1.17538 1.11400 1.16997 0.08340  0.11299  0.11374  103 NCO A CO    
588 N  N1    . NCO E . ? 1.17326 1.11787 1.16724 0.08781  0.10800  0.11741  103 NCO A N1    
589 N  N2    . NCO E . ? 1.17386 1.11227 1.17700 0.08564  0.10933  0.11413  103 NCO A N2    
590 N  N3    . NCO E . ? 1.17758 1.11640 1.17632 0.07890  0.11497  0.11128  103 NCO A N3    
591 N  N4    . NCO E . ? 1.17499 1.11963 1.17734 0.08460  0.11286  0.10079  103 NCO A N4    
592 N  N5    . NCO E . ? 1.17525 1.10628 1.16293 0.07995  0.11244  0.11206  103 NCO A N5    
593 N  N6    . NCO E . ? 1.17646 1.11245 1.17714 0.08259  0.12077  0.11912  103 NCO A N6    
612 CO CO    . NCO F . ? 0.37602 0.53769 0.34139 -0.00024 -0.21383 -0.00315 104 NCO A CO    
613 N  N1    . NCO F . ? 0.37317 0.53308 0.34279 0.00839  -0.21338 0.01737  104 NCO A N1    
614 N  N2    . NCO F . ? 0.37132 0.54881 0.35802 0.00188  -0.21691 -0.00574 104 NCO A N2    
615 N  N3    . NCO F . ? 0.38963 0.54589 0.38184 -0.00619 -0.19007 -0.02110 104 NCO A N3    
616 N  N4    . NCO F . ? 0.37776 0.53250 0.36980 0.00200  -0.21353 0.00171  104 NCO A N4    
617 N  N5    . NCO F . ? 0.38594 0.54164 0.38642 -0.00672 -0.19229 -0.02063 104 NCO A N5    
618 N  N6    . NCO F . ? 0.38158 0.54039 0.35836 -0.00666 -0.20502 -0.01192 104 NCO A N6    
637 CO CO    . NCO G . ? 0.73653 0.72250 0.67176 0.02497  0.00849  -0.04091 105 NCO A CO    
638 N  N1    . NCO G . ? 0.73586 0.72355 0.65817 0.02363  0.00922  -0.05041 105 NCO A N1    
639 N  N2    . NCO G . ? 0.73668 0.72160 0.67635 0.02305  0.00818  -0.04835 105 NCO A N2    
640 N  N3    . NCO G . ? 0.73303 0.72330 0.65935 0.02562  -0.00171 -0.03844 105 NCO A N3    
641 N  N4    . NCO G . ? 0.73838 0.72232 0.68195 0.02598  0.01040  -0.04390 105 NCO A N4    
642 N  N5    . NCO G . ? 0.73500 0.72262 0.68463 0.02548  0.00784  -0.03709 105 NCO A N5    
643 N  N6    . NCO G . ? 0.73911 0.72321 0.65076 0.02483  0.01305  -0.03447 105 NCO A N6    
662 CO CO    . NCO H . ? 0.28109 0.22872 0.23161 0.01579  -0.00170 0.03176  101 NCO B CO    
663 N  N1    . NCO H . ? 0.27625 0.22434 0.21974 0.01433  -0.00405 0.05790  101 NCO B N1    
664 N  N2    . NCO H . ? 0.28870 0.23839 0.27083 0.01289  0.01466  0.00730  101 NCO B N2    
665 N  N3    . NCO H . ? 0.29151 0.23780 0.20435 0.01491  0.01141  0.00993  101 NCO B N3    
666 N  N4    . NCO H . ? 0.27909 0.23814 0.27244 0.01597  0.00117  0.00700  101 NCO B N4    
667 N  N5    . NCO H . ? 0.27881 0.23495 0.22840 0.01845  -0.00855 0.03313  101 NCO B N5    
668 N  N6    . NCO H . ? 0.28087 0.23044 0.24797 0.01075  -0.00827 0.01770  101 NCO B N6    
687 O  O     . HOH I . ? 0.30538 0.29377 0.20329 0.09055  -0.04927 -0.12635 201 HOH A O     
688 O  O     . HOH I . ? 0.28675 0.24095 0.63037 -0.00129 0.06774  0.16443  202 HOH A O     
689 O  O     . HOH I . ? 0.38853 0.29976 0.31954 -0.04387 -0.18287 0.01147  203 HOH A O     
690 O  O     . HOH I . ? 0.29311 0.23973 0.34348 -0.00225 -0.01044 -0.06842 204 HOH A O     
691 O  O     A HOH I . ? 0.25109 0.15439 0.25290 0.06010  0.03865  -0.08571 205 HOH A O     
692 O  O     B HOH I . ? 0.36298 0.26336 0.25808 0.07191  0.07357  -0.11948 205 HOH A O     
693 O  O     . HOH I . ? 0.48724 0.69014 0.19443 0.01209  0.01479  0.09315  206 HOH A O     
694 O  O     . HOH I . ? 0.14496 0.14904 0.49678 -0.01967 0.04401  -0.01647 207 HOH A O     
695 O  O     . HOH I . ? 0.12662 0.08931 0.14331 0.01744  -0.01006 -0.02242 208 HOH A O     
696 O  O     . HOH I . ? 0.40152 0.26503 0.53991 0.11167  0.16543  -0.01411 209 HOH A O     
697 O  O     . HOH I . ? 0.19335 0.41554 0.40219 0.05800  0.09417  -0.08687 210 HOH A O     
698 O  O     . HOH I . ? 0.33929 0.34344 0.23666 -0.05234 -0.04467 0.09876  211 HOH A O     
699 O  O     . HOH I . ? 0.33107 0.16241 0.14418 0.07114  -0.02786 0.00043  212 HOH A O     
700 O  O     . HOH I . ? 0.51304 0.35576 0.40007 -0.05136 -0.08487 0.18393  213 HOH A O     
701 O  O     . HOH I . ? 0.23422 0.12029 0.24378 -0.01454 -0.03990 -0.02789 214 HOH A O     
702 O  O     . HOH I . ? 0.13042 0.11067 0.25196 0.01394  -0.00978 -0.05028 215 HOH A O     
703 O  O     . HOH I . ? 0.28070 0.11475 0.18896 -0.04013 -0.05486 -0.01998 216 HOH A O     
704 O  O     . HOH I . ? 0.27110 0.07827 0.18870 0.02248  0.00767  -0.02191 217 HOH A O     
705 O  O     . HOH I . ? 0.61091 0.16889 0.31321 -0.06629 0.05535  -0.02243 218 HOH A O     
706 O  O     . HOH I . ? 0.43277 0.14768 0.23559 -0.00884 0.00714  -0.04276 219 HOH A O     
707 O  O     . HOH I . ? 0.12154 0.06632 0.16696 -0.01696 -0.02736 -0.01551 220 HOH A O     
708 O  O     . HOH I . ? 0.49355 0.15444 0.43260 -0.03662 0.10433  -0.04895 221 HOH A O     
709 O  O     . HOH I . ? 0.25910 0.15963 0.40118 0.02630  0.01937  0.11356  222 HOH A O     
710 O  O     . HOH J . ? 0.32745 0.39015 0.69861 -0.07383 0.23314  -0.12498 201 HOH B O     
711 O  O     . HOH J . ? 0.29477 0.23293 0.49954 -0.01877 0.10799  0.04658  202 HOH B O     
712 O  O     . HOH J . ? 0.82878 0.40806 0.26027 -0.12375 0.01885  0.08210  203 HOH B O     
713 O  O     . HOH J . ? 0.41092 0.21169 0.35156 0.13001  0.01487  0.03248  204 HOH B O     
714 O  O     . HOH J . ? 0.35337 0.50135 0.15588 -0.11823 -0.00210 -0.05204 205 HOH B O     
715 O  O     . HOH J . ? 0.19759 0.47086 0.35740 0.10569  -0.00290 -0.01730 206 HOH B O     
716 O  O     . HOH J . ? 0.26824 0.63919 0.24672 -0.05794 0.09055  -0.06699 207 HOH B O     
717 O  O     . HOH J . ? 0.15016 0.13705 0.53124 0.00298  -0.07372 -0.01596 208 HOH B O     
718 O  O     . HOH J . ? 0.22730 0.24143 0.39095 0.01776  -0.03900 -0.17259 209 HOH B O     
719 O  O     . HOH J . ? 0.09435 0.04281 0.11338 0.00366  0.01654  -0.02112 210 HOH B O     
720 O  O     . HOH J . ? 0.38058 0.36953 0.48997 0.10414  -0.07728 -0.23478 211 HOH B O     
721 O  O     . HOH J . ? 0.22658 0.07032 0.19001 0.03435  0.03108  0.01201  212 HOH B O     
722 O  O     . HOH J . ? 0.19438 0.08351 0.30262 0.02494  -0.03174 0.00172  213 HOH B O     
723 O  O     . HOH J . ? 0.23181 0.18403 0.27003 0.08629  -0.04857 -0.10110 214 HOH B O     
724 O  O     . HOH J . ? 0.42437 0.46925 0.18167 -0.13325 0.06667  -0.04518 215 HOH B O     
725 O  O     . HOH J . ? 0.38010 0.29269 0.18009 -0.02651 -0.06588 0.02792  216 HOH B O     
726 O  O     . HOH J . ? 0.18722 0.06972 0.17864 0.00171  0.05175  -0.03125 217 HOH B O     
727 O  O     . HOH J . ? 0.27656 0.15230 0.12886 0.03541  -0.01304 0.00519  218 HOH B O     
728 O  O     . HOH J . ? 0.36110 0.54306 0.20945 -0.08310 -0.09223 0.02275  219 HOH B O     
729 O  O     . HOH J . ? 0.25077 0.21983 0.19918 0.03245  -0.07630 0.09206  220 HOH B O     
730 O  O     . HOH J . ? 0.51093 0.55708 0.21573 -0.11581 -0.05534 -0.10333 221 HOH B O     
731 O  O     . HOH J . ? 0.30016 0.23124 0.25474 -0.09331 0.07810  0.03237  222 HOH B O     
732 O  O     . HOH J . ? 0.43522 0.54855 0.29320 -0.07408 0.18365  0.05390  223 HOH B O     
733 O  O     . HOH J . ? 0.15589 0.06506 0.21544 0.02666  0.00422  0.00119  224 HOH B O     
734 O  O     . HOH J . ? 0.17773 0.43443 0.47479 -0.04065 -0.00306 0.04170  225 HOH B O     
735 O  O     . HOH J . ? 0.61801 0.38963 0.50590 0.11327  -0.09704 0.22065  226 HOH B O     
736 O  O     . HOH J . ? 0.27880 0.08762 0.23804 0.03297  0.00246  -0.04275 227 HOH B O     
737 O  O     . HOH J . ? 0.38597 0.32702 0.36353 -0.17800 -0.13506 0.09786  228 HOH B O     
# 
